data_2L0Y
#
_entry.id   2L0Y
#
_cell.length_a   1.000
_cell.length_b   1.000
_cell.length_c   1.000
_cell.angle_alpha   90.00
_cell.angle_beta   90.00
_cell.angle_gamma   90.00
#
_symmetry.space_group_name_H-M   'P 1'
#
loop_
_entity.id
_entity.type
_entity.pdbx_description
1 polymer 'Mitochondrial intermembrane space import and assembly protein 40'
2 polymer 'COX17 cytochrome c oxidase assembly homolog (S. cerevisiae) pseudogene (COX17)'
#
loop_
_entity_poly.entity_id
_entity_poly.type
_entity_poly.pdbx_seq_one_letter_code
_entity_poly.pdbx_strand_id
1 'polypeptide(L)'
;GSFTMSYCRQEGKDRIIFVTKEDHETPSSAELVADDPNDPYEEHGLILPNGNINWNSPCLGGMASGPCGEQFKSAFSCFH
YSTEEIKGSDCVDQFRAMQECMQKYPDLYPQEDEDEEEEREKKPAEQAEETAPIEATATKEEEGSS
;
A
2 'polypeptide(L)' GSFTMPGLVDSNPALPESQEKRPLKPCCTCPETKKARDACIIEKGEEHCGHLIEAHKESMRALGFKI B
#
# COMPACT_ATOMS: atom_id res chain seq x y z
N ASN A 50 -18.85 -2.81 2.92
CA ASN A 50 -17.56 -2.11 2.69
C ASN A 50 -16.50 -3.06 2.09
N GLY A 51 -16.04 -4.07 2.83
CA GLY A 51 -14.93 -4.96 2.43
C GLY A 51 -13.53 -4.48 2.86
N ASN A 52 -13.45 -3.66 3.92
CA ASN A 52 -12.27 -2.98 4.41
C ASN A 52 -11.24 -3.91 5.11
N ILE A 53 -10.03 -3.38 5.30
CA ILE A 53 -8.83 -4.15 5.69
C ILE A 53 -8.79 -4.52 7.17
N ASN A 54 -9.22 -3.61 8.04
CA ASN A 54 -9.02 -3.64 9.50
C ASN A 54 -7.53 -3.47 9.88
N TRP A 55 -7.13 -2.22 10.08
CA TRP A 55 -5.73 -1.72 9.97
C TRP A 55 -4.82 -2.03 11.17
N ASN A 56 -5.32 -2.80 12.13
CA ASN A 56 -4.56 -3.32 13.27
C ASN A 56 -3.60 -4.47 12.91
N SER A 57 -3.75 -5.07 11.72
CA SER A 57 -2.90 -6.16 11.20
C SER A 57 -1.40 -5.79 11.21
N PRO A 58 -0.51 -6.63 11.81
CA PRO A 58 0.89 -6.29 12.00
C PRO A 58 1.65 -5.97 10.70
N CYS A 59 2.51 -4.94 10.75
CA CYS A 59 3.38 -4.43 9.68
C CYS A 59 2.66 -3.82 8.46
N LEU A 60 1.48 -4.31 8.05
CA LEU A 60 0.53 -3.58 7.21
C LEU A 60 0.08 -2.30 7.94
N GLY A 61 -0.27 -2.37 9.23
CA GLY A 61 -0.57 -1.20 10.07
C GLY A 61 0.58 -0.18 10.10
N GLY A 62 1.83 -0.65 10.10
CA GLY A 62 3.05 0.16 9.98
C GLY A 62 3.25 0.86 8.62
N MET A 63 2.54 0.44 7.56
CA MET A 63 2.41 1.18 6.30
C MET A 63 1.12 1.99 6.20
N ALA A 64 0.03 1.54 6.83
CA ALA A 64 -1.23 2.30 7.02
C ALA A 64 -1.11 3.39 8.12
N SER A 65 0.09 3.96 8.30
CA SER A 65 0.50 4.95 9.30
C SER A 65 1.51 5.95 8.71
N GLY A 66 1.86 7.01 9.45
CA GLY A 66 2.79 8.05 9.01
C GLY A 66 2.15 9.15 8.14
N PRO A 67 2.96 10.09 7.60
CA PRO A 67 2.56 11.00 6.51
C PRO A 67 1.65 10.41 5.43
N CYS A 68 1.97 9.20 4.98
CA CYS A 68 1.38 8.60 3.78
C CYS A 68 0.35 7.51 4.10
N GLY A 69 -0.10 7.42 5.35
CA GLY A 69 -0.90 6.28 5.81
C GLY A 69 -2.15 6.14 4.97
N GLU A 70 -2.83 7.26 4.69
CA GLU A 70 -4.01 7.34 3.83
C GLU A 70 -3.75 6.88 2.40
N GLN A 71 -2.53 7.02 1.88
CA GLN A 71 -2.17 6.51 0.56
C GLN A 71 -2.14 4.99 0.58
N PHE A 72 -1.74 4.38 1.71
CA PHE A 72 -1.86 2.94 1.91
C PHE A 72 -3.32 2.52 2.06
N LYS A 73 -4.11 3.24 2.88
CA LYS A 73 -5.56 3.00 3.03
C LYS A 73 -6.25 3.00 1.68
N SER A 74 -6.01 4.06 0.90
CA SER A 74 -6.63 4.34 -0.38
C SER A 74 -6.19 3.37 -1.47
N ALA A 75 -4.89 3.04 -1.54
CA ALA A 75 -4.34 2.05 -2.48
C ALA A 75 -4.83 0.62 -2.18
N PHE A 76 -4.63 0.13 -0.96
CA PHE A 76 -4.95 -1.26 -0.62
C PHE A 76 -6.46 -1.50 -0.55
N SER A 77 -7.28 -0.50 -0.15
CA SER A 77 -8.74 -0.60 -0.30
C SER A 77 -9.16 -0.57 -1.78
N CYS A 78 -8.64 0.34 -2.61
CA CYS A 78 -8.94 0.36 -4.06
C CYS A 78 -8.63 -0.99 -4.74
N PHE A 79 -7.52 -1.64 -4.37
CA PHE A 79 -7.19 -3.01 -4.77
C PHE A 79 -8.18 -4.06 -4.22
N HIS A 80 -8.46 -4.07 -2.91
CA HIS A 80 -9.33 -5.08 -2.28
C HIS A 80 -10.80 -4.97 -2.75
N TYR A 81 -11.24 -3.78 -3.14
CA TYR A 81 -12.54 -3.55 -3.78
C TYR A 81 -12.57 -4.14 -5.22
N SER A 82 -11.41 -4.29 -5.87
CA SER A 82 -11.28 -4.69 -7.29
C SER A 82 -11.08 -6.20 -7.54
N THR A 83 -10.02 -6.78 -6.95
CA THR A 83 -9.51 -8.16 -7.16
C THR A 83 -9.45 -8.65 -8.63
N GLU A 84 -9.18 -7.77 -9.58
CA GLU A 84 -9.08 -8.04 -11.03
C GLU A 84 -8.04 -9.11 -11.40
N GLU A 85 -6.76 -8.84 -11.12
CA GLU A 85 -5.61 -9.63 -11.62
C GLU A 85 -4.28 -9.28 -10.93
N ILE A 86 -4.05 -7.98 -10.73
CA ILE A 86 -2.83 -7.37 -10.18
C ILE A 86 -3.19 -6.40 -9.05
N LYS A 87 -2.31 -6.20 -8.06
CA LYS A 87 -2.43 -5.15 -7.02
C LYS A 87 -2.70 -3.79 -7.67
N GLY A 88 -3.96 -3.33 -7.68
CA GLY A 88 -4.33 -2.00 -8.14
C GLY A 88 -4.26 -1.76 -9.65
N SER A 89 -4.47 -2.77 -10.49
CA SER A 89 -4.52 -2.66 -11.97
C SER A 89 -5.42 -1.53 -12.51
N ASP A 90 -6.47 -1.15 -11.76
CA ASP A 90 -7.45 -0.08 -12.03
C ASP A 90 -7.32 1.14 -11.08
N CYS A 91 -6.23 1.22 -10.30
CA CYS A 91 -6.09 2.06 -9.12
C CYS A 91 -4.72 2.75 -9.05
N VAL A 92 -3.96 2.75 -10.14
CA VAL A 92 -2.51 2.96 -10.08
C VAL A 92 -2.14 4.33 -9.49
N ASP A 93 -2.99 5.34 -9.64
CA ASP A 93 -2.81 6.68 -9.08
C ASP A 93 -2.69 6.71 -7.55
N GLN A 94 -3.38 5.82 -6.82
CA GLN A 94 -3.27 5.69 -5.36
C GLN A 94 -1.90 5.13 -4.94
N PHE A 95 -1.44 4.07 -5.63
CA PHE A 95 -0.13 3.47 -5.40
C PHE A 95 1.00 4.40 -5.86
N ARG A 96 0.78 5.15 -6.94
CA ARG A 96 1.67 6.21 -7.39
C ARG A 96 1.79 7.33 -6.36
N ALA A 97 0.69 7.74 -5.75
CA ALA A 97 0.70 8.68 -4.63
C ALA A 97 1.43 8.12 -3.39
N MET A 98 1.31 6.81 -3.13
CA MET A 98 2.06 6.17 -2.05
C MET A 98 3.57 6.19 -2.30
N GLN A 99 4.02 5.92 -3.53
CA GLN A 99 5.42 6.16 -3.93
C GLN A 99 5.80 7.64 -3.78
N GLU A 100 5.10 8.54 -4.45
CA GLU A 100 5.26 10.00 -4.44
C GLU A 100 5.28 10.64 -3.04
N CYS A 101 4.63 10.01 -2.08
CA CYS A 101 4.66 10.38 -0.68
C CYS A 101 5.84 9.73 0.07
N MET A 102 6.09 8.43 -0.12
CA MET A 102 7.07 7.70 0.70
C MET A 102 8.50 7.95 0.21
N GLN A 103 8.66 8.38 -1.04
CA GLN A 103 9.91 8.83 -1.64
C GLN A 103 10.45 10.11 -0.99
N LYS A 104 9.58 10.88 -0.30
CA LYS A 104 9.96 12.00 0.58
C LYS A 104 10.44 11.58 1.94
N TYR A 105 9.99 10.41 2.43
CA TYR A 105 10.10 10.03 3.83
C TYR A 105 10.63 8.59 4.02
N PRO A 106 11.91 8.44 4.39
CA PRO A 106 12.54 7.12 4.46
C PRO A 106 12.16 6.36 5.74
N ASP A 107 12.29 7.00 6.90
CA ASP A 107 12.18 6.34 8.22
C ASP A 107 11.86 7.37 9.33
N LEU A 108 10.78 8.09 9.06
CA LEU A 108 10.43 9.43 9.54
C LEU A 108 9.26 9.39 10.55
N TYR A 109 8.61 8.23 10.65
CA TYR A 109 7.31 7.96 11.27
C TYR A 109 7.28 6.61 11.99
N GLU B 47 2.44 -15.41 15.94
CA GLU B 47 2.76 -15.34 14.50
C GLU B 47 3.75 -14.20 14.17
N HIS B 48 4.40 -14.28 13.01
CA HIS B 48 5.28 -13.25 12.46
C HIS B 48 4.53 -11.97 12.05
N CYS B 49 5.26 -10.87 11.79
CA CYS B 49 4.71 -9.59 11.35
C CYS B 49 4.76 -9.45 9.81
N GLY B 50 3.64 -9.12 9.18
CA GLY B 50 3.58 -8.78 7.75
C GLY B 50 3.71 -9.94 6.77
N HIS B 51 2.69 -10.79 6.65
CA HIS B 51 2.67 -11.94 5.72
C HIS B 51 2.43 -11.56 4.24
N LEU B 52 1.93 -10.35 3.96
CA LEU B 52 1.76 -9.76 2.62
C LEU B 52 2.74 -8.60 2.34
N ILE B 53 3.59 -8.24 3.31
CA ILE B 53 4.36 -6.98 3.38
C ILE B 53 5.48 -6.87 2.34
N GLU B 54 6.16 -7.97 1.99
CA GLU B 54 7.11 -7.93 0.86
C GLU B 54 6.38 -7.64 -0.45
N ALA B 55 5.21 -8.25 -0.67
CA ALA B 55 4.37 -7.93 -1.82
C ALA B 55 3.81 -6.49 -1.75
N HIS B 56 3.53 -5.92 -0.57
CA HIS B 56 3.20 -4.48 -0.46
C HIS B 56 4.35 -3.61 -1.02
N LYS B 57 5.55 -3.74 -0.42
CA LYS B 57 6.76 -2.95 -0.75
C LYS B 57 7.20 -3.15 -2.20
N GLU B 58 7.26 -4.40 -2.65
CA GLU B 58 7.76 -4.73 -3.99
C GLU B 58 6.74 -4.48 -5.09
N SER B 59 5.42 -4.55 -4.83
CA SER B 59 4.42 -4.08 -5.80
C SER B 59 4.44 -2.55 -5.93
N MET B 60 4.55 -1.80 -4.82
CA MET B 60 4.67 -0.33 -4.95
C MET B 60 6.00 0.10 -5.61
N ARG B 61 7.09 -0.66 -5.45
CA ARG B 61 8.33 -0.46 -6.22
C ARG B 61 8.17 -0.78 -7.71
N ALA B 62 7.56 -1.92 -8.04
CA ALA B 62 7.35 -2.37 -9.41
C ALA B 62 6.46 -1.39 -10.20
N LEU B 63 5.40 -0.88 -9.57
CA LEU B 63 4.53 0.20 -10.08
C LEU B 63 5.29 1.54 -10.13
N GLY B 64 6.15 1.81 -9.15
CA GLY B 64 7.12 2.92 -9.13
C GLY B 64 8.07 2.93 -10.34
N PHE B 65 8.43 1.78 -10.89
CA PHE B 65 9.17 1.66 -12.17
C PHE B 65 8.24 1.68 -13.41
N LYS B 66 7.06 1.06 -13.33
CA LYS B 66 6.18 0.80 -14.49
C LYS B 66 5.32 1.99 -14.92
N ILE B 67 4.87 2.86 -14.01
CA ILE B 67 4.00 4.02 -14.29
C ILE B 67 4.82 5.31 -14.35
N ASN A 50 -18.55 -4.40 4.70
CA ASN A 50 -17.43 -3.44 4.65
C ASN A 50 -16.34 -3.93 3.71
N GLY A 51 -15.75 -5.12 3.93
CA GLY A 51 -14.61 -5.59 3.11
C GLY A 51 -13.31 -4.82 3.37
N ASN A 52 -13.16 -4.29 4.58
CA ASN A 52 -12.04 -3.51 5.07
C ASN A 52 -10.79 -4.37 5.32
N ILE A 53 -9.64 -3.70 5.40
CA ILE A 53 -8.34 -4.33 5.69
C ILE A 53 -8.22 -4.81 7.14
N ASN A 54 -8.66 -3.97 8.08
CA ASN A 54 -8.29 -4.02 9.49
C ASN A 54 -6.79 -3.70 9.70
N TRP A 55 -6.50 -2.39 9.80
CA TRP A 55 -5.16 -1.80 9.97
C TRP A 55 -4.60 -1.98 11.39
N ASN A 56 -5.46 -2.38 12.32
CA ASN A 56 -5.09 -2.83 13.66
C ASN A 56 -4.11 -4.03 13.59
N SER A 57 -3.14 -4.06 14.51
CA SER A 57 -2.06 -5.03 14.61
C SER A 57 -1.13 -5.10 13.37
N PRO A 58 0.10 -5.65 13.47
CA PRO A 58 1.20 -5.28 12.54
C PRO A 58 1.17 -5.84 11.09
N CYS A 59 0.01 -6.25 10.56
CA CYS A 59 -0.13 -6.80 9.21
C CYS A 59 0.04 -5.75 8.11
N LEU A 60 -0.79 -4.70 8.06
CA LEU A 60 -0.56 -3.48 7.26
C LEU A 60 -0.23 -2.26 8.13
N GLY A 61 -0.46 -2.35 9.46
CA GLY A 61 -0.54 -1.20 10.37
C GLY A 61 0.56 -0.15 10.20
N GLY A 62 1.82 -0.55 10.08
CA GLY A 62 2.99 0.32 9.86
C GLY A 62 3.05 0.95 8.46
N MET A 63 2.63 0.23 7.42
CA MET A 63 2.49 0.76 6.05
C MET A 63 1.32 1.75 5.96
N ALA A 64 0.25 1.47 6.72
CA ALA A 64 -0.94 2.32 6.91
C ALA A 64 -0.78 3.42 7.99
N SER A 65 0.40 3.54 8.63
CA SER A 65 0.79 4.64 9.53
C SER A 65 1.64 5.70 8.80
N GLY A 66 1.99 6.81 9.47
CA GLY A 66 2.93 7.80 8.96
C GLY A 66 2.30 8.98 8.20
N PRO A 67 3.13 9.96 7.80
CA PRO A 67 2.84 11.02 6.82
C PRO A 67 1.94 10.60 5.64
N CYS A 68 2.21 9.44 5.03
CA CYS A 68 1.56 8.97 3.81
C CYS A 68 0.56 7.83 4.07
N GLY A 69 0.15 7.64 5.32
CA GLY A 69 -0.62 6.45 5.74
C GLY A 69 -1.90 6.32 4.93
N GLU A 70 -2.62 7.44 4.75
CA GLU A 70 -3.82 7.56 3.92
C GLU A 70 -3.60 7.17 2.46
N GLN A 71 -2.39 7.36 1.91
CA GLN A 71 -2.08 6.90 0.56
C GLN A 71 -2.11 5.37 0.52
N PHE A 72 -1.67 4.70 1.60
CA PHE A 72 -1.81 3.25 1.75
C PHE A 72 -3.25 2.81 1.99
N LYS A 73 -3.98 3.51 2.87
CA LYS A 73 -5.40 3.23 3.15
C LYS A 73 -6.19 3.23 1.84
N SER A 74 -6.01 4.29 1.06
CA SER A 74 -6.63 4.54 -0.23
C SER A 74 -6.22 3.51 -1.29
N ALA A 75 -4.92 3.23 -1.45
CA ALA A 75 -4.43 2.28 -2.44
C ALA A 75 -4.86 0.83 -2.17
N PHE A 76 -4.63 0.32 -0.95
CA PHE A 76 -4.96 -1.08 -0.63
C PHE A 76 -6.48 -1.27 -0.44
N SER A 77 -7.24 -0.25 0.00
CA SER A 77 -8.72 -0.28 -0.08
C SER A 77 -9.20 -0.35 -1.53
N CYS A 78 -8.67 0.48 -2.44
CA CYS A 78 -9.02 0.41 -3.86
C CYS A 78 -8.73 -1.01 -4.43
N PHE A 79 -7.62 -1.64 -4.04
CA PHE A 79 -7.32 -3.04 -4.41
C PHE A 79 -8.30 -4.07 -3.80
N HIS A 80 -8.74 -3.90 -2.54
CA HIS A 80 -9.83 -4.71 -1.93
C HIS A 80 -11.16 -4.56 -2.68
N TYR A 81 -11.44 -3.35 -3.15
CA TYR A 81 -12.62 -3.04 -3.96
C TYR A 81 -12.46 -3.36 -5.45
N SER A 82 -11.27 -3.84 -5.88
CA SER A 82 -10.98 -4.27 -7.24
C SER A 82 -11.11 -5.79 -7.39
N THR A 83 -10.20 -6.57 -6.81
CA THR A 83 -10.07 -8.04 -7.03
C THR A 83 -10.13 -8.43 -8.52
N GLU A 84 -9.35 -7.74 -9.35
CA GLU A 84 -9.26 -7.99 -10.79
C GLU A 84 -8.27 -9.11 -11.15
N GLU A 85 -6.97 -8.81 -11.12
CA GLU A 85 -5.90 -9.69 -11.62
C GLU A 85 -4.53 -9.41 -10.97
N ILE A 86 -4.21 -8.13 -10.81
CA ILE A 86 -2.91 -7.62 -10.27
C ILE A 86 -3.16 -6.73 -9.04
N LYS A 87 -2.16 -6.41 -8.21
CA LYS A 87 -2.31 -5.42 -7.12
C LYS A 87 -2.80 -4.09 -7.69
N GLY A 88 -4.10 -3.80 -7.58
CA GLY A 88 -4.69 -2.53 -7.99
C GLY A 88 -4.61 -2.21 -9.48
N SER A 89 -4.83 -3.15 -10.41
CA SER A 89 -4.81 -2.90 -11.87
C SER A 89 -5.87 -1.91 -12.41
N ASP A 90 -6.83 -1.49 -11.59
CA ASP A 90 -7.76 -0.36 -11.85
C ASP A 90 -7.57 0.82 -10.86
N CYS A 91 -6.50 0.76 -10.06
CA CYS A 91 -6.24 1.60 -8.88
C CYS A 91 -4.86 2.26 -8.89
N VAL A 92 -4.07 2.09 -9.95
CA VAL A 92 -2.62 2.39 -9.96
C VAL A 92 -2.30 3.85 -9.64
N ASP A 93 -3.21 4.79 -9.89
CA ASP A 93 -3.07 6.20 -9.52
C ASP A 93 -2.93 6.41 -7.98
N GLN A 94 -3.65 5.61 -7.18
CA GLN A 94 -3.53 5.61 -5.71
C GLN A 94 -2.16 5.07 -5.26
N PHE A 95 -1.64 4.05 -5.95
CA PHE A 95 -0.29 3.51 -5.72
C PHE A 95 0.80 4.47 -6.22
N ARG A 96 0.52 5.23 -7.29
CA ARG A 96 1.39 6.31 -7.78
C ARG A 96 1.56 7.40 -6.74
N ALA A 97 0.47 7.76 -6.05
CA ALA A 97 0.54 8.65 -4.88
C ALA A 97 1.27 8.03 -3.69
N MET A 98 1.08 6.73 -3.42
CA MET A 98 1.82 6.02 -2.38
C MET A 98 3.34 6.15 -2.58
N GLN A 99 3.84 5.83 -3.77
CA GLN A 99 5.26 5.93 -4.10
C GLN A 99 5.76 7.38 -4.08
N GLU A 100 5.06 8.30 -4.76
CA GLU A 100 5.31 9.76 -4.77
C GLU A 100 5.36 10.42 -3.38
N CYS A 101 4.65 9.86 -2.41
CA CYS A 101 4.71 10.30 -1.02
C CYS A 101 5.79 9.56 -0.23
N MET A 102 6.00 8.26 -0.46
CA MET A 102 6.90 7.44 0.36
C MET A 102 8.36 7.53 -0.09
N GLN A 103 8.58 8.16 -1.24
CA GLN A 103 9.88 8.65 -1.71
C GLN A 103 10.36 9.89 -0.91
N LYS A 104 9.44 10.64 -0.28
CA LYS A 104 9.77 11.71 0.70
C LYS A 104 10.29 11.11 2.01
N TYR A 105 9.54 10.12 2.51
CA TYR A 105 9.69 9.54 3.84
C TYR A 105 9.83 8.01 3.73
N PRO A 106 11.06 7.50 3.73
CA PRO A 106 11.39 6.15 3.25
C PRO A 106 11.02 5.00 4.21
N ASP A 107 11.15 5.24 5.52
CA ASP A 107 11.11 4.21 6.56
C ASP A 107 10.55 4.71 7.90
N LEU A 108 10.21 6.00 7.99
CA LEU A 108 10.42 6.84 9.18
C LEU A 108 9.30 6.77 10.23
N TYR A 109 8.41 5.79 10.06
CA TYR A 109 7.04 5.73 10.57
C TYR A 109 6.67 4.40 11.25
N GLU B 47 9.03 -9.78 13.02
CA GLU B 47 7.78 -9.04 13.31
C GLU B 47 6.58 -9.84 12.82
N HIS B 48 5.71 -10.25 13.74
CA HIS B 48 4.53 -11.07 13.43
C HIS B 48 3.48 -10.29 12.59
N CYS B 49 2.57 -11.01 11.94
CA CYS B 49 1.54 -10.51 11.01
C CYS B 49 2.10 -9.90 9.70
N GLY B 50 3.22 -9.16 9.76
CA GLY B 50 3.76 -8.31 8.69
C GLY B 50 4.31 -8.98 7.42
N HIS B 51 4.05 -10.26 7.14
CA HIS B 51 4.53 -10.95 5.93
C HIS B 51 4.23 -10.21 4.60
N LEU B 52 3.14 -9.45 4.52
CA LEU B 52 2.77 -8.63 3.35
C LEU B 52 3.51 -7.27 3.24
N ILE B 53 4.09 -6.71 4.31
CA ILE B 53 4.76 -5.38 4.30
C ILE B 53 5.88 -5.28 3.25
N GLU B 54 6.78 -6.25 3.20
CA GLU B 54 7.88 -6.29 2.24
C GLU B 54 7.38 -6.41 0.79
N ALA B 55 6.32 -7.19 0.56
CA ALA B 55 5.66 -7.32 -0.74
C ALA B 55 4.91 -6.04 -1.15
N HIS B 56 4.37 -5.28 -0.20
CA HIS B 56 3.80 -3.94 -0.46
C HIS B 56 4.88 -2.97 -0.93
N LYS B 57 6.01 -2.90 -0.21
CA LYS B 57 7.14 -2.01 -0.56
C LYS B 57 7.70 -2.36 -1.95
N GLU B 58 7.96 -3.64 -2.21
CA GLU B 58 8.50 -4.08 -3.51
C GLU B 58 7.51 -3.89 -4.67
N SER B 59 6.21 -4.13 -4.47
CA SER B 59 5.19 -3.91 -5.50
C SER B 59 4.99 -2.41 -5.82
N MET B 60 4.95 -1.53 -4.81
CA MET B 60 4.82 -0.09 -5.06
C MET B 60 6.08 0.52 -5.68
N ARG B 61 7.28 0.02 -5.34
CA ARG B 61 8.54 0.37 -6.03
C ARG B 61 8.50 -0.05 -7.50
N ALA B 62 8.07 -1.28 -7.80
CA ALA B 62 7.96 -1.78 -9.16
C ALA B 62 6.99 -0.94 -10.01
N LEU B 63 5.81 -0.57 -9.45
CA LEU B 63 4.85 0.34 -10.08
C LEU B 63 5.44 1.75 -10.29
N GLY B 64 6.21 2.27 -9.33
CA GLY B 64 6.96 3.52 -9.46
C GLY B 64 7.92 3.52 -10.66
N PHE B 65 8.65 2.42 -10.87
CA PHE B 65 9.47 2.22 -12.08
C PHE B 65 8.64 1.94 -13.34
N LYS B 66 7.43 1.37 -13.22
CA LYS B 66 6.54 1.03 -14.34
C LYS B 66 5.97 2.27 -15.03
N ILE B 67 5.40 3.19 -14.26
CA ILE B 67 4.59 4.33 -14.75
C ILE B 67 5.44 5.53 -15.14
N ASN A 50 -18.27 -1.62 10.02
CA ASN A 50 -16.82 -1.77 9.84
C ASN A 50 -16.48 -2.58 8.58
N GLY A 51 -16.28 -3.90 8.67
CA GLY A 51 -15.83 -4.73 7.54
C GLY A 51 -14.47 -4.37 6.96
N ASN A 52 -13.65 -3.58 7.67
CA ASN A 52 -12.35 -3.09 7.18
C ASN A 52 -11.25 -4.15 7.24
N ILE A 53 -10.18 -3.87 6.48
CA ILE A 53 -8.88 -4.57 6.42
C ILE A 53 -8.23 -4.85 7.80
N ASN A 54 -8.59 -4.06 8.81
CA ASN A 54 -7.97 -3.91 10.13
C ASN A 54 -6.53 -3.33 10.04
N TRP A 55 -6.40 -2.03 9.77
CA TRP A 55 -5.11 -1.33 9.58
C TRP A 55 -4.15 -1.44 10.79
N ASN A 56 -4.69 -1.60 11.99
CA ASN A 56 -3.99 -1.84 13.26
C ASN A 56 -3.30 -3.22 13.35
N SER A 57 -3.72 -4.20 12.54
CA SER A 57 -3.12 -5.53 12.50
C SER A 57 -1.67 -5.48 11.97
N PRO A 58 -0.76 -6.35 12.47
CA PRO A 58 0.62 -6.42 12.01
C PRO A 58 0.76 -6.79 10.52
N CYS A 59 -0.35 -7.20 9.89
CA CYS A 59 -0.50 -7.44 8.48
C CYS A 59 -0.17 -6.20 7.62
N LEU A 60 -0.79 -5.04 7.94
CA LEU A 60 -0.63 -3.76 7.20
C LEU A 60 0.10 -2.67 8.01
N GLY A 61 0.25 -2.83 9.33
CA GLY A 61 0.59 -1.74 10.27
C GLY A 61 1.80 -0.87 9.89
N GLY A 62 2.90 -1.50 9.46
CA GLY A 62 4.11 -0.81 9.00
C GLY A 62 3.95 0.04 7.72
N MET A 63 2.89 -0.18 6.95
CA MET A 63 2.54 0.57 5.72
C MET A 63 1.46 1.62 5.97
N ALA A 64 0.35 1.23 6.61
CA ALA A 64 -0.80 2.11 6.88
C ALA A 64 -0.55 3.18 7.99
N SER A 65 0.62 3.15 8.65
CA SER A 65 1.17 4.25 9.47
C SER A 65 1.88 5.32 8.62
N GLY A 66 2.40 6.40 9.23
CA GLY A 66 3.32 7.33 8.57
C GLY A 66 2.67 8.56 7.90
N PRO A 67 3.49 9.51 7.38
CA PRO A 67 3.09 10.70 6.62
C PRO A 67 2.15 10.49 5.42
N CYS A 68 2.07 9.26 4.92
CA CYS A 68 1.29 8.86 3.76
C CYS A 68 0.35 7.70 4.08
N GLY A 69 0.04 7.49 5.37
CA GLY A 69 -0.74 6.34 5.83
C GLY A 69 -2.07 6.23 5.09
N GLU A 70 -2.77 7.37 4.97
CA GLU A 70 -3.98 7.62 4.21
C GLU A 70 -3.89 7.30 2.71
N GLN A 71 -2.72 7.41 2.10
CA GLN A 71 -2.49 6.91 0.75
C GLN A 71 -2.46 5.38 0.71
N PHE A 72 -1.96 4.73 1.77
CA PHE A 72 -2.05 3.28 1.89
C PHE A 72 -3.50 2.83 2.11
N LYS A 73 -4.25 3.56 2.95
CA LYS A 73 -5.70 3.39 3.11
C LYS A 73 -6.41 3.41 1.76
N SER A 74 -6.13 4.47 1.01
CA SER A 74 -6.66 4.74 -0.33
C SER A 74 -6.31 3.64 -1.34
N ALA A 75 -5.02 3.30 -1.46
CA ALA A 75 -4.52 2.29 -2.40
C ALA A 75 -5.04 0.88 -2.09
N PHE A 76 -4.90 0.40 -0.85
CA PHE A 76 -5.28 -0.95 -0.50
C PHE A 76 -6.79 -1.15 -0.34
N SER A 77 -7.57 -0.12 0.02
CA SER A 77 -9.04 -0.20 -0.09
C SER A 77 -9.53 -0.18 -1.53
N CYS A 78 -9.00 0.70 -2.38
CA CYS A 78 -9.32 0.69 -3.82
C CYS A 78 -9.05 -0.70 -4.43
N PHE A 79 -7.89 -1.30 -4.11
CA PHE A 79 -7.56 -2.69 -4.48
C PHE A 79 -8.54 -3.73 -3.87
N HIS A 80 -8.85 -3.64 -2.58
CA HIS A 80 -9.75 -4.59 -1.90
C HIS A 80 -11.13 -4.67 -2.55
N TYR A 81 -11.63 -3.53 -3.02
CA TYR A 81 -12.89 -3.46 -3.78
C TYR A 81 -12.73 -3.73 -5.30
N SER A 82 -11.52 -3.73 -5.86
CA SER A 82 -11.26 -4.02 -7.28
C SER A 82 -11.45 -5.50 -7.63
N THR A 83 -10.66 -6.38 -7.00
CA THR A 83 -10.56 -7.83 -7.29
C THR A 83 -10.35 -8.16 -8.77
N GLU A 84 -9.32 -7.60 -9.40
CA GLU A 84 -8.78 -8.09 -10.68
C GLU A 84 -7.87 -9.32 -10.48
N GLU A 85 -6.58 -9.06 -10.21
CA GLU A 85 -5.51 -10.07 -10.07
C GLU A 85 -4.23 -9.47 -9.44
N ILE A 86 -3.78 -8.32 -9.94
CA ILE A 86 -2.61 -7.56 -9.49
C ILE A 86 -3.03 -6.61 -8.37
N LYS A 87 -2.10 -6.17 -7.50
CA LYS A 87 -2.41 -5.12 -6.53
C LYS A 87 -2.62 -3.77 -7.23
N GLY A 88 -3.89 -3.47 -7.52
CA GLY A 88 -4.33 -2.19 -8.06
C GLY A 88 -4.12 -2.01 -9.57
N SER A 89 -4.42 -3.03 -10.40
CA SER A 89 -4.56 -2.80 -11.85
C SER A 89 -5.65 -1.76 -12.15
N ASP A 90 -6.75 -1.76 -11.39
CA ASP A 90 -7.85 -0.77 -11.49
C ASP A 90 -7.61 0.51 -10.66
N CYS A 91 -6.49 0.59 -9.91
CA CYS A 91 -6.30 1.55 -8.81
C CYS A 91 -4.88 2.14 -8.71
N VAL A 92 -4.05 1.96 -9.74
CA VAL A 92 -2.62 2.29 -9.73
C VAL A 92 -2.34 3.77 -9.41
N ASP A 93 -3.25 4.70 -9.72
CA ASP A 93 -3.09 6.12 -9.39
C ASP A 93 -3.07 6.38 -7.86
N GLN A 94 -3.70 5.54 -7.03
CA GLN A 94 -3.62 5.60 -5.58
C GLN A 94 -2.27 5.06 -5.04
N PHE A 95 -1.74 3.99 -5.63
CA PHE A 95 -0.38 3.50 -5.33
C PHE A 95 0.67 4.54 -5.79
N ARG A 96 0.41 5.19 -6.92
CA ARG A 96 1.19 6.34 -7.38
C ARG A 96 1.13 7.48 -6.38
N ALA A 97 -0.02 7.78 -5.78
CA ALA A 97 -0.12 8.75 -4.70
C ALA A 97 0.67 8.33 -3.45
N MET A 98 0.74 7.04 -3.11
CA MET A 98 1.65 6.53 -2.08
C MET A 98 3.10 6.90 -2.40
N GLN A 99 3.59 6.62 -3.61
CA GLN A 99 4.96 7.01 -4.02
C GLN A 99 5.18 8.55 -4.02
N GLU A 100 4.27 9.29 -4.66
CA GLU A 100 4.18 10.76 -4.78
C GLU A 100 3.99 11.49 -3.45
N CYS A 101 3.57 10.77 -2.42
CA CYS A 101 3.65 11.18 -1.02
C CYS A 101 4.94 10.72 -0.33
N MET A 102 5.44 9.50 -0.56
CA MET A 102 6.54 8.92 0.23
C MET A 102 7.88 9.59 -0.10
N GLN A 103 7.93 10.19 -1.28
CA GLN A 103 8.96 11.13 -1.70
C GLN A 103 9.11 12.35 -0.75
N LYS A 104 8.11 12.66 0.10
CA LYS A 104 8.17 13.71 1.14
C LYS A 104 9.21 13.45 2.23
N TYR A 105 9.45 12.18 2.60
CA TYR A 105 10.21 11.79 3.78
C TYR A 105 11.04 10.52 3.52
N PRO A 106 12.35 10.51 3.79
CA PRO A 106 13.20 9.37 3.44
C PRO A 106 13.15 8.20 4.41
N ASP A 107 13.22 8.45 5.71
CA ASP A 107 13.59 7.45 6.73
C ASP A 107 13.12 7.88 8.11
N LEU A 108 11.80 7.94 8.22
CA LEU A 108 11.08 8.68 9.24
C LEU A 108 9.89 7.87 9.84
N TYR A 109 9.50 6.76 9.21
CA TYR A 109 8.21 6.06 9.39
C TYR A 109 8.17 4.59 8.91
N GLU B 47 -0.93 -15.38 -0.10
CA GLU B 47 -0.39 -15.93 1.17
C GLU B 47 -1.00 -15.19 2.40
N HIS B 48 -0.56 -15.53 3.62
CA HIS B 48 -1.03 -15.00 4.92
C HIS B 48 -0.37 -13.65 5.30
N CYS B 49 -0.73 -13.11 6.48
CA CYS B 49 0.02 -12.03 7.12
C CYS B 49 1.49 -12.43 7.39
N GLY B 50 2.38 -11.45 7.46
CA GLY B 50 3.84 -11.63 7.39
C GLY B 50 4.33 -11.62 5.95
N HIS B 51 3.70 -12.40 5.08
CA HIS B 51 4.01 -12.43 3.64
C HIS B 51 3.33 -11.31 2.85
N LEU B 52 2.05 -10.99 3.12
CA LEU B 52 1.33 -9.97 2.33
C LEU B 52 2.00 -8.59 2.34
N ILE B 53 2.71 -8.18 3.41
CA ILE B 53 3.48 -6.92 3.43
C ILE B 53 4.74 -6.96 2.54
N GLU B 54 5.38 -8.12 2.37
CA GLU B 54 6.46 -8.30 1.39
C GLU B 54 5.90 -8.24 -0.05
N ALA B 55 4.65 -8.64 -0.27
CA ALA B 55 3.93 -8.42 -1.53
C ALA B 55 3.44 -6.95 -1.71
N HIS B 56 3.07 -6.24 -0.63
CA HIS B 56 2.82 -4.79 -0.65
C HIS B 56 4.07 -4.07 -1.18
N LYS B 57 5.24 -4.34 -0.56
CA LYS B 57 6.52 -3.74 -0.90
C LYS B 57 6.99 -4.13 -2.30
N GLU B 58 6.91 -5.41 -2.68
CA GLU B 58 7.26 -5.85 -4.04
C GLU B 58 6.42 -5.14 -5.11
N SER B 59 5.11 -4.98 -4.89
CA SER B 59 4.20 -4.32 -5.83
C SER B 59 4.47 -2.82 -5.96
N MET B 60 4.66 -2.10 -4.85
CA MET B 60 4.98 -0.66 -4.91
C MET B 60 6.39 -0.39 -5.44
N ARG B 61 7.37 -1.30 -5.19
CA ARG B 61 8.71 -1.25 -5.79
C ARG B 61 8.67 -1.55 -7.29
N ALA B 62 7.83 -2.48 -7.74
CA ALA B 62 7.58 -2.72 -9.16
C ALA B 62 6.99 -1.46 -9.85
N LEU B 63 6.07 -0.75 -9.18
CA LEU B 63 5.58 0.56 -9.65
C LEU B 63 6.73 1.60 -9.72
N GLY B 64 7.53 1.73 -8.66
CA GLY B 64 8.70 2.63 -8.61
C GLY B 64 9.77 2.32 -9.68
N PHE B 65 9.91 1.06 -10.07
CA PHE B 65 10.72 0.56 -11.18
C PHE B 65 10.08 0.84 -12.57
N LYS B 66 8.76 0.81 -12.68
CA LYS B 66 8.02 1.18 -13.90
C LYS B 66 8.11 2.67 -14.23
N ILE B 67 8.07 3.56 -13.22
CA ILE B 67 8.16 5.04 -13.39
C ILE B 67 9.35 5.67 -12.68
N ASN A 50 -18.00 -2.25 2.90
CA ASN A 50 -16.92 -2.03 1.90
C ASN A 50 -15.86 -3.14 1.89
N GLY A 51 -15.65 -3.87 2.98
CA GLY A 51 -14.65 -4.94 3.11
C GLY A 51 -13.45 -4.55 3.98
N ASN A 52 -13.09 -3.26 3.97
CA ASN A 52 -12.40 -2.46 5.01
C ASN A 52 -11.02 -2.88 5.51
N ILE A 53 -10.48 -4.02 5.03
CA ILE A 53 -9.13 -4.55 5.31
C ILE A 53 -8.91 -5.03 6.76
N ASN A 54 -9.16 -4.17 7.73
CA ASN A 54 -8.73 -4.27 9.14
C ASN A 54 -7.20 -4.05 9.31
N TRP A 55 -6.82 -2.80 9.62
CA TRP A 55 -5.46 -2.24 9.57
C TRP A 55 -4.61 -2.54 10.83
N ASN A 56 -4.88 -3.67 11.49
CA ASN A 56 -4.26 -4.12 12.74
C ASN A 56 -3.21 -5.23 12.47
N SER A 57 -2.37 -5.55 13.46
CA SER A 57 -1.13 -6.36 13.39
C SER A 57 0.01 -5.67 12.61
N PRO A 58 1.30 -5.87 12.95
CA PRO A 58 2.44 -5.12 12.37
C PRO A 58 2.77 -5.38 10.89
N CYS A 59 1.85 -5.94 10.11
CA CYS A 59 2.07 -6.43 8.75
C CYS A 59 1.53 -5.41 7.73
N LEU A 60 0.35 -5.63 7.16
CA LEU A 60 -0.41 -4.62 6.41
C LEU A 60 -0.69 -3.42 7.32
N GLY A 61 -1.04 -3.65 8.59
CA GLY A 61 -1.21 -2.58 9.60
C GLY A 61 0.06 -1.76 9.89
N GLY A 62 1.25 -2.35 9.70
CA GLY A 62 2.54 -1.65 9.77
C GLY A 62 2.78 -0.69 8.59
N MET A 63 2.41 -1.11 7.38
CA MET A 63 2.44 -0.28 6.16
C MET A 63 1.37 0.83 6.18
N ALA A 64 0.17 0.49 6.67
CA ALA A 64 -0.97 1.40 6.79
C ALA A 64 -0.83 2.43 7.93
N SER A 65 0.19 2.30 8.79
CA SER A 65 0.62 3.31 9.77
C SER A 65 1.77 4.15 9.20
N GLY A 66 1.66 5.49 9.22
CA GLY A 66 2.74 6.38 8.78
C GLY A 66 2.30 7.77 8.31
N PRO A 67 3.25 8.66 7.99
CA PRO A 67 3.06 9.97 7.33
C PRO A 67 2.25 9.90 6.03
N CYS A 68 2.42 8.81 5.27
CA CYS A 68 1.68 8.48 4.05
C CYS A 68 0.80 7.24 4.22
N GLY A 69 0.54 6.83 5.47
CA GLY A 69 -0.20 5.60 5.78
C GLY A 69 -1.59 5.60 5.13
N GLU A 70 -2.25 6.76 5.10
CA GLU A 70 -3.54 6.98 4.45
C GLU A 70 -3.52 6.72 2.94
N GLN A 71 -2.37 6.89 2.29
CA GLN A 71 -2.20 6.51 0.89
C GLN A 71 -2.19 4.98 0.75
N PHE A 72 -1.64 4.26 1.74
CA PHE A 72 -1.82 2.80 1.82
C PHE A 72 -3.28 2.42 2.06
N LYS A 73 -3.99 3.15 2.95
CA LYS A 73 -5.43 2.94 3.20
C LYS A 73 -6.22 3.06 1.90
N SER A 74 -5.98 4.16 1.19
CA SER A 74 -6.56 4.50 -0.10
C SER A 74 -6.22 3.49 -1.19
N ALA A 75 -4.96 3.05 -1.29
CA ALA A 75 -4.50 2.07 -2.28
C ALA A 75 -5.08 0.67 -2.05
N PHE A 76 -4.96 0.12 -0.83
CA PHE A 76 -5.43 -1.24 -0.55
C PHE A 76 -6.96 -1.34 -0.47
N SER A 77 -7.67 -0.31 -0.03
CA SER A 77 -9.14 -0.25 -0.19
C SER A 77 -9.58 -0.14 -1.65
N CYS A 78 -8.96 0.74 -2.46
CA CYS A 78 -9.27 0.78 -3.90
C CYS A 78 -9.01 -0.58 -4.58
N PHE A 79 -7.92 -1.28 -4.21
CA PHE A 79 -7.66 -2.67 -4.63
C PHE A 79 -8.74 -3.67 -4.14
N HIS A 80 -9.16 -3.61 -2.88
CA HIS A 80 -10.25 -4.45 -2.33
C HIS A 80 -11.59 -4.18 -3.05
N TYR A 81 -11.81 -2.94 -3.49
CA TYR A 81 -12.98 -2.54 -4.27
C TYR A 81 -12.86 -2.97 -5.76
N SER A 82 -11.65 -3.30 -6.21
CA SER A 82 -11.31 -3.69 -7.59
C SER A 82 -11.37 -5.21 -7.80
N THR A 83 -10.53 -5.99 -7.13
CA THR A 83 -10.37 -7.46 -7.30
C THR A 83 -10.20 -7.93 -8.76
N GLU A 84 -9.57 -7.12 -9.61
CA GLU A 84 -9.41 -7.39 -11.04
C GLU A 84 -8.42 -8.52 -11.37
N GLU A 85 -7.13 -8.27 -11.15
CA GLU A 85 -6.03 -9.08 -11.70
C GLU A 85 -4.70 -8.84 -10.95
N ILE A 86 -4.41 -7.56 -10.68
CA ILE A 86 -3.12 -7.04 -10.18
C ILE A 86 -3.37 -6.07 -9.03
N LYS A 87 -2.38 -5.83 -8.16
CA LYS A 87 -2.43 -4.74 -7.16
C LYS A 87 -2.45 -3.37 -7.88
N GLY A 88 -3.64 -2.82 -8.13
CA GLY A 88 -3.78 -1.50 -8.75
C GLY A 88 -3.96 -1.47 -10.27
N SER A 89 -4.37 -2.56 -10.93
CA SER A 89 -4.74 -2.51 -12.37
C SER A 89 -5.91 -1.57 -12.66
N ASP A 90 -6.73 -1.24 -11.65
CA ASP A 90 -7.78 -0.22 -11.73
C ASP A 90 -7.61 0.94 -10.73
N CYS A 91 -6.47 1.01 -10.03
CA CYS A 91 -6.29 1.83 -8.81
C CYS A 91 -4.85 2.37 -8.61
N VAL A 92 -3.98 2.28 -9.62
CA VAL A 92 -2.57 2.69 -9.52
C VAL A 92 -2.40 4.13 -9.04
N ASP A 93 -3.32 5.05 -9.34
CA ASP A 93 -3.17 6.45 -8.93
C ASP A 93 -3.04 6.65 -7.39
N GLN A 94 -3.56 5.70 -6.61
CA GLN A 94 -3.46 5.67 -5.13
C GLN A 94 -2.11 5.10 -4.64
N PHE A 95 -1.62 4.01 -5.25
CA PHE A 95 -0.27 3.48 -5.00
C PHE A 95 0.81 4.51 -5.39
N ARG A 96 0.59 5.13 -6.56
CA ARG A 96 1.31 6.29 -7.06
C ARG A 96 1.26 7.43 -6.07
N ALA A 97 0.11 7.73 -5.48
CA ALA A 97 0.06 8.76 -4.45
C ALA A 97 0.90 8.40 -3.21
N MET A 98 0.99 7.11 -2.83
CA MET A 98 1.91 6.70 -1.77
C MET A 98 3.37 6.98 -2.13
N GLN A 99 3.79 6.61 -3.34
CA GLN A 99 5.15 6.93 -3.83
C GLN A 99 5.41 8.45 -3.86
N GLU A 100 4.48 9.20 -4.43
CA GLU A 100 4.41 10.67 -4.53
C GLU A 100 4.35 11.38 -3.17
N CYS A 101 3.85 10.70 -2.15
CA CYS A 101 3.88 11.14 -0.77
C CYS A 101 5.22 10.81 -0.11
N MET A 102 5.82 9.65 -0.39
CA MET A 102 7.00 9.19 0.35
C MET A 102 8.28 9.78 -0.23
N GLN A 103 8.22 10.25 -1.46
CA GLN A 103 9.25 11.07 -2.10
C GLN A 103 9.35 12.50 -1.50
N LYS A 104 8.46 12.87 -0.57
CA LYS A 104 8.56 14.12 0.21
C LYS A 104 9.55 14.06 1.37
N TYR A 105 9.77 12.89 1.98
CA TYR A 105 10.44 12.78 3.27
C TYR A 105 11.70 11.90 3.22
N PRO A 106 12.84 12.39 3.74
CA PRO A 106 14.04 11.58 3.92
C PRO A 106 14.09 10.84 5.28
N ASP A 107 13.48 11.36 6.34
CA ASP A 107 13.89 11.01 7.72
C ASP A 107 12.85 11.32 8.82
N LEU A 108 11.69 11.87 8.42
CA LEU A 108 10.69 12.51 9.28
C LEU A 108 9.93 11.51 10.18
N TYR A 109 10.02 10.23 9.79
CA TYR A 109 9.23 9.07 10.25
C TYR A 109 9.55 8.66 11.69
N GLU B 47 10.39 -13.29 14.79
CA GLU B 47 9.31 -12.36 14.36
C GLU B 47 8.63 -12.87 13.09
N HIS B 48 7.33 -13.18 13.17
CA HIS B 48 6.48 -13.54 12.02
C HIS B 48 5.43 -12.46 11.70
N CYS B 49 5.10 -12.34 10.42
CA CYS B 49 4.01 -11.48 9.91
C CYS B 49 3.26 -12.07 8.69
N GLY B 50 3.79 -13.12 8.06
CA GLY B 50 3.21 -13.73 6.86
C GLY B 50 3.59 -13.04 5.55
N HIS B 51 3.17 -13.65 4.44
CA HIS B 51 3.57 -13.31 3.07
C HIS B 51 3.08 -11.91 2.62
N LEU B 52 1.86 -11.49 3.00
CA LEU B 52 1.23 -10.30 2.42
C LEU B 52 2.09 -9.03 2.52
N ILE B 53 2.77 -8.74 3.64
CA ILE B 53 3.54 -7.49 3.79
C ILE B 53 4.75 -7.42 2.84
N GLU B 54 5.50 -8.52 2.70
CA GLU B 54 6.60 -8.59 1.75
C GLU B 54 6.10 -8.70 0.28
N ALA B 55 4.86 -9.13 0.06
CA ALA B 55 4.15 -9.08 -1.22
C ALA B 55 3.59 -7.67 -1.55
N HIS B 56 3.22 -6.86 -0.55
CA HIS B 56 2.94 -5.44 -0.71
C HIS B 56 4.20 -4.71 -1.17
N LYS B 57 5.34 -4.98 -0.49
CA LYS B 57 6.66 -4.45 -0.85
C LYS B 57 7.09 -4.87 -2.26
N GLU B 58 6.88 -6.14 -2.63
CA GLU B 58 7.10 -6.67 -3.99
C GLU B 58 6.29 -5.91 -5.04
N SER B 59 5.01 -5.66 -4.75
CA SER B 59 4.09 -4.95 -5.66
C SER B 59 4.46 -3.48 -5.85
N MET B 60 4.75 -2.76 -4.76
CA MET B 60 5.15 -1.34 -4.84
C MET B 60 6.56 -1.17 -5.43
N ARG B 61 7.48 -2.12 -5.23
CA ARG B 61 8.78 -2.17 -5.93
C ARG B 61 8.61 -2.40 -7.43
N ALA B 62 7.68 -3.27 -7.85
CA ALA B 62 7.34 -3.43 -9.25
C ALA B 62 6.76 -2.14 -9.86
N LEU B 63 5.89 -1.41 -9.15
CA LEU B 63 5.47 -0.05 -9.55
C LEU B 63 6.64 0.96 -9.54
N GLY B 64 7.63 0.79 -8.67
CA GLY B 64 8.89 1.54 -8.64
C GLY B 64 9.70 1.37 -9.93
N PHE B 65 9.80 0.16 -10.46
CA PHE B 65 10.41 -0.11 -11.77
C PHE B 65 9.53 0.34 -12.95
N LYS B 66 8.21 0.10 -12.90
CA LYS B 66 7.25 0.35 -13.99
C LYS B 66 7.00 1.84 -14.26
N ILE B 67 6.89 2.67 -13.21
CA ILE B 67 6.41 4.08 -13.27
C ILE B 67 7.52 5.10 -13.05
N ASN A 50 -15.00 -7.39 2.37
CA ASN A 50 -15.61 -6.30 3.17
C ASN A 50 -15.19 -4.90 2.69
N GLY A 51 -14.03 -4.71 2.06
CA GLY A 51 -13.52 -3.37 1.72
C GLY A 51 -13.04 -2.55 2.92
N ASN A 52 -12.72 -3.22 4.03
CA ASN A 52 -12.41 -2.64 5.33
C ASN A 52 -10.92 -2.77 5.70
N ILE A 53 -10.28 -3.86 5.27
CA ILE A 53 -8.96 -4.34 5.70
C ILE A 53 -8.86 -4.69 7.19
N ASN A 54 -9.17 -3.74 8.06
CA ASN A 54 -8.85 -3.71 9.49
C ASN A 54 -7.34 -3.55 9.76
N TRP A 55 -6.92 -2.32 10.00
CA TRP A 55 -5.52 -1.86 10.06
C TRP A 55 -4.79 -2.22 11.37
N ASN A 56 -5.46 -2.97 12.25
CA ASN A 56 -4.94 -3.50 13.52
C ASN A 56 -3.81 -4.56 13.35
N SER A 57 -3.85 -5.32 12.24
CA SER A 57 -2.90 -6.39 11.93
C SER A 57 -1.47 -5.83 11.76
N PRO A 58 -0.43 -6.36 12.42
CA PRO A 58 0.76 -5.58 12.79
C PRO A 58 1.74 -5.26 11.65
N CYS A 59 1.70 -5.99 10.53
CA CYS A 59 2.58 -5.75 9.37
C CYS A 59 1.89 -4.85 8.33
N LEU A 60 0.67 -5.18 7.91
CA LEU A 60 -0.14 -4.29 7.05
C LEU A 60 -0.41 -2.96 7.76
N GLY A 61 -0.72 -2.98 9.07
CA GLY A 61 -0.88 -1.81 9.91
C GLY A 61 0.36 -0.91 10.00
N GLY A 62 1.57 -1.46 9.80
CA GLY A 62 2.79 -0.68 9.66
C GLY A 62 2.81 0.10 8.34
N MET A 63 2.44 -0.59 7.25
CA MET A 63 2.20 0.00 5.92
C MET A 63 1.12 1.09 5.94
N ALA A 64 0.07 0.90 6.74
CA ALA A 64 -1.04 1.82 6.89
C ALA A 64 -0.80 2.98 7.89
N SER A 65 0.44 3.17 8.36
CA SER A 65 0.84 4.22 9.32
C SER A 65 1.83 5.25 8.74
N GLY A 66 1.98 6.37 9.45
CA GLY A 66 2.84 7.51 9.11
C GLY A 66 2.12 8.67 8.39
N PRO A 67 2.83 9.75 8.01
CA PRO A 67 2.34 10.80 7.10
C PRO A 67 1.54 10.29 5.90
N CYS A 68 2.00 9.22 5.25
CA CYS A 68 1.42 8.70 4.01
C CYS A 68 0.49 7.50 4.25
N GLY A 69 0.09 7.23 5.50
CA GLY A 69 -0.71 6.06 5.85
C GLY A 69 -2.01 6.03 5.06
N GLU A 70 -2.66 7.19 4.89
CA GLU A 70 -3.87 7.38 4.12
C GLU A 70 -3.71 7.05 2.64
N GLN A 71 -2.51 7.17 2.08
CA GLN A 71 -2.22 6.69 0.73
C GLN A 71 -2.24 5.17 0.68
N PHE A 72 -1.79 4.49 1.74
CA PHE A 72 -1.99 3.04 1.86
C PHE A 72 -3.45 2.65 2.09
N LYS A 73 -4.16 3.35 2.98
CA LYS A 73 -5.60 3.13 3.22
C LYS A 73 -6.36 3.18 1.89
N SER A 74 -6.08 4.23 1.12
CA SER A 74 -6.65 4.52 -0.19
C SER A 74 -6.22 3.52 -1.27
N ALA A 75 -4.92 3.17 -1.35
CA ALA A 75 -4.39 2.21 -2.32
C ALA A 75 -4.91 0.79 -2.09
N PHE A 76 -4.77 0.26 -0.87
CA PHE A 76 -5.22 -1.10 -0.55
C PHE A 76 -6.74 -1.21 -0.51
N SER A 77 -7.48 -0.17 -0.09
CA SER A 77 -8.94 -0.15 -0.28
C SER A 77 -9.29 -0.20 -1.77
N CYS A 78 -8.74 0.71 -2.60
CA CYS A 78 -9.04 0.74 -4.05
C CYS A 78 -8.77 -0.63 -4.69
N PHE A 79 -7.65 -1.27 -4.37
CA PHE A 79 -7.32 -2.64 -4.77
C PHE A 79 -8.34 -3.68 -4.26
N HIS A 80 -8.72 -3.65 -2.97
CA HIS A 80 -9.68 -4.63 -2.40
C HIS A 80 -11.12 -4.48 -2.95
N TYR A 81 -11.53 -3.29 -3.37
CA TYR A 81 -12.75 -3.10 -4.18
C TYR A 81 -12.58 -3.50 -5.66
N SER A 82 -11.34 -3.64 -6.17
CA SER A 82 -11.03 -3.96 -7.58
C SER A 82 -10.86 -5.47 -7.82
N THR A 83 -9.89 -6.10 -7.15
CA THR A 83 -9.49 -7.51 -7.31
C THR A 83 -9.37 -7.97 -8.78
N GLU A 84 -8.80 -7.13 -9.64
CA GLU A 84 -8.77 -7.30 -11.09
C GLU A 84 -7.85 -8.43 -11.56
N GLU A 85 -6.55 -8.33 -11.24
CA GLU A 85 -5.52 -9.32 -11.57
C GLU A 85 -4.20 -9.04 -10.84
N ILE A 86 -3.75 -7.78 -10.88
CA ILE A 86 -2.50 -7.26 -10.29
C ILE A 86 -2.87 -6.20 -9.24
N LYS A 87 -2.03 -6.02 -8.20
CA LYS A 87 -2.28 -5.01 -7.14
C LYS A 87 -2.60 -3.64 -7.74
N GLY A 88 -3.87 -3.24 -7.66
CA GLY A 88 -4.30 -1.93 -8.12
C GLY A 88 -4.14 -1.64 -9.62
N SER A 89 -4.13 -2.63 -10.52
CA SER A 89 -4.05 -2.40 -11.98
C SER A 89 -5.06 -1.36 -12.51
N ASP A 90 -6.25 -1.26 -11.90
CA ASP A 90 -7.28 -0.25 -12.18
C ASP A 90 -7.44 0.77 -11.00
N CYS A 91 -6.32 1.12 -10.36
CA CYS A 91 -6.21 1.96 -9.15
C CYS A 91 -4.83 2.63 -8.96
N VAL A 92 -3.92 2.59 -9.96
CA VAL A 92 -2.48 2.85 -9.73
C VAL A 92 -2.19 4.26 -9.21
N ASP A 93 -3.04 5.25 -9.51
CA ASP A 93 -2.93 6.65 -9.05
C ASP A 93 -2.79 6.81 -7.52
N GLN A 94 -3.34 5.87 -6.75
CA GLN A 94 -3.22 5.81 -5.28
C GLN A 94 -1.84 5.31 -4.81
N PHE A 95 -1.31 4.26 -5.44
CA PHE A 95 0.03 3.73 -5.17
C PHE A 95 1.10 4.74 -5.64
N ARG A 96 0.82 5.40 -6.78
CA ARG A 96 1.57 6.52 -7.32
C ARG A 96 1.60 7.70 -6.35
N ALA A 97 0.46 8.03 -5.72
CA ALA A 97 0.45 8.99 -4.61
C ALA A 97 1.27 8.55 -3.40
N MET A 98 1.26 7.26 -3.05
CA MET A 98 2.10 6.76 -1.96
C MET A 98 3.58 6.99 -2.23
N GLN A 99 4.05 6.72 -3.44
CA GLN A 99 5.44 7.01 -3.83
C GLN A 99 5.75 8.53 -3.93
N GLU A 100 4.83 9.32 -4.48
CA GLU A 100 4.82 10.80 -4.51
C GLU A 100 4.78 11.44 -3.11
N CYS A 101 4.31 10.69 -2.12
CA CYS A 101 4.30 11.04 -0.70
C CYS A 101 5.58 10.57 0.02
N MET A 102 6.09 9.38 -0.30
CA MET A 102 7.18 8.74 0.46
C MET A 102 8.56 9.17 -0.05
N GLN A 103 8.61 9.75 -1.25
CA GLN A 103 9.74 10.49 -1.77
C GLN A 103 10.11 11.71 -0.89
N LYS A 104 9.17 12.20 -0.07
CA LYS A 104 9.42 13.19 0.99
C LYS A 104 10.09 12.59 2.23
N TYR A 105 9.78 11.33 2.55
CA TYR A 105 10.00 10.75 3.87
C TYR A 105 10.63 9.34 3.84
N PRO A 106 11.91 9.18 4.22
CA PRO A 106 12.62 7.91 4.08
C PRO A 106 12.30 6.90 5.19
N ASP A 107 12.38 7.30 6.46
CA ASP A 107 12.14 6.47 7.66
C ASP A 107 11.83 7.36 8.88
N LEU A 108 10.74 8.07 8.73
CA LEU A 108 10.39 9.30 9.45
C LEU A 108 9.28 9.06 10.50
N TYR A 109 8.70 7.86 10.46
CA TYR A 109 7.46 7.44 11.11
C TYR A 109 7.52 5.97 11.56
N GLU B 47 10.40 -11.08 14.24
CA GLU B 47 10.06 -12.36 13.56
C GLU B 47 8.55 -12.59 13.66
N HIS B 48 8.00 -13.53 12.86
CA HIS B 48 6.58 -13.93 12.89
C HIS B 48 5.56 -12.80 12.61
N CYS B 49 5.96 -11.75 11.87
CA CYS B 49 5.08 -10.73 11.30
C CYS B 49 4.80 -11.03 9.81
N GLY B 50 3.60 -10.74 9.33
CA GLY B 50 3.10 -11.25 8.04
C GLY B 50 3.96 -10.90 6.82
N HIS B 51 4.21 -11.90 5.96
CA HIS B 51 4.94 -11.75 4.69
C HIS B 51 4.28 -10.75 3.70
N LEU B 52 3.02 -10.35 3.91
CA LEU B 52 2.36 -9.33 3.09
C LEU B 52 3.06 -7.97 3.12
N ILE B 53 3.77 -7.54 4.17
CA ILE B 53 4.50 -6.24 4.14
C ILE B 53 5.62 -6.22 3.09
N GLU B 54 6.34 -7.34 2.93
CA GLU B 54 7.36 -7.48 1.91
C GLU B 54 6.73 -7.55 0.51
N ALA B 55 5.52 -8.11 0.37
CA ALA B 55 4.71 -8.07 -0.86
C ALA B 55 4.16 -6.67 -1.16
N HIS B 56 3.77 -5.87 -0.15
CA HIS B 56 3.35 -4.48 -0.32
C HIS B 56 4.52 -3.66 -0.89
N LYS B 57 5.72 -3.83 -0.31
CA LYS B 57 6.95 -3.20 -0.81
C LYS B 57 7.32 -3.69 -2.22
N GLU B 58 7.29 -5.00 -2.47
CA GLU B 58 7.64 -5.58 -3.78
C GLU B 58 6.68 -5.16 -4.90
N SER B 59 5.37 -5.12 -4.61
CA SER B 59 4.34 -4.72 -5.58
C SER B 59 4.32 -3.21 -5.84
N MET B 60 4.50 -2.35 -4.82
CA MET B 60 4.63 -0.91 -5.08
C MET B 60 5.93 -0.58 -5.83
N ARG B 61 7.03 -1.30 -5.57
CA ARG B 61 8.27 -1.20 -6.35
C ARG B 61 8.04 -1.64 -7.80
N ALA B 62 7.35 -2.77 -8.02
CA ALA B 62 6.99 -3.25 -9.34
C ALA B 62 6.13 -2.23 -10.12
N LEU B 63 5.11 -1.66 -9.48
CA LEU B 63 4.30 -0.57 -10.06
C LEU B 63 5.17 0.63 -10.43
N GLY B 64 6.02 1.12 -9.52
CA GLY B 64 6.92 2.25 -9.78
C GLY B 64 7.94 1.98 -10.89
N PHE B 65 8.34 0.73 -11.11
CA PHE B 65 9.16 0.28 -12.24
C PHE B 65 8.36 0.09 -13.55
N LYS B 66 7.05 -0.18 -13.45
CA LYS B 66 6.13 -0.41 -14.57
C LYS B 66 5.55 0.88 -15.17
N ILE B 67 4.83 1.67 -14.38
CA ILE B 67 3.86 2.70 -14.85
C ILE B 67 4.51 3.97 -15.40
N ASN A 50 -18.47 -0.41 7.69
CA ASN A 50 -17.03 -0.30 7.35
C ASN A 50 -16.70 -1.10 6.09
N GLY A 51 -16.58 -2.43 6.15
CA GLY A 51 -16.23 -3.29 5.01
C GLY A 51 -14.77 -3.24 4.52
N ASN A 52 -13.89 -2.52 5.23
CA ASN A 52 -12.51 -2.21 4.83
C ASN A 52 -11.50 -3.33 5.21
N ILE A 53 -10.22 -3.11 4.89
CA ILE A 53 -9.07 -3.75 5.54
C ILE A 53 -9.16 -3.56 7.08
N ASN A 54 -8.72 -4.55 7.86
CA ASN A 54 -8.30 -4.33 9.25
C ASN A 54 -6.87 -3.77 9.27
N TRP A 55 -6.68 -2.51 9.67
CA TRP A 55 -5.38 -1.82 9.59
C TRP A 55 -4.47 -2.07 10.80
N ASN A 56 -4.78 -2.99 11.73
CA ASN A 56 -4.10 -3.11 13.02
C ASN A 56 -3.63 -4.53 13.40
N SER A 57 -4.41 -5.58 13.15
CA SER A 57 -4.01 -6.97 13.44
C SER A 57 -3.10 -7.60 12.36
N PRO A 58 -3.37 -7.49 11.05
CA PRO A 58 -2.47 -7.99 10.01
C PRO A 58 -1.30 -7.01 9.72
N CYS A 59 -0.37 -7.45 8.88
CA CYS A 59 0.88 -6.73 8.58
C CYS A 59 0.76 -5.52 7.62
N LEU A 60 -0.45 -4.97 7.42
CA LEU A 60 -0.61 -3.58 6.95
C LEU A 60 -0.39 -2.56 8.10
N GLY A 61 -0.24 -3.02 9.34
CA GLY A 61 -0.18 -2.20 10.57
C GLY A 61 0.74 -0.98 10.51
N GLY A 62 2.03 -1.21 10.28
CA GLY A 62 3.02 -0.14 10.08
C GLY A 62 2.87 0.52 8.70
N MET A 63 2.53 -0.24 7.67
CA MET A 63 2.36 0.24 6.28
C MET A 63 1.31 1.37 6.18
N ALA A 64 0.17 1.21 6.85
CA ALA A 64 -0.98 2.12 6.82
C ALA A 64 -0.88 3.29 7.83
N SER A 65 0.22 3.36 8.58
CA SER A 65 0.60 4.46 9.47
C SER A 65 1.61 5.42 8.81
N GLY A 66 2.10 6.43 9.52
CA GLY A 66 3.06 7.40 8.98
C GLY A 66 2.42 8.58 8.25
N PRO A 67 3.25 9.54 7.76
CA PRO A 67 2.86 10.70 6.94
C PRO A 67 1.90 10.37 5.79
N CYS A 68 2.13 9.24 5.11
CA CYS A 68 1.48 8.86 3.86
C CYS A 68 0.57 7.64 4.02
N GLY A 69 0.18 7.35 5.26
CA GLY A 69 -0.59 6.15 5.60
C GLY A 69 -1.89 6.11 4.81
N GLU A 70 -2.55 7.25 4.64
CA GLU A 70 -3.77 7.43 3.85
C GLU A 70 -3.62 7.02 2.39
N GLN A 71 -2.42 7.16 1.80
CA GLN A 71 -2.16 6.70 0.44
C GLN A 71 -2.12 5.17 0.42
N PHE A 72 -1.66 4.53 1.50
CA PHE A 72 -1.82 3.08 1.69
C PHE A 72 -3.29 2.69 1.88
N LYS A 73 -4.05 3.47 2.68
CA LYS A 73 -5.49 3.24 2.89
C LYS A 73 -6.23 3.25 1.55
N SER A 74 -6.01 4.32 0.79
CA SER A 74 -6.62 4.57 -0.51
C SER A 74 -6.16 3.58 -1.59
N ALA A 75 -4.87 3.26 -1.67
CA ALA A 75 -4.33 2.31 -2.63
C ALA A 75 -4.79 0.87 -2.35
N PHE A 76 -4.53 0.35 -1.14
CA PHE A 76 -4.87 -1.03 -0.82
C PHE A 76 -6.38 -1.25 -0.67
N SER A 77 -7.17 -0.25 -0.26
CA SER A 77 -8.64 -0.35 -0.29
C SER A 77 -9.21 -0.22 -1.71
N CYS A 78 -8.73 0.69 -2.57
CA CYS A 78 -9.16 0.70 -3.98
C CYS A 78 -8.89 -0.67 -4.64
N PHE A 79 -7.73 -1.28 -4.37
CA PHE A 79 -7.41 -2.66 -4.72
C PHE A 79 -8.36 -3.70 -4.07
N HIS A 80 -8.65 -3.60 -2.77
CA HIS A 80 -9.52 -4.55 -2.04
C HIS A 80 -10.95 -4.58 -2.58
N TYR A 81 -11.49 -3.43 -2.97
CA TYR A 81 -12.80 -3.34 -3.63
C TYR A 81 -12.70 -3.70 -5.14
N SER A 82 -11.50 -3.71 -5.74
CA SER A 82 -11.27 -4.11 -7.14
C SER A 82 -11.18 -5.63 -7.34
N THR A 83 -10.13 -6.25 -6.79
CA THR A 83 -9.73 -7.67 -6.97
C THR A 83 -9.70 -8.14 -8.44
N GLU A 84 -9.15 -7.31 -9.33
CA GLU A 84 -9.19 -7.50 -10.79
C GLU A 84 -8.32 -8.65 -11.32
N GLU A 85 -7.04 -8.67 -10.94
CA GLU A 85 -6.01 -9.63 -11.37
C GLU A 85 -4.68 -9.41 -10.62
N ILE A 86 -4.30 -8.15 -10.49
CA ILE A 86 -3.01 -7.62 -10.01
C ILE A 86 -3.29 -6.47 -9.03
N LYS A 87 -2.44 -6.27 -8.00
CA LYS A 87 -2.53 -5.14 -7.04
C LYS A 87 -2.79 -3.81 -7.76
N GLY A 88 -4.00 -3.25 -7.61
CA GLY A 88 -4.30 -1.90 -8.08
C GLY A 88 -4.31 -1.70 -9.60
N SER A 89 -4.46 -2.76 -10.41
CA SER A 89 -4.62 -2.64 -11.87
C SER A 89 -5.73 -1.66 -12.30
N ASP A 90 -6.81 -1.50 -11.51
CA ASP A 90 -7.86 -0.49 -11.73
C ASP A 90 -7.66 0.84 -10.96
N CYS A 91 -6.53 1.03 -10.27
CA CYS A 91 -6.40 1.96 -9.14
C CYS A 91 -5.01 2.62 -9.07
N VAL A 92 -4.25 2.59 -10.17
CA VAL A 92 -2.81 2.89 -10.13
C VAL A 92 -2.50 4.30 -9.64
N ASP A 93 -3.42 5.26 -9.80
CA ASP A 93 -3.19 6.65 -9.37
C ASP A 93 -3.08 6.78 -7.84
N GLN A 94 -3.69 5.87 -7.07
CA GLN A 94 -3.58 5.87 -5.61
C GLN A 94 -2.19 5.37 -5.15
N PHE A 95 -1.64 4.38 -5.87
CA PHE A 95 -0.25 3.92 -5.69
C PHE A 95 0.75 4.96 -6.21
N ARG A 96 0.40 5.67 -7.30
CA ARG A 96 1.14 6.83 -7.81
C ARG A 96 1.28 7.92 -6.74
N ALA A 97 0.18 8.20 -6.01
CA ALA A 97 0.19 9.10 -4.87
C ALA A 97 1.00 8.55 -3.67
N MET A 98 0.95 7.24 -3.42
CA MET A 98 1.80 6.59 -2.42
C MET A 98 3.30 6.90 -2.67
N GLN A 99 3.77 6.75 -3.91
CA GLN A 99 5.14 7.13 -4.29
C GLN A 99 5.39 8.64 -4.09
N GLU A 100 4.56 9.49 -4.70
CA GLU A 100 4.59 10.97 -4.64
C GLU A 100 4.51 11.58 -3.24
N CYS A 101 3.99 10.83 -2.28
CA CYS A 101 3.98 11.15 -0.86
C CYS A 101 5.21 10.59 -0.14
N MET A 102 5.57 9.32 -0.36
CA MET A 102 6.56 8.62 0.47
C MET A 102 7.98 9.05 0.12
N GLN A 103 8.16 9.63 -1.07
CA GLN A 103 9.38 10.29 -1.52
C GLN A 103 9.84 11.42 -0.57
N LYS A 104 8.93 12.06 0.18
CA LYS A 104 9.21 13.14 1.15
C LYS A 104 10.13 12.75 2.30
N TYR A 105 10.09 11.50 2.75
CA TYR A 105 10.61 11.10 4.05
C TYR A 105 11.26 9.70 4.07
N PRO A 106 12.52 9.57 4.54
CA PRO A 106 13.19 8.26 4.64
C PRO A 106 13.08 7.56 5.99
N ASP A 107 13.15 8.29 7.11
CA ASP A 107 13.29 7.71 8.47
C ASP A 107 12.70 8.69 9.50
N LEU A 108 11.38 8.68 9.53
CA LEU A 108 10.53 9.70 10.14
C LEU A 108 9.26 9.08 10.78
N TYR A 109 9.04 7.78 10.54
CA TYR A 109 7.79 7.02 10.74
C TYR A 109 8.02 5.52 10.99
N GLU B 47 2.67 -15.68 17.47
CA GLU B 47 2.24 -14.84 16.33
C GLU B 47 3.39 -13.98 15.84
N HIS B 48 3.41 -13.65 14.55
CA HIS B 48 4.29 -12.62 13.98
C HIS B 48 3.61 -11.85 12.84
N CYS B 49 4.25 -10.80 12.34
CA CYS B 49 3.77 -10.05 11.18
C CYS B 49 3.85 -10.94 9.93
N GLY B 50 2.76 -11.03 9.17
CA GLY B 50 2.60 -11.97 8.06
C GLY B 50 3.45 -11.68 6.82
N HIS B 51 3.42 -12.59 5.85
CA HIS B 51 4.25 -12.59 4.65
C HIS B 51 3.76 -11.62 3.55
N LEU B 52 2.59 -10.98 3.74
CA LEU B 52 2.05 -9.96 2.83
C LEU B 52 2.92 -8.70 2.73
N ILE B 53 3.59 -8.24 3.80
CA ILE B 53 4.31 -6.94 3.78
C ILE B 53 5.51 -6.92 2.83
N GLU B 54 6.25 -8.02 2.75
CA GLU B 54 7.37 -8.16 1.80
C GLU B 54 6.86 -8.02 0.36
N ALA B 55 5.69 -8.63 0.07
CA ALA B 55 5.00 -8.54 -1.21
C ALA B 55 4.38 -7.15 -1.47
N HIS B 56 3.90 -6.44 -0.43
CA HIS B 56 3.48 -5.03 -0.53
C HIS B 56 4.66 -4.17 -1.04
N LYS B 57 5.85 -4.31 -0.42
CA LYS B 57 7.06 -3.54 -0.77
C LYS B 57 7.55 -3.88 -2.19
N GLU B 58 7.61 -5.16 -2.55
CA GLU B 58 7.94 -5.59 -3.93
C GLU B 58 6.96 -5.02 -4.96
N SER B 59 5.65 -5.05 -4.68
CA SER B 59 4.63 -4.54 -5.60
C SER B 59 4.74 -3.02 -5.79
N MET B 60 4.91 -2.22 -4.73
CA MET B 60 5.07 -0.77 -4.89
C MET B 60 6.41 -0.38 -5.56
N ARG B 61 7.48 -1.17 -5.34
CA ARG B 61 8.78 -0.97 -6.03
C ARG B 61 8.65 -1.26 -7.53
N ALA B 62 8.05 -2.40 -7.88
CA ALA B 62 7.82 -2.83 -9.26
C ALA B 62 6.83 -1.92 -10.01
N LEU B 63 5.76 -1.46 -9.36
CA LEU B 63 4.83 -0.46 -9.90
C LEU B 63 5.57 0.86 -10.15
N GLY B 64 6.43 1.31 -9.22
CA GLY B 64 7.31 2.47 -9.44
C GLY B 64 8.22 2.33 -10.66
N PHE B 65 8.83 1.15 -10.85
CA PHE B 65 9.67 0.78 -12.00
C PHE B 65 8.89 0.65 -13.33
N LYS B 66 7.61 0.23 -13.28
CA LYS B 66 6.73 0.05 -14.45
C LYS B 66 6.11 1.36 -14.94
N ILE B 67 5.51 2.17 -14.05
CA ILE B 67 4.62 3.31 -14.39
C ILE B 67 5.37 4.56 -14.85
N ASN A 50 -18.43 -0.97 3.79
CA ASN A 50 -17.06 -0.73 4.29
C ASN A 50 -16.02 -1.55 3.52
N GLY A 51 -16.12 -2.89 3.57
CA GLY A 51 -15.24 -3.82 2.84
C GLY A 51 -13.74 -3.70 3.17
N ASN A 52 -13.36 -3.04 4.27
CA ASN A 52 -11.98 -2.62 4.50
C ASN A 52 -11.06 -3.71 5.07
N ILE A 53 -9.76 -3.43 4.98
CA ILE A 53 -8.67 -4.04 5.73
C ILE A 53 -8.88 -3.81 7.25
N ASN A 54 -8.36 -4.71 8.08
CA ASN A 54 -8.09 -4.42 9.50
C ASN A 54 -6.60 -4.03 9.67
N TRP A 55 -6.34 -2.74 9.90
CA TRP A 55 -4.99 -2.15 9.84
C TRP A 55 -4.17 -2.49 11.09
N ASN A 56 -4.62 -2.03 12.28
CA ASN A 56 -4.10 -2.40 13.60
C ASN A 56 -2.57 -2.22 13.76
N SER A 57 -1.86 -3.15 14.42
CA SER A 57 -0.42 -3.11 14.74
C SER A 57 0.46 -3.93 13.77
N PRO A 58 0.26 -5.25 13.61
CA PRO A 58 1.07 -6.07 12.70
C PRO A 58 0.62 -5.93 11.24
N CYS A 59 1.30 -6.63 10.32
CA CYS A 59 0.96 -6.70 8.91
C CYS A 59 0.98 -5.30 8.24
N LEU A 60 -0.18 -4.73 7.87
CA LEU A 60 -0.29 -3.39 7.28
C LEU A 60 -0.13 -2.25 8.31
N GLY A 61 -0.16 -2.52 9.61
CA GLY A 61 -0.38 -1.52 10.67
C GLY A 61 0.58 -0.32 10.66
N GLY A 62 1.88 -0.57 10.48
CA GLY A 62 2.92 0.48 10.33
C GLY A 62 2.90 1.16 8.96
N MET A 63 2.68 0.38 7.90
CA MET A 63 2.56 0.89 6.51
C MET A 63 1.39 1.86 6.33
N ALA A 64 0.28 1.57 7.02
CA ALA A 64 -0.95 2.35 7.02
C ALA A 64 -0.95 3.52 8.02
N SER A 65 0.13 3.67 8.80
CA SER A 65 0.39 4.79 9.70
C SER A 65 1.32 5.84 9.06
N GLY A 66 1.36 7.06 9.62
CA GLY A 66 2.29 8.12 9.20
C GLY A 66 1.75 9.12 8.17
N PRO A 67 2.57 10.13 7.78
CA PRO A 67 2.31 11.13 6.74
C PRO A 67 1.68 10.64 5.42
N CYS A 68 1.94 9.39 5.02
CA CYS A 68 1.43 8.76 3.80
C CYS A 68 0.47 7.59 4.05
N GLY A 69 0.06 7.37 5.31
CA GLY A 69 -0.85 6.31 5.75
C GLY A 69 -2.09 6.20 4.87
N GLU A 70 -2.80 7.31 4.64
CA GLU A 70 -4.00 7.31 3.79
C GLU A 70 -3.73 6.97 2.34
N GLN A 71 -2.51 7.16 1.82
CA GLN A 71 -2.21 6.64 0.49
C GLN A 71 -2.23 5.11 0.51
N PHE A 72 -1.76 4.51 1.61
CA PHE A 72 -1.91 3.06 1.84
C PHE A 72 -3.36 2.63 2.07
N LYS A 73 -4.12 3.37 2.89
CA LYS A 73 -5.54 3.06 3.15
C LYS A 73 -6.33 3.04 1.85
N SER A 74 -6.20 4.11 1.08
CA SER A 74 -6.89 4.36 -0.17
C SER A 74 -6.41 3.43 -1.29
N ALA A 75 -5.11 3.18 -1.43
CA ALA A 75 -4.58 2.20 -2.39
C ALA A 75 -5.02 0.77 -2.07
N PHE A 76 -4.76 0.27 -0.85
CA PHE A 76 -5.02 -1.14 -0.54
C PHE A 76 -6.52 -1.44 -0.42
N SER A 77 -7.35 -0.50 0.06
CA SER A 77 -8.82 -0.65 -0.02
C SER A 77 -9.35 -0.56 -1.46
N CYS A 78 -8.90 0.39 -2.29
CA CYS A 78 -9.27 0.41 -3.71
C CYS A 78 -8.93 -0.92 -4.41
N PHE A 79 -7.76 -1.51 -4.12
CA PHE A 79 -7.40 -2.87 -4.56
C PHE A 79 -8.32 -3.96 -3.99
N HIS A 80 -8.62 -3.94 -2.68
CA HIS A 80 -9.48 -4.92 -2.00
C HIS A 80 -10.94 -4.88 -2.51
N TYR A 81 -11.38 -3.72 -2.99
CA TYR A 81 -12.66 -3.50 -3.67
C TYR A 81 -12.60 -3.91 -5.17
N SER A 82 -11.41 -3.90 -5.78
CA SER A 82 -11.18 -4.22 -7.21
C SER A 82 -11.10 -5.72 -7.46
N THR A 83 -10.04 -6.39 -6.96
CA THR A 83 -9.74 -7.82 -7.20
C THR A 83 -9.72 -8.19 -8.68
N GLU A 84 -9.02 -7.40 -9.48
CA GLU A 84 -8.80 -7.67 -10.91
C GLU A 84 -7.73 -8.73 -11.16
N GLU A 85 -6.46 -8.32 -11.24
CA GLU A 85 -5.34 -9.15 -11.73
C GLU A 85 -4.01 -8.80 -11.06
N ILE A 86 -3.74 -7.51 -10.85
CA ILE A 86 -2.53 -7.00 -10.17
C ILE A 86 -2.95 -6.05 -9.05
N LYS A 87 -2.11 -5.85 -8.01
CA LYS A 87 -2.42 -4.92 -6.90
C LYS A 87 -2.70 -3.50 -7.41
N GLY A 88 -3.99 -3.16 -7.55
CA GLY A 88 -4.42 -1.86 -8.06
C GLY A 88 -4.25 -1.63 -9.56
N SER A 89 -4.28 -2.66 -10.43
CA SER A 89 -4.29 -2.47 -11.90
C SER A 89 -5.38 -1.54 -12.43
N ASP A 90 -6.50 -1.41 -11.72
CA ASP A 90 -7.65 -0.54 -12.01
C ASP A 90 -7.81 0.61 -11.00
N CYS A 91 -6.78 0.87 -10.18
CA CYS A 91 -6.74 1.83 -9.07
C CYS A 91 -5.42 2.63 -9.04
N VAL A 92 -4.71 2.71 -10.17
CA VAL A 92 -3.27 3.07 -10.18
C VAL A 92 -3.00 4.44 -9.56
N ASP A 93 -3.92 5.40 -9.65
CA ASP A 93 -3.72 6.76 -9.10
C ASP A 93 -3.45 6.76 -7.59
N GLN A 94 -4.06 5.84 -6.84
CA GLN A 94 -3.84 5.70 -5.39
C GLN A 94 -2.44 5.12 -5.07
N PHE A 95 -1.97 4.12 -5.84
CA PHE A 95 -0.62 3.57 -5.71
C PHE A 95 0.45 4.55 -6.21
N ARG A 96 0.12 5.32 -7.25
CA ARG A 96 0.92 6.42 -7.76
C ARG A 96 1.13 7.47 -6.67
N ALA A 97 0.07 7.82 -5.96
CA ALA A 97 0.13 8.71 -4.79
C ALA A 97 0.89 8.08 -3.59
N MET A 98 0.79 6.76 -3.40
CA MET A 98 1.60 6.05 -2.39
C MET A 98 3.10 6.24 -2.63
N GLN A 99 3.57 6.02 -3.87
CA GLN A 99 4.96 6.29 -4.23
C GLN A 99 5.29 7.78 -4.08
N GLU A 100 4.52 8.66 -4.71
CA GLU A 100 4.68 10.13 -4.73
C GLU A 100 4.68 10.79 -3.34
N CYS A 101 4.04 10.16 -2.36
CA CYS A 101 4.12 10.55 -0.95
C CYS A 101 5.32 9.90 -0.25
N MET A 102 5.56 8.59 -0.41
CA MET A 102 6.51 7.85 0.44
C MET A 102 7.97 8.10 0.03
N GLN A 103 8.16 8.56 -1.20
CA GLN A 103 9.41 9.04 -1.77
C GLN A 103 9.97 10.30 -1.04
N LYS A 104 9.13 11.03 -0.28
CA LYS A 104 9.52 12.22 0.50
C LYS A 104 10.41 11.86 1.69
N TYR A 105 9.98 10.91 2.52
CA TYR A 105 10.59 10.62 3.82
C TYR A 105 11.28 9.25 3.83
N PRO A 106 12.59 9.18 4.13
CA PRO A 106 13.32 7.92 4.21
C PRO A 106 13.22 7.25 5.60
N ASP A 107 12.99 8.00 6.68
CA ASP A 107 13.35 7.53 8.04
C ASP A 107 12.56 8.22 9.17
N LEU A 108 11.67 9.15 8.80
CA LEU A 108 11.00 10.10 9.70
C LEU A 108 9.87 9.42 10.51
N TYR A 109 9.58 8.17 10.13
CA TYR A 109 8.52 7.26 10.55
C TYR A 109 9.03 5.82 10.62
N GLU B 47 9.39 -10.30 13.35
CA GLU B 47 7.95 -10.04 13.41
C GLU B 47 7.15 -11.26 12.97
N HIS B 48 5.96 -11.46 13.54
CA HIS B 48 5.06 -12.60 13.33
C HIS B 48 4.34 -12.59 11.95
N CYS B 49 4.14 -11.41 11.36
CA CYS B 49 3.50 -11.20 10.07
C CYS B 49 4.41 -10.44 9.08
N GLY B 50 4.49 -10.94 7.84
CA GLY B 50 5.36 -10.40 6.79
C GLY B 50 5.07 -10.83 5.35
N HIS B 51 4.33 -11.92 5.12
CA HIS B 51 4.12 -12.49 3.77
C HIS B 51 3.51 -11.48 2.79
N LEU B 52 2.42 -10.81 3.19
CA LEU B 52 1.83 -9.70 2.44
C LEU B 52 2.69 -8.42 2.47
N ILE B 53 3.48 -8.17 3.52
CA ILE B 53 4.29 -6.95 3.64
C ILE B 53 5.42 -6.90 2.60
N GLU B 54 6.05 -8.05 2.34
CA GLU B 54 7.01 -8.17 1.24
C GLU B 54 6.33 -8.01 -0.13
N ALA B 55 5.08 -8.45 -0.29
CA ALA B 55 4.28 -8.20 -1.49
C ALA B 55 3.84 -6.73 -1.62
N HIS B 56 3.61 -6.02 -0.52
CA HIS B 56 3.33 -4.57 -0.51
C HIS B 56 4.56 -3.82 -1.05
N LYS B 57 5.74 -4.09 -0.47
CA LYS B 57 7.03 -3.56 -0.95
C LYS B 57 7.27 -3.93 -2.43
N GLU B 58 7.10 -5.19 -2.78
CA GLU B 58 7.38 -5.71 -4.13
C GLU B 58 6.49 -5.09 -5.21
N SER B 59 5.17 -4.98 -4.95
CA SER B 59 4.23 -4.37 -5.89
C SER B 59 4.39 -2.85 -5.99
N MET B 60 4.61 -2.14 -4.89
CA MET B 60 4.84 -0.69 -4.95
C MET B 60 6.20 -0.33 -5.55
N ARG B 61 7.25 -1.15 -5.35
CA ARG B 61 8.51 -1.05 -6.11
C ARG B 61 8.38 -1.48 -7.57
N ALA B 62 7.53 -2.46 -7.90
CA ALA B 62 7.23 -2.79 -9.29
C ALA B 62 6.53 -1.63 -10.03
N LEU B 63 5.69 -0.86 -9.34
CA LEU B 63 5.18 0.42 -9.85
C LEU B 63 6.29 1.49 -9.89
N GLY B 64 7.11 1.64 -8.85
CA GLY B 64 8.27 2.54 -8.84
C GLY B 64 9.30 2.28 -9.95
N PHE B 65 9.39 1.03 -10.42
CA PHE B 65 10.13 0.60 -11.61
C PHE B 65 9.39 0.95 -12.91
N LYS B 66 8.08 0.65 -13.00
CA LYS B 66 7.23 0.85 -14.20
C LYS B 66 6.88 2.32 -14.51
N ILE B 67 6.80 3.19 -13.50
CA ILE B 67 6.39 4.61 -13.59
C ILE B 67 7.32 5.47 -14.43
N ASN A 50 -18.15 -5.05 3.37
CA ASN A 50 -17.36 -3.80 3.37
C ASN A 50 -16.21 -3.86 2.37
N GLY A 51 -15.19 -4.68 2.65
CA GLY A 51 -14.00 -4.88 1.79
C GLY A 51 -12.68 -4.37 2.40
N ASN A 52 -12.74 -3.64 3.52
CA ASN A 52 -11.59 -2.97 4.14
C ASN A 52 -10.69 -3.89 4.99
N ILE A 53 -9.45 -3.46 5.13
CA ILE A 53 -8.37 -4.06 5.92
C ILE A 53 -8.56 -3.80 7.43
N ASN A 54 -8.12 -4.73 8.29
CA ASN A 54 -7.88 -4.47 9.71
C ASN A 54 -6.50 -3.82 9.93
N TRP A 55 -6.44 -2.48 9.98
CA TRP A 55 -5.18 -1.70 10.13
C TRP A 55 -4.62 -1.71 11.56
N ASN A 56 -5.46 -2.07 12.53
CA ASN A 56 -5.13 -2.31 13.91
C ASN A 56 -4.05 -3.42 14.06
N SER A 57 -3.14 -3.25 15.02
CA SER A 57 -1.85 -3.92 15.17
C SER A 57 -0.87 -3.63 14.00
N PRO A 58 0.48 -3.63 14.19
CA PRO A 58 1.43 -3.15 13.18
C PRO A 58 1.49 -3.89 11.83
N CYS A 59 0.68 -4.94 11.64
CA CYS A 59 0.74 -5.90 10.53
C CYS A 59 0.70 -5.22 9.14
N LEU A 60 -0.36 -4.45 8.85
CA LEU A 60 -0.36 -3.35 7.86
C LEU A 60 -0.09 -2.00 8.49
N GLY A 61 -0.23 -1.83 9.80
CA GLY A 61 0.07 -0.58 10.52
C GLY A 61 1.42 0.06 10.13
N GLY A 62 2.50 -0.73 10.00
CA GLY A 62 3.81 -0.23 9.53
C GLY A 62 3.79 0.39 8.12
N MET A 63 2.80 0.05 7.29
CA MET A 63 2.51 0.66 5.99
C MET A 63 1.36 1.69 6.03
N ALA A 64 0.41 1.54 6.96
CA ALA A 64 -0.88 2.22 6.99
C ALA A 64 -1.02 3.35 8.04
N SER A 65 -0.12 3.47 9.03
CA SER A 65 -0.22 4.42 10.16
C SER A 65 0.53 5.75 10.00
N GLY A 66 1.45 5.84 9.03
CA GLY A 66 2.43 6.93 8.88
C GLY A 66 1.83 8.30 8.50
N PRO A 67 2.69 9.34 8.31
CA PRO A 67 2.35 10.65 7.73
C PRO A 67 1.43 10.57 6.50
N CYS A 68 1.74 9.68 5.55
CA CYS A 68 0.95 9.41 4.35
C CYS A 68 0.21 8.06 4.44
N GLY A 69 -0.15 7.61 5.65
CA GLY A 69 -0.75 6.31 5.89
C GLY A 69 -2.08 6.14 5.17
N GLU A 70 -2.87 7.21 5.10
CA GLU A 70 -4.10 7.31 4.32
C GLU A 70 -3.92 6.98 2.83
N GLN A 71 -2.71 7.20 2.31
CA GLN A 71 -2.34 6.94 0.92
C GLN A 71 -2.19 5.43 0.71
N PHE A 72 -1.75 4.70 1.76
CA PHE A 72 -1.81 3.24 1.82
C PHE A 72 -3.24 2.72 1.99
N LYS A 73 -4.02 3.33 2.89
CA LYS A 73 -5.46 3.03 3.05
C LYS A 73 -6.15 3.08 1.69
N SER A 74 -5.99 4.20 1.02
CA SER A 74 -6.51 4.53 -0.30
C SER A 74 -6.06 3.50 -1.36
N ALA A 75 -4.75 3.28 -1.54
CA ALA A 75 -4.23 2.37 -2.56
C ALA A 75 -4.57 0.89 -2.31
N PHE A 76 -4.29 0.38 -1.10
CA PHE A 76 -4.43 -1.05 -0.82
C PHE A 76 -5.90 -1.46 -0.59
N SER A 77 -6.76 -0.56 -0.09
CA SER A 77 -8.21 -0.80 -0.15
C SER A 77 -8.72 -0.74 -1.60
N CYS A 78 -8.32 0.25 -2.42
CA CYS A 78 -8.75 0.32 -3.83
C CYS A 78 -8.42 -0.98 -4.59
N PHE A 79 -7.22 -1.54 -4.37
CA PHE A 79 -6.83 -2.87 -4.84
C PHE A 79 -7.71 -4.01 -4.26
N HIS A 80 -7.96 -4.05 -2.94
CA HIS A 80 -8.78 -5.11 -2.31
C HIS A 80 -10.27 -5.04 -2.69
N TYR A 81 -10.76 -3.89 -3.14
CA TYR A 81 -12.08 -3.70 -3.72
C TYR A 81 -12.11 -4.09 -5.21
N SER A 82 -10.96 -4.29 -5.86
CA SER A 82 -10.80 -4.57 -7.30
C SER A 82 -10.46 -6.03 -7.63
N THR A 83 -9.31 -6.55 -7.15
CA THR A 83 -8.83 -7.94 -7.35
C THR A 83 -8.83 -8.44 -8.82
N GLU A 84 -8.60 -7.53 -9.78
CA GLU A 84 -8.73 -7.76 -11.23
C GLU A 84 -7.66 -8.69 -11.81
N GLU A 85 -6.40 -8.24 -11.84
CA GLU A 85 -5.29 -8.90 -12.56
C GLU A 85 -3.92 -8.33 -12.14
N ILE A 86 -3.80 -7.01 -12.14
CA ILE A 86 -2.61 -6.25 -11.74
C ILE A 86 -2.95 -5.41 -10.50
N LYS A 87 -1.98 -5.21 -9.58
CA LYS A 87 -2.18 -4.46 -8.33
C LYS A 87 -2.68 -3.04 -8.62
N GLY A 88 -3.98 -2.84 -8.49
CA GLY A 88 -4.60 -1.57 -8.83
C GLY A 88 -4.57 -1.21 -10.32
N SER A 89 -4.75 -2.16 -11.24
CA SER A 89 -5.05 -1.86 -12.66
C SER A 89 -6.16 -0.80 -12.85
N ASP A 90 -7.11 -0.72 -11.93
CA ASP A 90 -8.23 0.23 -11.88
C ASP A 90 -8.06 1.29 -10.77
N CYS A 91 -6.85 1.42 -10.20
CA CYS A 91 -6.52 2.21 -8.98
C CYS A 91 -5.10 2.82 -8.96
N VAL A 92 -4.33 2.75 -10.05
CA VAL A 92 -2.89 3.04 -10.04
C VAL A 92 -2.55 4.47 -9.62
N ASP A 93 -3.47 5.43 -9.75
CA ASP A 93 -3.25 6.79 -9.25
C ASP A 93 -3.14 6.85 -7.71
N GLN A 94 -3.80 5.94 -6.97
CA GLN A 94 -3.68 5.85 -5.52
C GLN A 94 -2.27 5.33 -5.13
N PHE A 95 -1.73 4.37 -5.88
CA PHE A 95 -0.34 3.92 -5.76
C PHE A 95 0.65 5.04 -6.14
N ARG A 96 0.33 5.81 -7.19
CA ARG A 96 1.11 6.98 -7.61
C ARG A 96 1.28 7.97 -6.46
N ALA A 97 0.19 8.21 -5.71
CA ALA A 97 0.21 9.00 -4.48
C ALA A 97 1.02 8.34 -3.34
N MET A 98 0.85 7.03 -3.11
CA MET A 98 1.61 6.28 -2.10
C MET A 98 3.12 6.51 -2.25
N GLN A 99 3.67 6.20 -3.43
CA GLN A 99 5.08 6.48 -3.72
C GLN A 99 5.36 7.99 -3.57
N GLU A 100 4.64 8.86 -4.26
CA GLU A 100 4.85 10.32 -4.26
C GLU A 100 4.98 10.97 -2.88
N CYS A 101 4.24 10.46 -1.88
CA CYS A 101 4.28 10.96 -0.51
C CYS A 101 5.30 10.22 0.36
N MET A 102 5.51 8.91 0.15
CA MET A 102 6.42 8.13 1.00
C MET A 102 7.88 8.32 0.57
N GLN A 103 8.12 8.65 -0.69
CA GLN A 103 9.44 8.87 -1.30
C GLN A 103 10.18 10.06 -0.68
N LYS A 104 9.43 10.99 -0.04
CA LYS A 104 9.97 12.09 0.78
C LYS A 104 10.67 11.59 2.05
N TYR A 105 10.18 10.50 2.66
CA TYR A 105 10.44 10.17 4.07
C TYR A 105 11.05 8.76 4.25
N PRO A 106 12.32 8.66 4.65
CA PRO A 106 13.04 7.38 4.66
C PRO A 106 12.69 6.49 5.86
N ASP A 107 12.73 7.01 7.10
CA ASP A 107 12.57 6.19 8.32
C ASP A 107 12.26 7.04 9.56
N LEU A 108 11.23 7.84 9.36
CA LEU A 108 10.86 8.99 10.15
C LEU A 108 9.89 8.61 11.27
N TYR A 109 8.93 7.75 10.92
CA TYR A 109 7.60 7.67 11.54
C TYR A 109 7.50 6.52 12.55
N GLU B 47 -2.27 -15.67 13.42
CA GLU B 47 -2.45 -15.04 12.09
C GLU B 47 -1.11 -14.54 11.56
N HIS B 48 -1.04 -14.11 10.29
CA HIS B 48 0.20 -13.78 9.58
C HIS B 48 0.53 -12.27 9.63
N CYS B 49 0.94 -11.77 10.81
CA CYS B 49 1.33 -10.37 11.00
C CYS B 49 2.72 -10.07 10.39
N GLY B 50 2.87 -8.95 9.69
CA GLY B 50 4.15 -8.58 9.03
C GLY B 50 4.51 -9.45 7.80
N HIS B 51 3.57 -10.26 7.33
CA HIS B 51 3.77 -11.27 6.28
C HIS B 51 3.42 -10.77 4.86
N LEU B 52 2.78 -9.60 4.75
CA LEU B 52 2.37 -8.99 3.48
C LEU B 52 3.27 -7.80 3.09
N ILE B 53 3.94 -7.15 4.06
CA ILE B 53 4.57 -5.83 3.89
C ILE B 53 5.79 -5.79 2.95
N GLU B 54 6.69 -6.76 2.98
CA GLU B 54 7.82 -6.80 2.04
C GLU B 54 7.31 -7.01 0.59
N ALA B 55 6.22 -7.76 0.42
CA ALA B 55 5.48 -7.88 -0.83
C ALA B 55 4.64 -6.62 -1.18
N HIS B 56 4.17 -5.81 -0.23
CA HIS B 56 3.61 -4.48 -0.53
C HIS B 56 4.68 -3.62 -1.22
N LYS B 57 5.89 -3.58 -0.62
CA LYS B 57 7.02 -2.78 -1.10
C LYS B 57 7.49 -3.26 -2.47
N GLU B 58 7.62 -4.57 -2.68
CA GLU B 58 7.90 -5.17 -4.01
C GLU B 58 6.79 -4.87 -5.02
N SER B 59 5.52 -4.95 -4.64
CA SER B 59 4.39 -4.71 -5.55
C SER B 59 4.35 -3.28 -6.07
N MET B 60 4.53 -2.30 -5.18
CA MET B 60 4.62 -0.88 -5.56
C MET B 60 5.94 -0.59 -6.32
N ARG B 61 7.07 -1.26 -6.00
CA ARG B 61 8.29 -1.18 -6.82
C ARG B 61 8.06 -1.70 -8.25
N ALA B 62 7.41 -2.85 -8.41
CA ALA B 62 7.10 -3.47 -9.70
C ALA B 62 6.13 -2.64 -10.55
N LEU B 63 5.09 -2.08 -9.92
CA LEU B 63 4.10 -1.18 -10.53
C LEU B 63 4.74 0.15 -10.96
N GLY B 64 5.61 0.71 -10.12
CA GLY B 64 6.43 1.89 -10.42
C GLY B 64 7.43 1.65 -11.57
N PHE B 65 8.04 0.47 -11.61
CA PHE B 65 8.92 0.02 -12.69
C PHE B 65 8.18 -0.14 -14.03
N LYS B 66 6.93 -0.64 -14.02
CA LYS B 66 6.19 -0.91 -15.25
C LYS B 66 5.45 0.32 -15.83
N ILE B 67 4.84 1.17 -14.99
CA ILE B 67 3.99 2.30 -15.43
C ILE B 67 4.63 3.66 -15.14
N ASN A 50 -17.83 -7.28 3.72
CA ASN A 50 -17.38 -5.87 3.68
C ASN A 50 -16.14 -5.70 2.81
N GLY A 51 -15.03 -6.36 3.12
CA GLY A 51 -13.76 -6.26 2.37
C GLY A 51 -12.68 -5.37 2.97
N ASN A 52 -12.81 -4.90 4.23
CA ASN A 52 -11.76 -4.13 4.90
C ASN A 52 -10.47 -4.91 5.09
N ILE A 53 -9.38 -4.16 5.16
CA ILE A 53 -8.07 -4.61 5.62
C ILE A 53 -8.08 -4.82 7.14
N ASN A 54 -8.60 -3.82 7.86
CA ASN A 54 -8.40 -3.61 9.30
C ASN A 54 -6.91 -3.37 9.65
N TRP A 55 -6.59 -2.17 10.13
CA TRP A 55 -5.24 -1.58 10.15
C TRP A 55 -4.51 -1.74 11.50
N ASN A 56 -5.08 -2.54 12.40
CA ASN A 56 -4.66 -2.68 13.80
C ASN A 56 -3.54 -3.74 14.02
N SER A 57 -3.28 -4.63 13.06
CA SER A 57 -2.15 -5.56 13.11
C SER A 57 -0.86 -4.81 12.74
N PRO A 58 0.19 -4.84 13.57
CA PRO A 58 1.20 -3.78 13.56
C PRO A 58 2.07 -3.70 12.31
N CYS A 59 2.32 -4.81 11.60
CA CYS A 59 3.26 -4.86 10.48
C CYS A 59 2.71 -4.17 9.22
N LEU A 60 1.48 -4.49 8.80
CA LEU A 60 0.69 -3.72 7.83
C LEU A 60 0.30 -2.36 8.41
N GLY A 61 -0.12 -2.32 9.68
CA GLY A 61 -0.52 -1.09 10.38
C GLY A 61 0.55 0.01 10.35
N GLY A 62 1.83 -0.35 10.40
CA GLY A 62 2.95 0.57 10.22
C GLY A 62 2.99 1.24 8.84
N MET A 63 2.73 0.46 7.78
CA MET A 63 2.55 0.96 6.40
C MET A 63 1.30 1.86 6.27
N ALA A 64 0.30 1.64 7.12
CA ALA A 64 -0.95 2.41 7.19
C ALA A 64 -0.92 3.56 8.22
N SER A 65 0.27 3.86 8.76
CA SER A 65 0.57 4.95 9.69
C SER A 65 1.54 5.95 9.04
N GLY A 66 2.14 6.86 9.80
CA GLY A 66 3.11 7.81 9.26
C GLY A 66 2.50 9.00 8.49
N PRO A 67 3.35 9.85 7.88
CA PRO A 67 2.96 10.86 6.88
C PRO A 67 1.91 10.42 5.85
N CYS A 68 2.07 9.21 5.31
CA CYS A 68 1.40 8.78 4.09
C CYS A 68 0.38 7.66 4.30
N GLY A 69 0.00 7.42 5.56
CA GLY A 69 -0.93 6.34 5.93
C GLY A 69 -2.13 6.23 5.01
N GLU A 70 -2.86 7.32 4.78
CA GLU A 70 -4.04 7.33 3.92
C GLU A 70 -3.78 7.07 2.44
N GLN A 71 -2.56 7.25 1.94
CA GLN A 71 -2.24 6.77 0.61
C GLN A 71 -2.24 5.23 0.60
N PHE A 72 -1.74 4.59 1.66
CA PHE A 72 -1.84 3.13 1.80
C PHE A 72 -3.28 2.67 2.02
N LYS A 73 -4.05 3.36 2.87
CA LYS A 73 -5.45 3.00 3.16
C LYS A 73 -6.23 2.96 1.85
N SER A 74 -6.10 4.03 1.09
CA SER A 74 -6.73 4.25 -0.19
C SER A 74 -6.24 3.29 -1.28
N ALA A 75 -4.93 3.04 -1.40
CA ALA A 75 -4.36 2.12 -2.39
C ALA A 75 -4.76 0.66 -2.14
N PHE A 76 -4.55 0.14 -0.93
CA PHE A 76 -4.85 -1.25 -0.63
C PHE A 76 -6.36 -1.52 -0.50
N SER A 77 -7.17 -0.54 -0.05
CA SER A 77 -8.63 -0.60 -0.17
C SER A 77 -9.06 -0.67 -1.64
N CYS A 78 -8.58 0.23 -2.50
CA CYS A 78 -8.93 0.23 -3.92
C CYS A 78 -8.58 -1.12 -4.58
N PHE A 79 -7.44 -1.73 -4.24
CA PHE A 79 -7.09 -3.10 -4.61
C PHE A 79 -8.07 -4.16 -4.04
N HIS A 80 -8.47 -4.08 -2.77
CA HIS A 80 -9.40 -5.01 -2.11
C HIS A 80 -10.85 -4.96 -2.63
N TYR A 81 -11.25 -3.85 -3.26
CA TYR A 81 -12.49 -3.74 -4.05
C TYR A 81 -12.28 -3.99 -5.57
N SER A 82 -11.05 -4.26 -6.02
CA SER A 82 -10.68 -4.47 -7.44
C SER A 82 -10.36 -5.94 -7.78
N THR A 83 -9.31 -6.52 -7.18
CA THR A 83 -8.85 -7.92 -7.32
C THR A 83 -8.66 -8.39 -8.78
N GLU A 84 -8.34 -7.45 -9.68
CA GLU A 84 -8.36 -7.62 -11.13
C GLU A 84 -7.38 -8.67 -11.66
N GLU A 85 -6.10 -8.31 -11.66
CA GLU A 85 -5.01 -8.94 -12.45
C GLU A 85 -3.62 -8.58 -11.92
N ILE A 86 -3.44 -7.30 -11.58
CA ILE A 86 -2.26 -6.69 -10.96
C ILE A 86 -2.74 -5.82 -9.79
N LYS A 87 -1.86 -5.61 -8.79
CA LYS A 87 -2.09 -4.82 -7.56
C LYS A 87 -2.71 -3.44 -7.86
N GLY A 88 -4.03 -3.36 -7.89
CA GLY A 88 -4.72 -2.14 -8.28
C GLY A 88 -4.47 -1.69 -9.73
N SER A 89 -4.41 -2.59 -10.73
CA SER A 89 -4.36 -2.20 -12.16
C SER A 89 -5.50 -1.31 -12.66
N ASP A 90 -6.57 -1.16 -11.87
CA ASP A 90 -7.69 -0.22 -12.07
C ASP A 90 -7.75 0.87 -10.96
N CYS A 91 -6.61 1.12 -10.31
CA CYS A 91 -6.45 1.96 -9.11
C CYS A 91 -5.07 2.66 -9.06
N VAL A 92 -4.28 2.64 -10.14
CA VAL A 92 -2.84 2.90 -10.06
C VAL A 92 -2.50 4.29 -9.52
N ASP A 93 -3.38 5.28 -9.71
CA ASP A 93 -3.20 6.64 -9.19
C ASP A 93 -3.14 6.71 -7.65
N GLN A 94 -3.76 5.75 -6.93
CA GLN A 94 -3.64 5.66 -5.47
C GLN A 94 -2.23 5.19 -5.05
N PHE A 95 -1.67 4.20 -5.76
CA PHE A 95 -0.30 3.73 -5.56
C PHE A 95 0.72 4.78 -6.05
N ARG A 96 0.39 5.51 -7.13
CA ARG A 96 1.16 6.65 -7.64
C ARG A 96 1.32 7.72 -6.57
N ALA A 97 0.22 8.03 -5.87
CA ALA A 97 0.21 8.92 -4.70
C ALA A 97 0.96 8.34 -3.48
N MET A 98 0.88 7.03 -3.25
CA MET A 98 1.62 6.38 -2.16
C MET A 98 3.13 6.54 -2.34
N GLN A 99 3.64 6.31 -3.55
CA GLN A 99 5.04 6.59 -3.89
C GLN A 99 5.35 8.09 -3.72
N GLU A 100 4.55 8.96 -4.33
CA GLU A 100 4.65 10.43 -4.30
C GLU A 100 4.62 11.07 -2.91
N CYS A 101 4.01 10.40 -1.96
CA CYS A 101 4.05 10.78 -0.55
C CYS A 101 5.27 10.16 0.16
N MET A 102 5.54 8.86 -0.01
CA MET A 102 6.50 8.13 0.84
C MET A 102 7.95 8.50 0.45
N GLN A 103 8.14 8.94 -0.79
CA GLN A 103 9.37 9.51 -1.31
C GLN A 103 9.88 10.74 -0.54
N LYS A 104 9.01 11.41 0.25
CA LYS A 104 9.37 12.52 1.16
C LYS A 104 10.09 12.14 2.44
N TYR A 105 10.00 10.87 2.88
CA TYR A 105 10.38 10.49 4.23
C TYR A 105 11.11 9.14 4.26
N PRO A 106 12.38 9.09 4.67
CA PRO A 106 13.19 7.88 4.49
C PRO A 106 12.84 6.75 5.47
N ASP A 107 12.83 7.04 6.77
CA ASP A 107 12.64 6.06 7.86
C ASP A 107 12.27 6.77 9.15
N LEU A 108 11.10 7.37 9.04
CA LEU A 108 10.61 8.50 9.82
C LEU A 108 9.38 8.09 10.67
N TYR A 109 8.80 6.93 10.36
CA TYR A 109 7.50 6.43 10.82
C TYR A 109 7.49 4.90 10.93
N GLU B 47 13.42 -5.76 10.90
CA GLU B 47 13.18 -5.87 9.44
C GLU B 47 12.31 -7.08 9.11
N HIS B 48 11.61 -7.01 7.98
CA HIS B 48 10.82 -8.09 7.37
C HIS B 48 9.76 -8.70 8.32
N CYS B 49 8.90 -7.85 8.88
CA CYS B 49 7.97 -8.20 9.97
C CYS B 49 6.85 -9.23 9.61
N GLY B 50 6.70 -9.60 8.34
CA GLY B 50 5.76 -10.61 7.85
C GLY B 50 5.85 -10.77 6.32
N HIS B 51 4.93 -11.52 5.70
CA HIS B 51 4.96 -11.76 4.25
C HIS B 51 4.21 -10.71 3.42
N LEU B 52 3.07 -10.19 3.91
CA LEU B 52 2.27 -9.22 3.14
C LEU B 52 2.83 -7.78 3.15
N ILE B 53 3.67 -7.39 4.12
CA ILE B 53 4.44 -6.14 4.03
C ILE B 53 5.34 -6.11 2.78
N GLU B 54 6.01 -7.22 2.47
CA GLU B 54 6.76 -7.40 1.22
C GLU B 54 5.83 -7.49 0.00
N ALA B 55 4.56 -7.91 0.14
CA ALA B 55 3.57 -7.80 -0.93
C ALA B 55 3.11 -6.34 -1.20
N HIS B 56 3.01 -5.49 -0.18
CA HIS B 56 2.74 -4.05 -0.34
C HIS B 56 3.94 -3.37 -1.06
N LYS B 57 5.15 -3.71 -0.61
CA LYS B 57 6.42 -3.29 -1.25
C LYS B 57 6.51 -3.77 -2.69
N GLU B 58 6.24 -5.05 -2.97
CA GLU B 58 6.13 -5.63 -4.32
C GLU B 58 5.10 -4.89 -5.19
N SER B 59 3.96 -4.46 -4.62
CA SER B 59 2.97 -3.64 -5.32
C SER B 59 3.61 -2.32 -5.79
N MET B 60 4.13 -1.53 -4.85
CA MET B 60 4.69 -0.20 -5.21
C MET B 60 6.01 -0.26 -6.00
N ARG B 61 6.83 -1.30 -5.78
CA ARG B 61 8.09 -1.59 -6.50
C ARG B 61 7.81 -1.95 -7.96
N ALA B 62 6.80 -2.80 -8.22
CA ALA B 62 6.38 -3.14 -9.57
C ALA B 62 5.70 -1.97 -10.29
N LEU B 63 4.93 -1.12 -9.58
CA LEU B 63 4.47 0.15 -10.16
C LEU B 63 5.68 1.02 -10.56
N GLY B 64 6.58 1.30 -9.62
CA GLY B 64 7.77 2.14 -9.85
C GLY B 64 8.65 1.64 -11.00
N PHE B 65 8.76 0.32 -11.16
CA PHE B 65 9.43 -0.34 -12.28
C PHE B 65 8.70 -0.09 -13.62
N LYS B 66 7.43 -0.47 -13.74
CA LYS B 66 6.69 -0.42 -15.03
C LYS B 66 6.14 0.95 -15.43
N ILE B 67 6.17 1.96 -14.54
CA ILE B 67 5.88 3.38 -14.86
C ILE B 67 7.09 4.11 -15.44
N ASN A 50 -16.87 -5.25 7.99
CA ASN A 50 -17.30 -3.88 7.61
C ASN A 50 -16.63 -3.39 6.32
N GLY A 51 -16.56 -4.24 5.30
CA GLY A 51 -16.00 -3.97 3.97
C GLY A 51 -14.50 -3.68 3.92
N ASN A 52 -13.80 -3.63 5.05
CA ASN A 52 -12.47 -3.04 5.20
C ASN A 52 -11.33 -4.07 5.26
N ILE A 53 -10.10 -3.57 5.22
CA ILE A 53 -8.87 -4.31 5.54
C ILE A 53 -8.81 -4.72 7.02
N ASN A 54 -9.15 -3.77 7.91
CA ASN A 54 -8.79 -3.73 9.33
C ASN A 54 -7.27 -3.62 9.55
N TRP A 55 -6.78 -2.44 9.93
CA TRP A 55 -5.37 -2.01 9.78
C TRP A 55 -4.46 -2.33 10.97
N ASN A 56 -4.81 -3.34 11.78
CA ASN A 56 -4.15 -3.62 13.07
C ASN A 56 -3.07 -4.72 12.97
N SER A 57 -2.07 -4.64 13.87
CA SER A 57 -0.79 -5.35 13.80
C SER A 57 0.07 -5.00 12.57
N PRO A 58 1.40 -5.18 12.62
CA PRO A 58 2.32 -4.56 11.65
C PRO A 58 2.41 -5.26 10.28
N CYS A 59 1.36 -5.99 9.88
CA CYS A 59 1.18 -6.55 8.53
C CYS A 59 0.83 -5.44 7.53
N LEU A 60 -0.35 -4.80 7.65
CA LEU A 60 -0.61 -3.49 7.05
C LEU A 60 -0.36 -2.34 8.02
N GLY A 61 -0.42 -2.53 9.34
CA GLY A 61 -0.48 -1.42 10.31
C GLY A 61 0.69 -0.42 10.28
N GLY A 62 1.89 -0.86 9.91
CA GLY A 62 3.03 0.02 9.64
C GLY A 62 2.92 0.72 8.29
N MET A 63 2.64 -0.04 7.23
CA MET A 63 2.44 0.46 5.86
C MET A 63 1.27 1.47 5.76
N ALA A 64 0.26 1.30 6.62
CA ALA A 64 -0.93 2.11 6.78
C ALA A 64 -0.79 3.24 7.83
N SER A 65 0.36 3.33 8.51
CA SER A 65 0.78 4.46 9.35
C SER A 65 1.82 5.32 8.61
N GLY A 66 2.30 6.40 9.23
CA GLY A 66 3.31 7.29 8.65
C GLY A 66 2.72 8.49 7.88
N PRO A 67 3.58 9.35 7.29
CA PRO A 67 3.21 10.45 6.40
C PRO A 67 2.24 10.08 5.28
N CYS A 68 2.31 8.86 4.76
CA CYS A 68 1.60 8.39 3.58
C CYS A 68 0.70 7.19 3.88
N GLY A 69 0.41 6.96 5.16
CA GLY A 69 -0.39 5.83 5.63
C GLY A 69 -1.74 5.78 4.93
N GLU A 70 -2.39 6.94 4.83
CA GLU A 70 -3.66 7.17 4.12
C GLU A 70 -3.60 6.81 2.64
N GLN A 71 -2.43 6.92 2.00
CA GLN A 71 -2.25 6.47 0.62
C GLN A 71 -2.25 4.94 0.54
N PHE A 72 -1.75 4.25 1.57
CA PHE A 72 -1.93 2.79 1.67
C PHE A 72 -3.38 2.41 1.95
N LYS A 73 -4.06 3.13 2.84
CA LYS A 73 -5.50 2.94 3.12
C LYS A 73 -6.27 2.95 1.80
N SER A 74 -6.05 4.02 1.06
CA SER A 74 -6.66 4.33 -0.22
C SER A 74 -6.28 3.33 -1.34
N ALA A 75 -4.99 3.03 -1.52
CA ALA A 75 -4.52 2.12 -2.57
C ALA A 75 -4.93 0.66 -2.32
N PHE A 76 -4.72 0.14 -1.11
CA PHE A 76 -5.04 -1.25 -0.81
C PHE A 76 -6.54 -1.48 -0.59
N SER A 77 -7.32 -0.48 -0.15
CA SER A 77 -8.79 -0.49 -0.29
C SER A 77 -9.20 -0.58 -1.76
N CYS A 78 -8.72 0.33 -2.61
CA CYS A 78 -9.07 0.32 -4.04
C CYS A 78 -8.76 -1.05 -4.68
N PHE A 79 -7.61 -1.67 -4.35
CA PHE A 79 -7.23 -3.03 -4.75
C PHE A 79 -8.12 -4.14 -4.17
N HIS A 80 -8.51 -4.09 -2.89
CA HIS A 80 -9.38 -5.09 -2.24
C HIS A 80 -10.82 -5.05 -2.75
N TYR A 81 -11.28 -3.91 -3.26
CA TYR A 81 -12.52 -3.79 -4.05
C TYR A 81 -12.33 -4.14 -5.54
N SER A 82 -11.14 -3.88 -6.12
CA SER A 82 -10.84 -4.11 -7.54
C SER A 82 -10.92 -5.59 -7.92
N THR A 83 -10.12 -6.44 -7.25
CA THR A 83 -10.04 -7.89 -7.46
C THR A 83 -9.79 -8.31 -8.92
N GLU A 84 -8.97 -7.57 -9.67
CA GLU A 84 -8.76 -7.79 -11.11
C GLU A 84 -7.72 -8.88 -11.44
N GLU A 85 -6.43 -8.59 -11.24
CA GLU A 85 -5.32 -9.54 -11.44
C GLU A 85 -3.97 -8.98 -10.96
N ILE A 86 -3.74 -7.68 -11.20
CA ILE A 86 -2.49 -6.96 -10.94
C ILE A 86 -2.72 -5.90 -9.85
N LYS A 87 -1.68 -5.53 -9.09
CA LYS A 87 -1.78 -4.45 -8.10
C LYS A 87 -2.05 -3.12 -8.82
N GLY A 88 -3.28 -2.60 -8.71
CA GLY A 88 -3.61 -1.29 -9.26
C GLY A 88 -4.01 -1.26 -10.73
N SER A 89 -4.29 -2.39 -11.41
CA SER A 89 -4.75 -2.40 -12.81
C SER A 89 -6.05 -1.63 -13.09
N ASP A 90 -6.82 -1.26 -12.08
CA ASP A 90 -7.89 -0.25 -12.15
C ASP A 90 -7.80 0.81 -11.03
N CYS A 91 -6.65 0.91 -10.35
CA CYS A 91 -6.47 1.70 -9.12
C CYS A 91 -5.09 2.40 -9.01
N VAL A 92 -4.31 2.45 -10.09
CA VAL A 92 -2.91 2.91 -10.10
C VAL A 92 -2.71 4.34 -9.57
N ASP A 93 -3.67 5.26 -9.73
CA ASP A 93 -3.54 6.64 -9.22
C ASP A 93 -3.33 6.71 -7.69
N GLN A 94 -3.88 5.75 -6.93
CA GLN A 94 -3.68 5.66 -5.48
C GLN A 94 -2.27 5.19 -5.11
N PHE A 95 -1.72 4.22 -5.86
CA PHE A 95 -0.33 3.76 -5.71
C PHE A 95 0.66 4.84 -6.18
N ARG A 96 0.27 5.59 -7.22
CA ARG A 96 0.98 6.79 -7.64
C ARG A 96 0.99 7.85 -6.55
N ALA A 97 -0.11 8.04 -5.83
CA ALA A 97 -0.14 8.90 -4.65
C ALA A 97 0.72 8.38 -3.49
N MET A 98 0.84 7.05 -3.30
CA MET A 98 1.86 6.49 -2.40
C MET A 98 3.26 6.97 -2.79
N GLN A 99 3.65 6.82 -4.07
CA GLN A 99 4.97 7.26 -4.54
C GLN A 99 5.14 8.79 -4.37
N GLU A 100 4.19 9.56 -4.88
CA GLU A 100 4.08 11.04 -4.82
C GLU A 100 4.04 11.61 -3.40
N CYS A 101 3.65 10.81 -2.42
CA CYS A 101 3.80 11.12 -1.01
C CYS A 101 5.16 10.66 -0.44
N MET A 102 5.63 9.45 -0.76
CA MET A 102 6.76 8.81 -0.09
C MET A 102 8.08 9.38 -0.60
N GLN A 103 8.08 9.99 -1.79
CA GLN A 103 9.16 10.79 -2.36
C GLN A 103 9.60 11.95 -1.44
N LYS A 104 8.73 12.42 -0.53
CA LYS A 104 9.09 13.37 0.54
C LYS A 104 10.20 12.84 1.45
N TYR A 105 10.16 11.55 1.77
CA TYR A 105 10.84 11.01 2.96
C TYR A 105 11.36 9.57 2.75
N PRO A 106 12.67 9.33 2.91
CA PRO A 106 13.24 7.99 2.73
C PRO A 106 13.18 7.10 3.97
N ASP A 107 13.32 7.66 5.17
CA ASP A 107 13.60 6.89 6.39
C ASP A 107 13.29 7.70 7.65
N LEU A 108 12.01 7.97 7.81
CA LEU A 108 11.46 9.03 8.69
C LEU A 108 10.37 8.47 9.63
N TYR A 109 9.88 7.26 9.35
CA TYR A 109 8.64 6.66 9.87
C TYR A 109 8.79 5.16 10.05
N GLU B 47 8.00 -9.77 15.39
CA GLU B 47 6.89 -9.69 14.42
C GLU B 47 7.27 -8.81 13.23
N HIS B 48 7.83 -9.44 12.19
CA HIS B 48 8.00 -8.79 10.89
C HIS B 48 6.68 -8.77 10.09
N CYS B 49 5.80 -9.77 10.28
CA CYS B 49 4.48 -9.86 9.64
C CYS B 49 4.55 -10.06 8.11
N GLY B 50 5.55 -10.84 7.66
CA GLY B 50 5.87 -11.14 6.25
C GLY B 50 4.76 -11.85 5.46
N HIS B 51 3.74 -12.39 6.15
CA HIS B 51 2.57 -13.03 5.53
C HIS B 51 1.83 -12.12 4.53
N LEU B 52 1.90 -10.80 4.70
CA LEU B 52 1.50 -9.84 3.66
C LEU B 52 2.44 -8.62 3.50
N ILE B 53 3.22 -8.19 4.50
CA ILE B 53 4.12 -7.02 4.30
C ILE B 53 5.26 -7.28 3.30
N GLU B 54 5.68 -8.53 3.11
CA GLU B 54 6.66 -8.93 2.08
C GLU B 54 6.10 -8.65 0.67
N ALA B 55 4.83 -9.01 0.46
CA ALA B 55 4.09 -8.71 -0.75
C ALA B 55 3.82 -7.19 -0.88
N HIS B 56 3.54 -6.48 0.21
CA HIS B 56 3.32 -5.02 0.17
C HIS B 56 4.58 -4.26 -0.25
N LYS B 57 5.74 -4.59 0.33
CA LYS B 57 7.04 -4.00 -0.04
C LYS B 57 7.38 -4.32 -1.49
N GLU B 58 7.25 -5.58 -1.91
CA GLU B 58 7.40 -5.96 -3.32
C GLU B 58 6.46 -5.17 -4.25
N SER B 59 5.19 -5.03 -3.87
CA SER B 59 4.15 -4.34 -4.66
C SER B 59 4.49 -2.85 -4.83
N MET B 60 4.79 -2.15 -3.74
CA MET B 60 5.02 -0.70 -3.78
C MET B 60 6.40 -0.32 -4.36
N ARG B 61 7.40 -1.21 -4.31
CA ARG B 61 8.64 -1.05 -5.12
C ARG B 61 8.36 -1.28 -6.61
N ALA B 62 7.62 -2.32 -6.98
CA ALA B 62 7.26 -2.58 -8.39
C ALA B 62 6.45 -1.41 -9.00
N LEU B 63 5.40 -0.95 -8.30
CA LEU B 63 4.68 0.27 -8.68
C LEU B 63 5.61 1.48 -8.73
N GLY B 64 6.52 1.64 -7.76
CA GLY B 64 7.57 2.66 -7.79
C GLY B 64 8.45 2.64 -9.05
N PHE B 65 8.76 1.47 -9.60
CA PHE B 65 9.44 1.31 -10.89
C PHE B 65 8.51 1.45 -12.12
N LYS B 66 7.19 1.29 -11.94
CA LYS B 66 6.17 1.62 -12.97
C LYS B 66 5.78 3.11 -13.06
N ILE B 67 5.95 3.94 -12.01
CA ILE B 67 5.62 5.39 -12.06
C ILE B 67 6.60 6.15 -12.96
N ASN A 50 -17.68 -4.88 1.41
CA ASN A 50 -17.00 -4.33 2.61
C ASN A 50 -15.74 -3.55 2.25
N GLY A 51 -14.85 -4.08 1.41
CA GLY A 51 -13.64 -3.39 0.95
C GLY A 51 -12.58 -3.19 2.04
N ASN A 52 -12.63 -4.02 3.08
CA ASN A 52 -11.96 -3.84 4.34
C ASN A 52 -10.58 -4.53 4.40
N ILE A 53 -9.76 -4.10 5.35
CA ILE A 53 -8.47 -4.71 5.69
C ILE A 53 -8.37 -5.08 7.18
N ASN A 54 -8.72 -4.14 8.05
CA ASN A 54 -8.39 -4.09 9.47
C ASN A 54 -6.86 -4.01 9.69
N TRP A 55 -6.35 -2.81 10.05
CA TRP A 55 -4.97 -2.38 9.81
C TRP A 55 -4.03 -2.76 10.95
N ASN A 56 -3.98 -4.07 11.16
CA ASN A 56 -3.76 -4.67 12.45
C ASN A 56 -2.97 -5.98 12.33
N SER A 57 -2.35 -6.43 13.42
CA SER A 57 -1.43 -7.57 13.48
C SER A 57 -0.18 -7.44 12.55
N PRO A 58 0.72 -8.45 12.45
CA PRO A 58 1.99 -8.34 11.70
C PRO A 58 1.78 -8.53 10.17
N CYS A 59 0.87 -7.75 9.59
CA CYS A 59 0.42 -7.81 8.19
C CYS A 59 0.53 -6.43 7.51
N LEU A 60 -0.54 -5.63 7.38
CA LEU A 60 -0.49 -4.29 6.76
C LEU A 60 -0.21 -3.16 7.76
N GLY A 61 -0.33 -3.37 9.07
CA GLY A 61 -0.33 -2.29 10.08
C GLY A 61 0.83 -1.28 10.01
N GLY A 62 2.07 -1.76 9.92
CA GLY A 62 3.28 -0.92 9.77
C GLY A 62 3.49 -0.35 8.36
N MET A 63 2.92 -0.98 7.34
CA MET A 63 2.80 -0.47 5.96
C MET A 63 1.76 0.67 5.88
N ALA A 64 0.67 0.52 6.62
CA ALA A 64 -0.52 1.37 6.67
C ALA A 64 -0.43 2.52 7.70
N SER A 65 0.59 2.52 8.56
CA SER A 65 0.88 3.61 9.52
C SER A 65 2.03 4.48 9.01
N GLY A 66 2.05 5.76 9.37
CA GLY A 66 3.08 6.72 8.94
C GLY A 66 2.55 7.93 8.16
N PRO A 67 3.44 8.89 7.81
CA PRO A 67 3.15 10.07 6.97
C PRO A 67 2.39 9.76 5.68
N CYS A 68 2.69 8.63 5.04
CA CYS A 68 2.04 8.16 3.82
C CYS A 68 1.17 6.91 4.07
N GLY A 69 0.90 6.58 5.33
CA GLY A 69 0.17 5.38 5.72
C GLY A 69 -1.24 5.35 5.10
N GLU A 70 -1.93 6.48 5.14
CA GLU A 70 -3.21 6.76 4.50
C GLU A 70 -3.20 6.56 2.98
N GLN A 71 -2.05 6.70 2.32
CA GLN A 71 -1.92 6.35 0.91
C GLN A 71 -1.93 4.84 0.71
N PHE A 72 -1.36 4.06 1.66
CA PHE A 72 -1.54 2.60 1.69
C PHE A 72 -2.99 2.22 1.98
N LYS A 73 -3.65 2.89 2.94
CA LYS A 73 -5.08 2.70 3.24
C LYS A 73 -5.91 2.84 1.97
N SER A 74 -5.69 3.95 1.28
CA SER A 74 -6.35 4.34 0.05
C SER A 74 -6.05 3.39 -1.12
N ALA A 75 -4.79 3.00 -1.31
CA ALA A 75 -4.36 2.08 -2.36
C ALA A 75 -4.89 0.65 -2.17
N PHE A 76 -4.66 0.05 -0.99
CA PHE A 76 -5.07 -1.33 -0.73
C PHE A 76 -6.59 -1.47 -0.54
N SER A 77 -7.29 -0.48 0.04
CA SER A 77 -8.75 -0.46 0.01
C SER A 77 -9.29 -0.34 -1.42
N CYS A 78 -8.79 0.60 -2.25
CA CYS A 78 -9.22 0.70 -3.64
C CYS A 78 -9.00 -0.64 -4.40
N PHE A 79 -7.87 -1.31 -4.18
CA PHE A 79 -7.60 -2.65 -4.71
C PHE A 79 -8.58 -3.73 -4.19
N HIS A 80 -8.92 -3.73 -2.89
CA HIS A 80 -9.93 -4.65 -2.31
C HIS A 80 -11.36 -4.38 -2.82
N TYR A 81 -11.68 -3.13 -3.19
CA TYR A 81 -12.89 -2.75 -3.93
C TYR A 81 -12.84 -3.18 -5.41
N SER A 82 -11.64 -3.41 -5.98
CA SER A 82 -11.41 -3.63 -7.42
C SER A 82 -11.53 -5.10 -7.85
N THR A 83 -10.75 -6.00 -7.24
CA THR A 83 -10.60 -7.43 -7.60
C THR A 83 -10.53 -7.71 -9.11
N GLU A 84 -9.69 -6.94 -9.82
CA GLU A 84 -9.45 -7.09 -11.26
C GLU A 84 -8.53 -8.27 -11.61
N GLU A 85 -7.25 -8.16 -11.29
CA GLU A 85 -6.21 -9.17 -11.53
C GLU A 85 -4.87 -8.82 -10.86
N ILE A 86 -4.44 -7.56 -11.03
CA ILE A 86 -3.13 -7.05 -10.59
C ILE A 86 -3.34 -6.01 -9.48
N LYS A 87 -2.33 -5.75 -8.63
CA LYS A 87 -2.43 -4.73 -7.58
C LYS A 87 -2.69 -3.35 -8.18
N GLY A 88 -3.93 -2.88 -8.02
CA GLY A 88 -4.35 -1.58 -8.50
C GLY A 88 -4.33 -1.38 -10.00
N SER A 89 -4.50 -2.42 -10.82
CA SER A 89 -4.67 -2.25 -12.28
C SER A 89 -5.85 -1.37 -12.68
N ASP A 90 -6.79 -1.11 -11.75
CA ASP A 90 -7.82 -0.06 -11.87
C ASP A 90 -7.85 0.91 -10.67
N CYS A 91 -6.70 1.15 -10.01
CA CYS A 91 -6.55 2.03 -8.83
C CYS A 91 -5.18 2.74 -8.73
N VAL A 92 -4.37 2.72 -9.78
CA VAL A 92 -2.97 3.18 -9.79
C VAL A 92 -2.77 4.62 -9.29
N ASP A 93 -3.73 5.55 -9.42
CA ASP A 93 -3.60 6.93 -8.89
C ASP A 93 -3.42 7.00 -7.35
N GLN A 94 -3.88 5.97 -6.61
CA GLN A 94 -3.71 5.85 -5.16
C GLN A 94 -2.31 5.30 -4.78
N PHE A 95 -1.81 4.29 -5.51
CA PHE A 95 -0.42 3.80 -5.38
C PHE A 95 0.57 4.90 -5.81
N ARG A 96 0.20 5.66 -6.84
CA ARG A 96 0.85 6.87 -7.29
C ARG A 96 0.83 7.97 -6.25
N ALA A 97 -0.26 8.13 -5.49
CA ALA A 97 -0.23 8.98 -4.30
C ALA A 97 0.73 8.48 -3.22
N MET A 98 0.91 7.16 -3.03
CA MET A 98 1.96 6.67 -2.12
C MET A 98 3.37 7.08 -2.59
N GLN A 99 3.70 6.87 -3.87
CA GLN A 99 4.95 7.39 -4.46
C GLN A 99 5.07 8.92 -4.29
N GLU A 100 4.06 9.69 -4.72
CA GLU A 100 3.95 11.16 -4.63
C GLU A 100 4.08 11.70 -3.20
N CYS A 101 3.68 10.92 -2.21
CA CYS A 101 3.89 11.22 -0.81
C CYS A 101 5.31 10.86 -0.35
N MET A 102 5.86 9.72 -0.78
CA MET A 102 7.12 9.22 -0.23
C MET A 102 8.31 10.01 -0.78
N GLN A 103 8.16 10.51 -2.00
CA GLN A 103 9.11 11.33 -2.73
C GLN A 103 9.24 12.77 -2.19
N LYS A 104 8.33 13.23 -1.32
CA LYS A 104 8.42 14.52 -0.62
C LYS A 104 9.33 14.49 0.61
N TYR A 105 9.53 13.32 1.23
CA TYR A 105 10.20 13.24 2.54
C TYR A 105 11.47 12.39 2.53
N PRO A 106 12.63 12.99 2.83
CA PRO A 106 13.85 12.24 3.13
C PRO A 106 13.87 11.63 4.54
N ASP A 107 13.17 12.19 5.54
CA ASP A 107 13.63 12.04 6.94
C ASP A 107 12.59 12.43 8.00
N LEU A 108 11.39 12.85 7.59
CA LEU A 108 10.34 13.43 8.43
C LEU A 108 9.68 12.43 9.40
N TYR A 109 10.07 11.16 9.26
CA TYR A 109 9.44 9.94 9.77
C TYR A 109 9.76 9.65 11.24
N GLU B 47 -6.17 -12.46 13.45
CA GLU B 47 -6.44 -11.58 12.30
C GLU B 47 -6.12 -12.30 10.99
N HIS B 48 -7.10 -12.42 10.08
CA HIS B 48 -7.02 -13.24 8.85
C HIS B 48 -6.09 -12.62 7.79
N CYS B 49 -4.78 -12.83 7.93
CA CYS B 49 -3.71 -12.39 7.02
C CYS B 49 -2.38 -13.09 7.37
N GLY B 50 -1.41 -13.09 6.45
CA GLY B 50 -0.05 -13.57 6.72
C GLY B 50 0.92 -13.33 5.56
N HIS B 51 1.11 -14.34 4.70
CA HIS B 51 2.05 -14.33 3.57
C HIS B 51 1.93 -13.14 2.60
N LEU B 52 0.81 -12.40 2.61
CA LEU B 52 0.58 -11.22 1.78
C LEU B 52 1.61 -10.09 2.00
N ILE B 53 2.27 -10.00 3.16
CA ILE B 53 3.18 -8.87 3.45
C ILE B 53 4.46 -8.88 2.59
N GLU B 54 5.08 -10.04 2.38
CA GLU B 54 6.24 -10.16 1.50
C GLU B 54 5.84 -9.98 0.03
N ALA B 55 4.67 -10.48 -0.36
CA ALA B 55 4.12 -10.31 -1.70
C ALA B 55 3.83 -8.83 -2.02
N HIS B 56 3.09 -8.13 -1.15
CA HIS B 56 2.78 -6.71 -1.38
C HIS B 56 3.98 -5.78 -1.21
N LYS B 57 4.98 -6.15 -0.38
CA LYS B 57 6.27 -5.44 -0.37
C LYS B 57 7.00 -5.59 -1.71
N GLU B 58 7.07 -6.79 -2.30
CA GLU B 58 7.69 -6.95 -3.63
C GLU B 58 6.90 -6.29 -4.77
N SER B 59 5.56 -6.22 -4.71
CA SER B 59 4.77 -5.52 -5.74
C SER B 59 4.79 -4.00 -5.59
N MET B 60 4.78 -3.43 -4.38
CA MET B 60 5.02 -1.99 -4.18
C MET B 60 6.48 -1.57 -4.43
N ARG B 61 7.45 -2.49 -4.31
CA ARG B 61 8.83 -2.31 -4.81
C ARG B 61 8.87 -2.25 -6.34
N ALA B 62 8.24 -3.21 -7.02
CA ALA B 62 8.17 -3.23 -8.49
C ALA B 62 7.45 -1.98 -9.05
N LEU B 63 6.33 -1.55 -8.44
CA LEU B 63 5.66 -0.30 -8.78
C LEU B 63 6.59 0.90 -8.54
N GLY B 64 7.24 0.98 -7.37
CA GLY B 64 8.19 2.04 -7.04
C GLY B 64 9.39 2.14 -7.99
N PHE B 65 9.79 1.02 -8.62
CA PHE B 65 10.84 0.94 -9.64
C PHE B 65 10.34 1.36 -11.05
N LYS B 66 9.10 0.98 -11.42
CA LYS B 66 8.49 1.29 -12.73
C LYS B 66 7.86 2.68 -12.84
N ILE B 67 7.49 3.32 -11.74
CA ILE B 67 6.79 4.62 -11.74
C ILE B 67 7.71 5.80 -12.03
N ASN A 50 -16.82 -6.58 3.85
CA ASN A 50 -16.66 -5.33 4.62
C ASN A 50 -15.94 -4.24 3.82
N GLY A 51 -15.01 -4.56 2.91
CA GLY A 51 -14.14 -3.58 2.24
C GLY A 51 -13.05 -3.01 3.16
N ASN A 52 -12.60 -3.77 4.16
CA ASN A 52 -11.72 -3.30 5.23
C ASN A 52 -10.58 -4.26 5.59
N ILE A 53 -9.62 -3.73 6.35
CA ILE A 53 -8.25 -4.25 6.48
C ILE A 53 -7.88 -4.61 7.92
N ASN A 54 -8.17 -3.74 8.89
CA ASN A 54 -7.61 -3.71 10.23
C ASN A 54 -6.12 -3.27 10.24
N TRP A 55 -5.89 -1.96 10.05
CA TRP A 55 -4.57 -1.32 9.89
C TRP A 55 -3.68 -1.44 11.14
N ASN A 56 -4.29 -1.68 12.30
CA ASN A 56 -3.63 -1.93 13.59
C ASN A 56 -2.72 -3.19 13.59
N SER A 57 -2.89 -4.12 12.63
CA SER A 57 -2.06 -5.31 12.48
C SER A 57 -0.68 -4.98 11.88
N PRO A 58 0.46 -5.39 12.50
CA PRO A 58 1.81 -4.95 12.10
C PRO A 58 2.23 -5.21 10.64
N CYS A 59 1.54 -6.14 9.96
CA CYS A 59 1.65 -6.34 8.52
C CYS A 59 1.42 -5.06 7.70
N LEU A 60 0.37 -4.29 7.99
CA LEU A 60 0.10 -2.98 7.37
C LEU A 60 0.43 -1.81 8.32
N GLY A 61 0.56 -2.04 9.62
CA GLY A 61 0.70 -0.99 10.64
C GLY A 61 1.92 -0.07 10.52
N GLY A 62 2.96 -0.48 9.80
CA GLY A 62 4.14 0.35 9.51
C GLY A 62 4.07 1.15 8.21
N MET A 63 3.22 0.75 7.25
CA MET A 63 3.05 1.39 5.94
C MET A 63 1.75 2.22 5.84
N ALA A 64 0.69 1.73 6.48
CA ALA A 64 -0.58 2.43 6.73
C ALA A 64 -0.47 3.48 7.87
N SER A 65 0.67 3.57 8.55
CA SER A 65 1.05 4.70 9.42
C SER A 65 2.15 5.54 8.76
N GLY A 66 2.22 6.85 9.06
CA GLY A 66 3.22 7.77 8.52
C GLY A 66 2.64 9.09 8.00
N PRO A 67 3.50 9.96 7.44
CA PRO A 67 3.12 11.11 6.58
C PRO A 67 2.06 10.81 5.51
N CYS A 68 2.01 9.58 5.00
CA CYS A 68 1.24 9.22 3.81
C CYS A 68 0.29 8.04 4.08
N GLY A 69 -0.02 7.81 5.35
CA GLY A 69 -0.89 6.72 5.81
C GLY A 69 -2.09 6.50 4.90
N GLU A 70 -2.88 7.54 4.65
CA GLU A 70 -4.10 7.47 3.85
C GLU A 70 -3.89 7.13 2.39
N GLN A 71 -2.72 7.37 1.81
CA GLN A 71 -2.43 6.88 0.48
C GLN A 71 -2.28 5.35 0.48
N PHE A 72 -1.72 4.79 1.57
CA PHE A 72 -1.73 3.34 1.78
C PHE A 72 -3.14 2.79 2.03
N LYS A 73 -3.93 3.47 2.90
CA LYS A 73 -5.31 3.08 3.20
C LYS A 73 -6.13 2.96 1.92
N SER A 74 -6.09 4.03 1.14
CA SER A 74 -6.84 4.23 -0.08
C SER A 74 -6.35 3.34 -1.23
N ALA A 75 -5.04 3.07 -1.35
CA ALA A 75 -4.50 2.10 -2.31
C ALA A 75 -4.95 0.66 -2.02
N PHE A 76 -4.73 0.17 -0.79
CA PHE A 76 -5.01 -1.22 -0.46
C PHE A 76 -6.53 -1.49 -0.32
N SER A 77 -7.30 -0.50 0.16
CA SER A 77 -8.76 -0.52 0.07
C SER A 77 -9.20 -0.58 -1.40
N CYS A 78 -8.76 0.34 -2.26
CA CYS A 78 -9.16 0.32 -3.68
C CYS A 78 -8.82 -1.03 -4.35
N PHE A 79 -7.66 -1.63 -4.06
CA PHE A 79 -7.35 -3.02 -4.47
C PHE A 79 -8.39 -4.04 -3.95
N HIS A 80 -8.80 -4.00 -2.68
CA HIS A 80 -9.85 -4.87 -2.13
C HIS A 80 -11.28 -4.58 -2.63
N TYR A 81 -11.52 -3.40 -3.20
CA TYR A 81 -12.73 -3.08 -4.00
C TYR A 81 -12.57 -3.43 -5.50
N SER A 82 -11.40 -3.91 -5.94
CA SER A 82 -11.05 -4.23 -7.34
C SER A 82 -10.91 -5.73 -7.59
N THR A 83 -9.97 -6.40 -6.91
CA THR A 83 -9.73 -7.87 -6.91
C THR A 83 -9.42 -8.50 -8.27
N GLU A 84 -9.04 -7.71 -9.27
CA GLU A 84 -8.98 -8.13 -10.69
C GLU A 84 -8.01 -9.29 -10.99
N GLU A 85 -6.71 -9.03 -10.83
CA GLU A 85 -5.60 -9.98 -11.08
C GLU A 85 -4.29 -9.39 -10.51
N ILE A 86 -4.06 -8.12 -10.85
CA ILE A 86 -2.88 -7.33 -10.48
C ILE A 86 -3.26 -6.42 -9.32
N LYS A 87 -2.31 -6.08 -8.44
CA LYS A 87 -2.53 -5.30 -7.22
C LYS A 87 -3.16 -3.92 -7.50
N GLY A 88 -4.49 -3.89 -7.54
CA GLY A 88 -5.27 -2.72 -7.90
C GLY A 88 -4.86 -2.10 -9.24
N SER A 89 -4.77 -2.87 -10.34
CA SER A 89 -4.39 -2.28 -11.65
C SER A 89 -5.32 -1.12 -12.08
N ASP A 90 -6.61 -1.20 -11.72
CA ASP A 90 -7.63 -0.17 -11.93
C ASP A 90 -7.56 0.99 -10.89
N CYS A 91 -6.72 0.83 -9.86
CA CYS A 91 -6.53 1.70 -8.70
C CYS A 91 -5.13 2.32 -8.62
N VAL A 92 -4.33 2.19 -9.68
CA VAL A 92 -2.92 2.61 -9.73
C VAL A 92 -2.69 4.08 -9.36
N ASP A 93 -3.67 4.96 -9.54
CA ASP A 93 -3.54 6.38 -9.14
C ASP A 93 -3.40 6.54 -7.61
N GLN A 94 -3.93 5.59 -6.80
CA GLN A 94 -3.70 5.53 -5.35
C GLN A 94 -2.32 4.97 -4.99
N PHE A 95 -1.82 3.95 -5.70
CA PHE A 95 -0.45 3.44 -5.49
C PHE A 95 0.58 4.49 -5.91
N ARG A 96 0.31 5.22 -7.00
CA ARG A 96 1.14 6.34 -7.42
C ARG A 96 1.06 7.50 -6.45
N ALA A 97 -0.11 7.79 -5.86
CA ALA A 97 -0.24 8.73 -4.75
C ALA A 97 0.58 8.31 -3.51
N MET A 98 0.63 7.00 -3.20
CA MET A 98 1.47 6.46 -2.14
C MET A 98 2.94 6.79 -2.40
N GLN A 99 3.44 6.50 -3.60
CA GLN A 99 4.82 6.83 -3.97
C GLN A 99 5.07 8.36 -3.98
N GLU A 100 4.18 9.13 -4.61
CA GLU A 100 4.18 10.61 -4.75
C GLU A 100 4.13 11.37 -3.42
N CYS A 101 3.52 10.76 -2.40
CA CYS A 101 3.57 11.28 -1.04
C CYS A 101 4.83 10.77 -0.29
N MET A 102 5.22 9.50 -0.44
CA MET A 102 6.24 8.89 0.43
C MET A 102 7.65 9.37 0.05
N GLN A 103 7.81 9.82 -1.19
CA GLN A 103 8.98 10.50 -1.71
C GLN A 103 9.31 11.82 -0.95
N LYS A 104 8.37 12.34 -0.14
CA LYS A 104 8.57 13.50 0.76
C LYS A 104 9.47 13.22 1.97
N TYR A 105 9.52 11.96 2.44
CA TYR A 105 10.17 11.58 3.70
C TYR A 105 10.89 10.23 3.56
N PRO A 106 12.21 10.15 3.80
CA PRO A 106 12.98 8.94 3.52
C PRO A 106 12.79 7.83 4.56
N ASP A 107 12.87 8.13 5.86
CA ASP A 107 13.01 7.10 6.91
C ASP A 107 12.55 7.56 8.30
N LEU A 108 11.33 8.06 8.32
CA LEU A 108 10.77 8.99 9.30
C LEU A 108 9.58 8.35 10.07
N TYR A 109 9.11 7.19 9.62
CA TYR A 109 7.83 6.57 10.01
C TYR A 109 7.96 5.06 10.25
N GLU B 47 -2.59 -14.77 16.10
CA GLU B 47 -2.65 -13.83 14.96
C GLU B 47 -1.26 -13.54 14.38
N HIS B 48 -1.11 -13.64 13.04
CA HIS B 48 0.11 -13.36 12.26
C HIS B 48 -0.13 -12.63 10.93
N CYS B 49 -1.39 -12.37 10.52
CA CYS B 49 -1.82 -11.62 9.33
C CYS B 49 -1.44 -12.22 7.94
N GLY B 50 -0.41 -13.06 7.83
CA GLY B 50 0.00 -13.77 6.60
C GLY B 50 1.08 -13.04 5.76
N HIS B 51 1.32 -13.56 4.55
CA HIS B 51 2.44 -13.18 3.66
C HIS B 51 2.25 -11.86 2.87
N LEU B 52 1.11 -11.19 2.99
CA LEU B 52 0.73 -10.05 2.14
C LEU B 52 1.75 -8.90 2.09
N ILE B 53 2.55 -8.71 3.15
CA ILE B 53 3.59 -7.66 3.24
C ILE B 53 4.75 -7.90 2.26
N GLU B 54 5.09 -9.17 1.98
CA GLU B 54 6.08 -9.51 0.95
C GLU B 54 5.64 -8.98 -0.43
N ALA B 55 4.37 -9.19 -0.78
CA ALA B 55 3.74 -8.64 -1.97
C ALA B 55 3.50 -7.12 -1.93
N HIS B 56 3.29 -6.52 -0.75
CA HIS B 56 3.30 -5.04 -0.62
C HIS B 56 4.63 -4.50 -1.11
N LYS B 57 5.76 -5.03 -0.60
CA LYS B 57 7.10 -4.54 -0.95
C LYS B 57 7.41 -4.78 -2.43
N GLU B 58 7.19 -6.01 -2.91
CA GLU B 58 7.43 -6.38 -4.31
C GLU B 58 6.65 -5.48 -5.28
N SER B 59 5.33 -5.32 -5.09
CA SER B 59 4.48 -4.54 -5.99
C SER B 59 4.74 -3.03 -5.91
N MET B 60 4.93 -2.45 -4.72
CA MET B 60 5.18 -1.02 -4.58
C MET B 60 6.60 -0.61 -5.05
N ARG B 61 7.59 -1.52 -4.96
CA ARG B 61 8.91 -1.33 -5.57
C ARG B 61 8.89 -1.54 -7.09
N ALA B 62 8.16 -2.53 -7.60
CA ALA B 62 7.95 -2.68 -9.05
C ALA B 62 7.28 -1.43 -9.66
N LEU B 63 6.29 -0.85 -8.97
CA LEU B 63 5.69 0.45 -9.32
C LEU B 63 6.73 1.59 -9.25
N GLY B 64 7.51 1.68 -8.17
CA GLY B 64 8.60 2.66 -8.03
C GLY B 64 9.65 2.58 -9.16
N PHE B 65 9.89 1.38 -9.70
CA PHE B 65 10.75 1.12 -10.85
C PHE B 65 10.06 1.38 -12.20
N LYS B 66 8.73 1.23 -12.29
CA LYS B 66 7.88 1.42 -13.50
C LYS B 66 7.37 2.86 -13.73
N ILE B 67 7.40 3.72 -12.70
CA ILE B 67 7.25 5.19 -12.83
C ILE B 67 8.42 5.77 -13.65
N ASN A 50 -17.23 -5.01 1.03
CA ASN A 50 -16.36 -4.76 2.20
C ASN A 50 -15.12 -3.96 1.81
N GLY A 51 -14.09 -4.59 1.25
CA GLY A 51 -12.84 -3.96 0.77
C GLY A 51 -12.02 -3.16 1.81
N ASN A 52 -12.24 -3.43 3.09
CA ASN A 52 -11.90 -2.58 4.23
C ASN A 52 -10.51 -2.79 4.86
N ILE A 53 -9.89 -3.95 4.63
CA ILE A 53 -8.67 -4.47 5.27
C ILE A 53 -8.84 -4.80 6.77
N ASN A 54 -9.33 -3.85 7.56
CA ASN A 54 -9.30 -3.85 9.04
C ASN A 54 -7.86 -3.77 9.61
N TRP A 55 -7.20 -2.62 9.41
CA TRP A 55 -5.75 -2.38 9.49
C TRP A 55 -5.03 -2.87 10.73
N ASN A 56 -5.72 -2.81 11.87
CA ASN A 56 -5.21 -3.16 13.18
C ASN A 56 -5.33 -4.66 13.52
N SER A 57 -5.78 -5.51 12.58
CA SER A 57 -5.80 -6.98 12.73
C SER A 57 -4.47 -7.63 12.29
N PRO A 58 -4.10 -7.70 11.00
CA PRO A 58 -2.75 -8.10 10.58
C PRO A 58 -1.73 -6.99 10.88
N CYS A 59 -0.44 -7.23 10.60
CA CYS A 59 0.64 -6.27 10.78
C CYS A 59 0.71 -5.12 9.73
N LEU A 60 -0.42 -4.69 9.16
CA LEU A 60 -0.46 -3.61 8.15
C LEU A 60 -0.16 -2.22 8.70
N GLY A 61 -0.24 -2.01 10.01
CA GLY A 61 0.01 -0.70 10.66
C GLY A 61 1.36 -0.08 10.27
N GLY A 62 2.42 -0.86 10.16
CA GLY A 62 3.73 -0.40 9.66
C GLY A 62 3.72 0.15 8.22
N MET A 63 2.72 -0.22 7.40
CA MET A 63 2.48 0.35 6.07
C MET A 63 1.36 1.41 6.06
N ALA A 64 0.36 1.28 6.94
CA ALA A 64 -0.90 2.05 6.91
C ALA A 64 -0.98 3.22 7.91
N SER A 65 -0.08 3.30 8.89
CA SER A 65 0.24 4.50 9.67
C SER A 65 1.40 5.28 9.04
N GLY A 66 1.57 6.56 9.39
CA GLY A 66 2.59 7.47 8.85
C GLY A 66 1.96 8.70 8.16
N PRO A 67 2.78 9.74 7.85
CA PRO A 67 2.41 10.87 6.99
C PRO A 67 1.61 10.46 5.75
N CYS A 68 2.06 9.39 5.07
CA CYS A 68 1.47 8.88 3.83
C CYS A 68 0.61 7.63 4.03
N GLY A 69 0.25 7.30 5.28
CA GLY A 69 -0.47 6.08 5.63
C GLY A 69 -1.80 6.00 4.89
N GLU A 70 -2.50 7.12 4.77
CA GLU A 70 -3.74 7.26 4.00
C GLU A 70 -3.58 6.94 2.52
N GLN A 71 -2.39 7.13 1.94
CA GLN A 71 -2.12 6.70 0.57
C GLN A 71 -2.10 5.17 0.49
N PHE A 72 -1.62 4.50 1.54
CA PHE A 72 -1.77 3.04 1.63
C PHE A 72 -3.21 2.61 1.87
N LYS A 73 -3.96 3.32 2.73
CA LYS A 73 -5.39 3.06 2.95
C LYS A 73 -6.14 3.12 1.62
N SER A 74 -5.91 4.20 0.89
CA SER A 74 -6.45 4.48 -0.43
C SER A 74 -6.01 3.45 -1.48
N ALA A 75 -4.73 3.07 -1.54
CA ALA A 75 -4.22 2.09 -2.51
C ALA A 75 -4.69 0.65 -2.24
N PHE A 76 -4.53 0.15 -1.02
CA PHE A 76 -4.90 -1.24 -0.69
C PHE A 76 -6.42 -1.41 -0.57
N SER A 77 -7.17 -0.42 -0.06
CA SER A 77 -8.64 -0.45 -0.14
C SER A 77 -9.10 -0.36 -1.59
N CYS A 78 -8.59 0.56 -2.43
CA CYS A 78 -8.95 0.58 -3.86
C CYS A 78 -8.73 -0.80 -4.51
N PHE A 79 -7.59 -1.45 -4.24
CA PHE A 79 -7.32 -2.81 -4.72
C PHE A 79 -8.29 -3.87 -4.13
N HIS A 80 -8.61 -3.83 -2.84
CA HIS A 80 -9.56 -4.77 -2.24
C HIS A 80 -11.03 -4.53 -2.68
N TYR A 81 -11.36 -3.33 -3.14
CA TYR A 81 -12.54 -2.98 -3.93
C TYR A 81 -12.40 -3.31 -5.45
N SER A 82 -11.23 -3.78 -5.91
CA SER A 82 -10.92 -4.09 -7.32
C SER A 82 -10.89 -5.60 -7.61
N THR A 83 -10.03 -6.33 -6.90
CA THR A 83 -9.74 -7.78 -7.09
C THR A 83 -9.58 -8.19 -8.57
N GLU A 84 -8.76 -7.44 -9.31
CA GLU A 84 -8.59 -7.60 -10.76
C GLU A 84 -7.96 -8.95 -11.16
N GLU A 85 -6.89 -9.31 -10.46
CA GLU A 85 -5.96 -10.45 -10.63
C GLU A 85 -4.66 -10.09 -9.88
N ILE A 86 -4.24 -8.84 -10.08
CA ILE A 86 -2.95 -8.23 -9.70
C ILE A 86 -3.22 -7.01 -8.81
N LYS A 87 -2.32 -6.71 -7.86
CA LYS A 87 -2.37 -5.47 -7.06
C LYS A 87 -2.43 -4.23 -7.98
N GLY A 88 -3.45 -3.38 -7.83
CA GLY A 88 -3.42 -2.02 -8.38
C GLY A 88 -3.64 -1.86 -9.88
N SER A 89 -3.81 -2.93 -10.68
CA SER A 89 -4.09 -2.84 -12.13
C SER A 89 -5.21 -1.86 -12.53
N ASP A 90 -6.23 -1.66 -11.71
CA ASP A 90 -7.34 -0.72 -11.96
C ASP A 90 -7.48 0.31 -10.82
N CYS A 91 -6.34 0.65 -10.17
CA CYS A 91 -6.19 1.55 -9.02
C CYS A 91 -4.82 2.24 -8.95
N VAL A 92 -4.02 2.22 -10.04
CA VAL A 92 -2.58 2.53 -10.01
C VAL A 92 -2.26 3.97 -9.63
N ASP A 93 -3.19 4.92 -9.83
CA ASP A 93 -2.99 6.31 -9.39
C ASP A 93 -2.87 6.45 -7.85
N GLN A 94 -3.45 5.52 -7.07
CA GLN A 94 -3.30 5.47 -5.62
C GLN A 94 -1.91 4.93 -5.21
N PHE A 95 -1.39 3.96 -5.95
CA PHE A 95 -0.01 3.47 -5.81
C PHE A 95 1.00 4.55 -6.24
N ARG A 96 0.67 5.30 -7.30
CA ARG A 96 1.44 6.45 -7.76
C ARG A 96 1.56 7.52 -6.68
N ALA A 97 0.45 7.83 -6.00
CA ALA A 97 0.43 8.71 -4.84
C ALA A 97 1.20 8.15 -3.64
N MET A 98 1.13 6.83 -3.40
CA MET A 98 1.88 6.17 -2.34
C MET A 98 3.39 6.40 -2.51
N GLN A 99 3.95 6.11 -3.69
CA GLN A 99 5.37 6.40 -3.94
C GLN A 99 5.67 7.92 -3.89
N GLU A 100 4.87 8.75 -4.56
CA GLU A 100 4.97 10.23 -4.62
C GLU A 100 4.94 10.94 -3.26
N CYS A 101 4.29 10.32 -2.29
CA CYS A 101 4.29 10.75 -0.90
C CYS A 101 5.47 10.14 -0.12
N MET A 102 5.76 8.84 -0.29
CA MET A 102 6.69 8.11 0.57
C MET A 102 8.16 8.39 0.20
N GLN A 103 8.37 8.91 -1.00
CA GLN A 103 9.62 9.49 -1.47
C GLN A 103 10.07 10.72 -0.65
N LYS A 104 9.17 11.42 0.06
CA LYS A 104 9.48 12.55 0.97
C LYS A 104 10.38 12.13 2.14
N TYR A 105 10.16 10.94 2.68
CA TYR A 105 10.69 10.51 3.98
C TYR A 105 11.33 9.12 3.95
N PRO A 106 12.55 8.92 4.48
CA PRO A 106 13.24 7.63 4.44
C PRO A 106 12.68 6.62 5.45
N ASP A 107 12.52 7.04 6.70
CA ASP A 107 12.30 6.19 7.90
C ASP A 107 11.58 6.97 9.04
N LEU A 108 11.09 8.18 8.78
CA LEU A 108 11.15 9.29 9.75
C LEU A 108 10.07 9.25 10.86
N TYR A 109 9.05 8.42 10.67
CA TYR A 109 7.75 8.49 11.34
C TYR A 109 7.65 7.63 12.59
N GLU B 47 8.70 -11.04 15.92
CA GLU B 47 7.32 -11.00 15.36
C GLU B 47 7.29 -11.68 13.99
N HIS B 48 6.41 -12.67 13.82
CA HIS B 48 6.36 -13.53 12.63
C HIS B 48 5.63 -12.95 11.41
N CYS B 49 4.75 -11.96 11.60
CA CYS B 49 3.96 -11.36 10.52
C CYS B 49 4.81 -10.45 9.61
N GLY B 50 4.64 -10.59 8.30
CA GLY B 50 5.32 -9.77 7.27
C GLY B 50 5.09 -10.19 5.82
N HIS B 51 4.34 -11.26 5.54
CA HIS B 51 4.17 -11.80 4.18
C HIS B 51 3.41 -10.86 3.23
N LEU B 52 2.45 -10.06 3.72
CA LEU B 52 1.79 -9.05 2.88
C LEU B 52 2.69 -7.83 2.68
N ILE B 53 3.52 -7.44 3.67
CA ILE B 53 4.45 -6.29 3.56
C ILE B 53 5.46 -6.48 2.41
N GLU B 54 5.98 -7.70 2.25
CA GLU B 54 6.82 -8.10 1.12
C GLU B 54 6.13 -7.78 -0.22
N ALA B 55 4.85 -8.15 -0.36
CA ALA B 55 4.02 -7.87 -1.52
C ALA B 55 3.63 -6.39 -1.66
N HIS B 56 3.41 -5.66 -0.54
CA HIS B 56 3.13 -4.23 -0.55
C HIS B 56 4.28 -3.49 -1.24
N LYS B 57 5.53 -3.70 -0.78
CA LYS B 57 6.70 -3.01 -1.37
C LYS B 57 7.14 -3.58 -2.72
N GLU B 58 6.97 -4.88 -2.97
CA GLU B 58 7.23 -5.51 -4.28
C GLU B 58 6.34 -4.90 -5.39
N SER B 59 5.02 -4.91 -5.17
CA SER B 59 4.04 -4.40 -6.14
C SER B 59 4.07 -2.87 -6.27
N MET B 60 4.15 -2.13 -5.16
CA MET B 60 4.22 -0.66 -5.25
C MET B 60 5.53 -0.19 -5.90
N ARG B 61 6.69 -0.83 -5.64
CA ARG B 61 7.90 -0.48 -6.39
C ARG B 61 7.86 -0.95 -7.86
N ALA B 62 7.22 -2.08 -8.19
CA ALA B 62 7.00 -2.47 -9.59
C ALA B 62 6.20 -1.40 -10.37
N LEU B 63 5.04 -0.99 -9.85
CA LEU B 63 4.23 0.08 -10.42
C LEU B 63 5.03 1.40 -10.47
N GLY B 64 5.71 1.75 -9.37
CA GLY B 64 6.56 2.95 -9.27
C GLY B 64 7.72 3.01 -10.28
N PHE B 65 8.33 1.87 -10.61
CA PHE B 65 9.38 1.76 -11.64
C PHE B 65 8.79 1.80 -13.06
N LYS B 66 7.60 1.24 -13.29
CA LYS B 66 6.88 1.34 -14.58
C LYS B 66 6.34 2.76 -14.87
N ILE B 67 6.02 3.55 -13.83
CA ILE B 67 5.54 4.95 -13.94
C ILE B 67 6.61 5.91 -14.45
N ASN A 50 -16.18 -6.87 5.08
CA ASN A 50 -17.04 -5.84 4.46
C ASN A 50 -16.27 -4.91 3.52
N GLY A 51 -15.61 -5.46 2.49
CA GLY A 51 -14.64 -4.78 1.61
C GLY A 51 -13.31 -4.42 2.31
N ASN A 52 -13.43 -3.93 3.54
CA ASN A 52 -12.44 -3.69 4.59
C ASN A 52 -11.18 -4.55 4.56
N ILE A 53 -10.10 -3.94 5.00
CA ILE A 53 -8.82 -4.58 5.26
C ILE A 53 -8.70 -5.06 6.71
N ASN A 54 -9.04 -4.18 7.65
CA ASN A 54 -8.69 -4.23 9.07
C ASN A 54 -7.17 -4.00 9.31
N TRP A 55 -6.82 -2.76 9.67
CA TRP A 55 -5.45 -2.26 9.80
C TRP A 55 -4.78 -2.67 11.12
N ASN A 56 -5.47 -3.44 11.96
CA ASN A 56 -5.00 -4.00 13.22
C ASN A 56 -3.97 -5.13 13.03
N SER A 57 -3.96 -5.81 11.88
CA SER A 57 -3.01 -6.89 11.57
C SER A 57 -1.58 -6.31 11.42
N PRO A 58 -0.55 -6.76 12.17
CA PRO A 58 0.65 -5.94 12.44
C PRO A 58 1.50 -5.52 11.23
N CYS A 59 1.62 -6.37 10.21
CA CYS A 59 2.53 -6.16 9.09
C CYS A 59 1.97 -5.14 8.08
N LEU A 60 0.76 -5.38 7.57
CA LEU A 60 -0.03 -4.46 6.74
C LEU A 60 -0.36 -3.19 7.55
N GLY A 61 -0.72 -3.33 8.83
CA GLY A 61 -0.96 -2.21 9.74
C GLY A 61 0.23 -1.26 9.87
N GLY A 62 1.46 -1.76 9.82
CA GLY A 62 2.68 -0.94 9.78
C GLY A 62 2.83 -0.12 8.49
N MET A 63 2.43 -0.69 7.35
CA MET A 63 2.35 0.03 6.07
C MET A 63 1.22 1.06 6.08
N ALA A 64 0.07 0.68 6.64
CA ALA A 64 -1.11 1.51 6.90
C ALA A 64 -1.00 2.41 8.16
N SER A 65 0.23 2.71 8.59
CA SER A 65 0.59 3.68 9.64
C SER A 65 1.62 4.66 9.07
N GLY A 66 1.89 5.77 9.76
CA GLY A 66 2.90 6.73 9.32
C GLY A 66 2.38 7.87 8.41
N PRO A 67 3.31 8.75 7.99
CA PRO A 67 3.08 9.93 7.13
C PRO A 67 2.36 9.67 5.81
N CYS A 68 2.54 8.48 5.24
CA CYS A 68 1.90 8.05 3.98
C CYS A 68 0.87 6.94 4.19
N GLY A 69 0.51 6.65 5.45
CA GLY A 69 -0.51 5.66 5.82
C GLY A 69 -1.76 5.70 4.94
N GLU A 70 -2.35 6.88 4.72
CA GLU A 70 -3.56 7.02 3.90
C GLU A 70 -3.37 6.69 2.44
N GLN A 71 -2.17 6.85 1.88
CA GLN A 71 -1.91 6.37 0.54
C GLN A 71 -1.95 4.83 0.52
N PHE A 72 -1.54 4.17 1.62
CA PHE A 72 -1.72 2.72 1.78
C PHE A 72 -3.19 2.35 1.99
N LYS A 73 -3.93 3.07 2.87
CA LYS A 73 -5.37 2.85 3.10
C LYS A 73 -6.13 2.91 1.78
N SER A 74 -5.84 3.95 1.00
CA SER A 74 -6.51 4.29 -0.24
C SER A 74 -6.10 3.39 -1.41
N ALA A 75 -4.82 3.04 -1.55
CA ALA A 75 -4.37 2.06 -2.54
C ALA A 75 -4.93 0.66 -2.28
N PHE A 76 -4.85 0.16 -1.03
CA PHE A 76 -5.26 -1.20 -0.71
C PHE A 76 -6.78 -1.37 -0.57
N SER A 77 -7.53 -0.37 -0.08
CA SER A 77 -9.00 -0.34 -0.18
C SER A 77 -9.45 -0.26 -1.64
N CYS A 78 -8.87 0.63 -2.46
CA CYS A 78 -9.17 0.69 -3.89
C CYS A 78 -8.95 -0.69 -4.55
N PHE A 79 -7.84 -1.38 -4.24
CA PHE A 79 -7.63 -2.73 -4.77
C PHE A 79 -8.65 -3.77 -4.24
N HIS A 80 -9.03 -3.76 -2.96
CA HIS A 80 -10.00 -4.76 -2.45
C HIS A 80 -11.44 -4.52 -2.93
N TYR A 81 -11.79 -3.29 -3.33
CA TYR A 81 -12.99 -3.03 -4.13
C TYR A 81 -12.83 -3.36 -5.62
N SER A 82 -11.59 -3.46 -6.12
CA SER A 82 -11.24 -3.86 -7.50
C SER A 82 -11.24 -5.37 -7.70
N THR A 83 -10.35 -6.11 -7.02
CA THR A 83 -10.13 -7.57 -7.15
C THR A 83 -9.96 -8.06 -8.59
N GLU A 84 -9.38 -7.21 -9.45
CA GLU A 84 -9.43 -7.36 -10.92
C GLU A 84 -8.63 -8.56 -11.42
N GLU A 85 -7.32 -8.52 -11.25
CA GLU A 85 -6.39 -9.62 -11.54
C GLU A 85 -5.01 -9.33 -10.90
N ILE A 86 -4.52 -8.11 -11.13
CA ILE A 86 -3.21 -7.60 -10.69
C ILE A 86 -3.42 -6.51 -9.63
N LYS A 87 -2.50 -6.35 -8.66
CA LYS A 87 -2.59 -5.26 -7.69
C LYS A 87 -2.64 -3.90 -8.41
N GLY A 88 -3.69 -3.11 -8.17
CA GLY A 88 -3.73 -1.71 -8.60
C GLY A 88 -4.02 -1.48 -10.09
N SER A 89 -4.28 -2.52 -10.89
CA SER A 89 -4.51 -2.42 -12.35
C SER A 89 -5.62 -1.48 -12.81
N ASP A 90 -6.55 -1.14 -11.92
CA ASP A 90 -7.65 -0.17 -12.13
C ASP A 90 -7.73 0.85 -10.97
N CYS A 91 -6.60 1.08 -10.29
CA CYS A 91 -6.43 1.87 -9.06
C CYS A 91 -5.05 2.56 -8.95
N VAL A 92 -4.23 2.55 -10.00
CA VAL A 92 -2.78 2.82 -9.93
C VAL A 92 -2.43 4.25 -9.49
N ASP A 93 -3.31 5.24 -9.67
CA ASP A 93 -3.05 6.61 -9.19
C ASP A 93 -2.93 6.69 -7.65
N GLN A 94 -3.51 5.76 -6.89
CA GLN A 94 -3.36 5.68 -5.43
C GLN A 94 -1.98 5.13 -5.04
N PHE A 95 -1.46 4.15 -5.78
CA PHE A 95 -0.09 3.63 -5.62
C PHE A 95 0.95 4.69 -6.07
N ARG A 96 0.61 5.47 -7.09
CA ARG A 96 1.33 6.65 -7.57
C ARG A 96 1.43 7.73 -6.49
N ALA A 97 0.33 7.98 -5.78
CA ALA A 97 0.32 8.86 -4.60
C ALA A 97 1.16 8.30 -3.44
N MET A 98 1.16 6.98 -3.26
CA MET A 98 2.00 6.34 -2.23
C MET A 98 3.48 6.58 -2.48
N GLN A 99 3.96 6.37 -3.71
CA GLN A 99 5.34 6.73 -4.06
C GLN A 99 5.60 8.25 -3.95
N GLU A 100 4.71 9.07 -4.50
CA GLU A 100 4.71 10.55 -4.42
C GLU A 100 4.69 11.14 -3.00
N CYS A 101 4.21 10.36 -2.04
CA CYS A 101 4.31 10.64 -0.62
C CYS A 101 5.62 10.10 -0.03
N MET A 102 6.03 8.87 -0.37
CA MET A 102 7.14 8.17 0.30
C MET A 102 8.50 8.74 -0.12
N GLN A 103 8.52 9.44 -1.25
CA GLN A 103 9.66 10.14 -1.81
C GLN A 103 10.03 11.43 -1.04
N LYS A 104 9.04 12.08 -0.38
CA LYS A 104 9.18 13.41 0.24
C LYS A 104 10.11 13.49 1.44
N TYR A 105 10.21 12.42 2.22
CA TYR A 105 10.75 12.47 3.58
C TYR A 105 12.01 11.60 3.73
N PRO A 106 13.12 12.14 4.23
CA PRO A 106 14.33 11.38 4.49
C PRO A 106 14.36 10.72 5.89
N ASP A 107 13.57 11.21 6.85
CA ASP A 107 13.94 11.13 8.28
C ASP A 107 12.79 11.43 9.27
N LEU A 108 11.60 11.76 8.76
CA LEU A 108 10.53 12.45 9.51
C LEU A 108 9.67 11.49 10.35
N TYR A 109 9.88 10.19 10.15
CA TYR A 109 9.02 9.07 10.54
C TYR A 109 9.20 8.61 11.98
N GLU B 47 1.39 -14.37 17.84
CA GLU B 47 0.40 -14.32 16.74
C GLU B 47 1.08 -13.90 15.43
N HIS B 48 0.43 -14.12 14.28
CA HIS B 48 0.95 -13.75 12.95
C HIS B 48 1.12 -12.22 12.80
N CYS B 49 2.17 -11.79 12.09
CA CYS B 49 2.33 -10.41 11.63
C CYS B 49 1.55 -10.17 10.33
N GLY B 50 1.75 -11.03 9.32
CA GLY B 50 0.95 -11.06 8.09
C GLY B 50 1.64 -11.76 6.91
N HIS B 51 0.85 -12.47 6.09
CA HIS B 51 1.32 -13.21 4.92
C HIS B 51 1.84 -12.31 3.79
N LEU B 52 1.23 -11.13 3.61
CA LEU B 52 1.37 -10.33 2.39
C LEU B 52 2.55 -9.34 2.38
N ILE B 53 3.25 -9.10 3.49
CA ILE B 53 4.16 -7.95 3.65
C ILE B 53 5.29 -7.88 2.59
N GLU B 54 5.96 -8.98 2.28
CA GLU B 54 7.02 -8.98 1.25
C GLU B 54 6.43 -8.81 -0.16
N ALA B 55 5.17 -9.19 -0.38
CA ALA B 55 4.42 -8.98 -1.62
C ALA B 55 3.83 -7.56 -1.72
N HIS B 56 3.51 -6.90 -0.60
CA HIS B 56 3.21 -5.46 -0.56
C HIS B 56 4.45 -4.67 -1.00
N LYS B 57 5.61 -4.93 -0.38
CA LYS B 57 6.87 -4.23 -0.68
C LYS B 57 7.35 -4.50 -2.12
N GLU B 58 7.30 -5.76 -2.57
CA GLU B 58 7.63 -6.11 -3.96
C GLU B 58 6.69 -5.42 -4.96
N SER B 59 5.37 -5.46 -4.75
CA SER B 59 4.39 -4.84 -5.66
C SER B 59 4.54 -3.32 -5.71
N MET B 60 4.65 -2.64 -4.57
CA MET B 60 4.80 -1.18 -4.55
C MET B 60 6.15 -0.73 -5.14
N ARG B 61 7.24 -1.51 -4.97
CA ARG B 61 8.51 -1.25 -5.65
C ARG B 61 8.40 -1.49 -7.16
N ALA B 62 7.81 -2.61 -7.59
CA ALA B 62 7.68 -2.96 -9.01
C ALA B 62 6.80 -1.97 -9.79
N LEU B 63 5.64 -1.60 -9.23
CA LEU B 63 4.72 -0.59 -9.78
C LEU B 63 5.38 0.79 -9.75
N GLY B 64 5.96 1.20 -8.61
CA GLY B 64 6.65 2.48 -8.47
C GLY B 64 7.81 2.65 -9.46
N PHE B 65 8.56 1.57 -9.71
CA PHE B 65 9.60 1.49 -10.74
C PHE B 65 9.03 1.58 -12.17
N LYS B 66 7.89 0.94 -12.44
CA LYS B 66 7.27 0.89 -13.78
C LYS B 66 6.59 2.20 -14.24
N ILE B 67 5.87 2.91 -13.36
CA ILE B 67 5.01 4.08 -13.72
C ILE B 67 5.75 5.36 -14.12
N ASN A 50 -17.94 -1.73 6.44
CA ASN A 50 -16.52 -1.99 6.68
C ASN A 50 -15.80 -2.20 5.35
N GLY A 51 -15.76 -3.42 4.80
CA GLY A 51 -15.04 -3.73 3.55
C GLY A 51 -13.54 -3.45 3.61
N ASN A 52 -12.98 -3.37 4.82
CA ASN A 52 -11.74 -2.69 5.16
C ASN A 52 -10.68 -3.66 5.73
N ILE A 53 -9.43 -3.24 5.64
CA ILE A 53 -8.22 -3.90 6.12
C ILE A 53 -8.13 -3.83 7.67
N ASN A 54 -7.26 -4.64 8.30
CA ASN A 54 -6.62 -4.32 9.58
C ASN A 54 -5.20 -3.74 9.37
N TRP A 55 -5.00 -2.49 9.82
CA TRP A 55 -3.87 -1.63 9.43
C TRP A 55 -2.75 -1.52 10.46
N ASN A 56 -2.94 -2.08 11.65
CA ASN A 56 -2.31 -1.57 12.86
C ASN A 56 -0.98 -2.24 13.26
N SER A 57 -0.96 -3.57 13.26
CA SER A 57 0.16 -4.40 13.74
C SER A 57 0.15 -5.76 13.02
N PRO A 58 -0.95 -6.55 13.08
CA PRO A 58 -1.20 -7.61 12.10
C PRO A 58 -1.40 -7.04 10.69
N CYS A 59 -1.42 -7.91 9.68
CA CYS A 59 -1.66 -7.60 8.27
C CYS A 59 -0.80 -6.42 7.75
N LEU A 60 -1.37 -5.21 7.62
CA LEU A 60 -0.75 -4.04 6.98
C LEU A 60 -0.01 -3.10 7.96
N GLY A 61 0.16 -3.50 9.23
CA GLY A 61 0.84 -2.76 10.31
C GLY A 61 2.10 -1.99 9.92
N GLY A 62 3.11 -2.72 9.42
CA GLY A 62 4.39 -2.14 8.99
C GLY A 62 4.31 -1.15 7.82
N MET A 63 3.22 -1.14 7.06
CA MET A 63 3.07 -0.31 5.85
C MET A 63 2.15 0.91 6.03
N ALA A 64 1.01 0.74 6.71
CA ALA A 64 -0.12 1.67 6.67
C ALA A 64 -0.02 2.82 7.69
N SER A 65 1.19 3.32 7.92
CA SER A 65 1.47 4.52 8.73
C SER A 65 2.60 5.39 8.14
N GLY A 66 2.56 6.69 8.44
CA GLY A 66 3.53 7.69 7.96
C GLY A 66 2.88 8.99 7.47
N PRO A 67 3.68 9.96 6.96
CA PRO A 67 3.24 11.13 6.16
C PRO A 67 2.24 10.86 5.04
N CYS A 68 2.20 9.63 4.55
CA CYS A 68 1.39 9.17 3.42
C CYS A 68 0.58 7.92 3.77
N GLY A 69 0.40 7.67 5.07
CA GLY A 69 -0.26 6.46 5.56
C GLY A 69 -1.63 6.29 4.89
N GLU A 70 -2.40 7.38 4.81
CA GLU A 70 -3.70 7.46 4.17
C GLU A 70 -3.70 7.11 2.68
N GLN A 71 -2.59 7.34 1.97
CA GLN A 71 -2.46 6.91 0.58
C GLN A 71 -2.34 5.39 0.49
N PHE A 72 -1.71 4.74 1.49
CA PHE A 72 -1.77 3.27 1.60
C PHE A 72 -3.18 2.77 1.95
N LYS A 73 -3.87 3.46 2.87
CA LYS A 73 -5.27 3.17 3.21
C LYS A 73 -6.15 3.18 1.97
N SER A 74 -6.04 4.26 1.21
CA SER A 74 -6.75 4.54 -0.04
C SER A 74 -6.38 3.54 -1.15
N ALA A 75 -5.09 3.23 -1.32
CA ALA A 75 -4.60 2.27 -2.33
C ALA A 75 -5.04 0.82 -2.03
N PHE A 76 -4.81 0.30 -0.82
CA PHE A 76 -5.16 -1.08 -0.49
C PHE A 76 -6.67 -1.28 -0.27
N SER A 77 -7.41 -0.25 0.19
CA SER A 77 -8.88 -0.26 0.13
C SER A 77 -9.36 -0.33 -1.31
N CYS A 78 -8.90 0.57 -2.20
CA CYS A 78 -9.27 0.54 -3.61
C CYS A 78 -8.97 -0.84 -4.24
N PHE A 79 -7.84 -1.46 -3.90
CA PHE A 79 -7.53 -2.84 -4.30
C PHE A 79 -8.45 -3.91 -3.68
N HIS A 80 -8.81 -3.82 -2.39
CA HIS A 80 -9.78 -4.74 -1.75
C HIS A 80 -11.17 -4.68 -2.40
N TYR A 81 -11.62 -3.49 -2.80
CA TYR A 81 -12.83 -3.32 -3.61
C TYR A 81 -12.65 -3.78 -5.08
N SER A 82 -11.40 -3.93 -5.57
CA SER A 82 -11.04 -4.35 -6.94
C SER A 82 -10.86 -5.87 -7.10
N THR A 83 -9.85 -6.48 -6.45
CA THR A 83 -9.52 -7.92 -6.49
C THR A 83 -9.41 -8.51 -7.91
N GLU A 84 -8.87 -7.71 -8.84
CA GLU A 84 -8.87 -7.97 -10.29
C GLU A 84 -7.82 -8.99 -10.77
N GLU A 85 -6.55 -8.59 -10.70
CA GLU A 85 -5.40 -9.33 -11.25
C GLU A 85 -4.11 -8.86 -10.58
N ILE A 86 -3.87 -7.55 -10.58
CA ILE A 86 -2.67 -6.90 -10.02
C ILE A 86 -3.07 -5.83 -9.00
N LYS A 87 -2.22 -5.62 -7.98
CA LYS A 87 -2.36 -4.51 -7.00
C LYS A 87 -2.41 -3.17 -7.73
N GLY A 88 -3.60 -2.60 -7.94
CA GLY A 88 -3.73 -1.34 -8.67
C GLY A 88 -4.19 -1.44 -10.12
N SER A 89 -4.48 -2.62 -10.69
CA SER A 89 -4.93 -2.71 -12.09
C SER A 89 -6.25 -1.99 -12.41
N ASP A 90 -7.05 -1.58 -11.42
CA ASP A 90 -8.07 -0.53 -11.59
C ASP A 90 -8.02 0.60 -10.53
N CYS A 91 -6.84 0.79 -9.92
CA CYS A 91 -6.63 1.67 -8.76
C CYS A 91 -5.26 2.38 -8.75
N VAL A 92 -4.48 2.28 -9.83
CA VAL A 92 -3.08 2.71 -9.89
C VAL A 92 -2.87 4.18 -9.54
N ASP A 93 -3.85 5.06 -9.74
CA ASP A 93 -3.76 6.47 -9.34
C ASP A 93 -3.56 6.65 -7.82
N GLN A 94 -4.09 5.75 -6.98
CA GLN A 94 -3.88 5.76 -5.53
C GLN A 94 -2.47 5.30 -5.13
N PHE A 95 -1.90 4.32 -5.86
CA PHE A 95 -0.50 3.90 -5.67
C PHE A 95 0.46 4.98 -6.19
N ARG A 96 0.11 5.66 -7.29
CA ARG A 96 0.84 6.83 -7.79
C ARG A 96 0.83 7.97 -6.78
N ALA A 97 -0.32 8.22 -6.14
CA ALA A 97 -0.43 9.14 -5.00
C ALA A 97 0.47 8.73 -3.82
N MET A 98 0.53 7.43 -3.49
CA MET A 98 1.42 6.93 -2.45
C MET A 98 2.88 7.29 -2.76
N GLN A 99 3.37 7.04 -3.98
CA GLN A 99 4.75 7.40 -4.32
C GLN A 99 4.99 8.92 -4.43
N GLU A 100 4.09 9.65 -5.10
CA GLU A 100 3.99 11.13 -5.18
C GLU A 100 3.96 11.82 -3.82
N CYS A 101 3.49 11.11 -2.80
CA CYS A 101 3.57 11.54 -1.42
C CYS A 101 4.86 11.06 -0.73
N MET A 102 5.33 9.83 -0.96
CA MET A 102 6.43 9.26 -0.17
C MET A 102 7.79 9.86 -0.55
N GLN A 103 7.86 10.41 -1.77
CA GLN A 103 8.92 11.26 -2.28
C GLN A 103 9.19 12.51 -1.41
N LYS A 104 8.23 12.90 -0.53
CA LYS A 104 8.38 13.98 0.47
C LYS A 104 9.35 13.67 1.60
N TYR A 105 9.51 12.40 1.98
CA TYR A 105 10.26 12.01 3.18
C TYR A 105 11.02 10.68 3.02
N PRO A 106 12.34 10.63 3.25
CA PRO A 106 13.14 9.42 3.02
C PRO A 106 13.23 8.44 4.20
N ASP A 107 13.19 8.90 5.45
CA ASP A 107 13.62 8.09 6.60
C ASP A 107 13.10 8.60 7.94
N LEU A 108 11.77 8.63 8.03
CA LEU A 108 11.02 9.49 8.95
C LEU A 108 9.84 8.73 9.63
N TYR A 109 9.54 7.53 9.14
CA TYR A 109 8.31 6.74 9.42
C TYR A 109 8.54 5.23 9.32
N GLU B 47 -3.33 -16.94 0.15
CA GLU B 47 -2.86 -15.65 0.68
C GLU B 47 -3.16 -15.53 2.19
N HIS B 48 -2.16 -15.13 2.98
CA HIS B 48 -2.21 -15.07 4.44
C HIS B 48 -1.76 -13.72 5.04
N CYS B 49 -2.39 -13.32 6.15
CA CYS B 49 -2.17 -12.04 6.83
C CYS B 49 -0.71 -11.78 7.26
N GLY B 50 0.02 -12.83 7.65
CA GLY B 50 1.45 -12.74 8.00
C GLY B 50 2.41 -12.52 6.82
N HIS B 51 2.00 -12.82 5.58
CA HIS B 51 2.90 -12.84 4.41
C HIS B 51 2.48 -11.88 3.27
N LEU B 52 1.19 -11.52 3.14
CA LEU B 52 0.71 -10.59 2.09
C LEU B 52 1.42 -9.23 2.09
N ILE B 53 2.02 -8.85 3.22
CA ILE B 53 2.86 -7.67 3.38
C ILE B 53 4.17 -7.74 2.57
N GLU B 54 4.82 -8.90 2.49
CA GLU B 54 6.06 -9.05 1.69
C GLU B 54 5.77 -8.96 0.19
N ALA B 55 4.67 -9.57 -0.26
CA ALA B 55 4.23 -9.50 -1.65
C ALA B 55 3.84 -8.07 -2.06
N HIS B 56 3.03 -7.37 -1.24
CA HIS B 56 2.66 -5.99 -1.59
C HIS B 56 3.83 -5.00 -1.44
N LYS B 57 4.79 -5.27 -0.53
CA LYS B 57 6.01 -4.47 -0.34
C LYS B 57 6.94 -4.58 -1.55
N GLU B 58 7.20 -5.79 -2.06
CA GLU B 58 7.94 -5.98 -3.32
C GLU B 58 7.17 -5.43 -4.54
N SER B 59 5.83 -5.55 -4.58
CA SER B 59 5.00 -5.01 -5.67
C SER B 59 4.97 -3.47 -5.72
N MET B 60 4.91 -2.79 -4.56
CA MET B 60 4.94 -1.32 -4.50
C MET B 60 6.36 -0.76 -4.70
N ARG B 61 7.39 -1.46 -4.22
CA ARG B 61 8.80 -1.14 -4.54
C ARG B 61 9.07 -1.29 -6.05
N ALA B 62 8.48 -2.29 -6.71
CA ALA B 62 8.49 -2.44 -8.17
C ALA B 62 7.70 -1.34 -8.90
N LEU B 63 6.54 -0.91 -8.37
CA LEU B 63 5.75 0.19 -8.96
C LEU B 63 6.52 1.51 -8.91
N GLY B 64 7.17 1.82 -7.79
CA GLY B 64 8.04 3.01 -7.63
C GLY B 64 9.34 2.92 -8.43
N PHE B 65 9.89 1.72 -8.62
CA PHE B 65 11.05 1.45 -9.49
C PHE B 65 10.74 1.59 -10.98
N LYS B 66 9.55 1.19 -11.43
CA LYS B 66 9.06 1.39 -12.79
C LYS B 66 8.69 2.85 -13.10
N ILE B 67 8.01 3.51 -12.16
CA ILE B 67 7.36 4.84 -12.23
C ILE B 67 6.50 5.08 -13.48
N ASN A 50 -18.63 -4.16 3.09
CA ASN A 50 -17.61 -3.66 4.03
C ASN A 50 -16.24 -3.73 3.39
N GLY A 51 -15.69 -4.93 3.17
CA GLY A 51 -14.36 -5.14 2.56
C GLY A 51 -13.20 -4.43 3.28
N ASN A 52 -13.33 -4.15 4.58
CA ASN A 52 -12.28 -3.45 5.34
C ASN A 52 -11.02 -4.30 5.56
N ILE A 53 -9.91 -3.60 5.78
CA ILE A 53 -8.58 -4.16 6.07
C ILE A 53 -8.42 -4.55 7.55
N ASN A 54 -8.89 -3.68 8.45
CA ASN A 54 -8.54 -3.59 9.87
C ASN A 54 -7.07 -3.16 10.10
N TRP A 55 -6.81 -1.85 10.02
CA TRP A 55 -5.45 -1.26 10.02
C TRP A 55 -4.70 -1.40 11.35
N ASN A 56 -5.39 -1.81 12.42
CA ASN A 56 -4.79 -2.21 13.69
C ASN A 56 -3.91 -3.48 13.55
N SER A 57 -4.13 -4.31 12.52
CA SER A 57 -3.29 -5.49 12.24
C SER A 57 -1.89 -5.05 11.74
N PRO A 58 -0.80 -5.41 12.43
CA PRO A 58 0.49 -4.72 12.28
C PRO A 58 1.18 -4.92 10.91
N CYS A 59 0.78 -5.92 10.13
CA CYS A 59 1.39 -6.19 8.83
C CYS A 59 1.02 -5.10 7.77
N LEU A 60 -0.14 -4.43 7.90
CA LEU A 60 -0.38 -3.12 7.24
C LEU A 60 -0.16 -1.95 8.21
N GLY A 61 -0.29 -2.16 9.52
CA GLY A 61 -0.28 -1.08 10.52
C GLY A 61 0.95 -0.17 10.48
N GLY A 62 2.13 -0.67 10.07
CA GLY A 62 3.30 0.15 9.80
C GLY A 62 3.10 1.06 8.59
N MET A 63 2.72 0.49 7.44
CA MET A 63 2.54 1.19 6.16
C MET A 63 1.31 2.12 6.11
N ALA A 64 0.25 1.79 6.85
CA ALA A 64 -0.96 2.59 7.00
C ALA A 64 -0.86 3.67 8.11
N SER A 65 0.20 3.65 8.94
CA SER A 65 0.64 4.77 9.78
C SER A 65 1.61 5.69 9.01
N GLY A 66 2.01 6.84 9.59
CA GLY A 66 2.96 7.77 8.93
C GLY A 66 2.30 8.95 8.19
N PRO A 67 3.07 9.97 7.79
CA PRO A 67 2.68 11.08 6.90
C PRO A 67 1.88 10.65 5.65
N CYS A 68 2.20 9.50 5.05
CA CYS A 68 1.53 9.01 3.83
C CYS A 68 0.49 7.91 4.07
N GLY A 69 0.04 7.72 5.32
CA GLY A 69 -0.94 6.71 5.72
C GLY A 69 -2.10 6.58 4.75
N GLU A 70 -2.81 7.67 4.47
CA GLU A 70 -4.00 7.65 3.60
C GLU A 70 -3.71 7.20 2.17
N GLN A 71 -2.47 7.32 1.69
CA GLN A 71 -2.14 6.76 0.37
C GLN A 71 -2.14 5.24 0.42
N PHE A 72 -1.67 4.64 1.52
CA PHE A 72 -1.82 3.19 1.73
C PHE A 72 -3.27 2.78 2.00
N LYS A 73 -4.00 3.57 2.80
CA LYS A 73 -5.41 3.27 3.11
C LYS A 73 -6.24 3.19 1.83
N SER A 74 -6.10 4.23 1.03
CA SER A 74 -6.82 4.41 -0.23
C SER A 74 -6.32 3.43 -1.31
N ALA A 75 -5.01 3.14 -1.40
CA ALA A 75 -4.48 2.12 -2.31
C ALA A 75 -4.98 0.70 -2.00
N PHE A 76 -4.81 0.22 -0.76
CA PHE A 76 -5.17 -1.16 -0.43
C PHE A 76 -6.67 -1.38 -0.25
N SER A 77 -7.45 -0.37 0.18
CA SER A 77 -8.92 -0.43 0.07
C SER A 77 -9.38 -0.44 -1.38
N CYS A 78 -8.86 0.45 -2.25
CA CYS A 78 -9.18 0.40 -3.69
C CYS A 78 -8.85 -0.97 -4.29
N PHE A 79 -7.75 -1.62 -3.89
CA PHE A 79 -7.46 -3.00 -4.30
C PHE A 79 -8.42 -4.04 -3.69
N HIS A 80 -8.81 -3.95 -2.41
CA HIS A 80 -9.78 -4.86 -1.77
C HIS A 80 -11.18 -4.78 -2.39
N TYR A 81 -11.52 -3.64 -3.00
CA TYR A 81 -12.72 -3.46 -3.82
C TYR A 81 -12.50 -3.75 -5.33
N SER A 82 -11.25 -3.93 -5.78
CA SER A 82 -10.85 -4.20 -7.17
C SER A 82 -10.73 -5.71 -7.45
N THR A 83 -9.81 -6.40 -6.75
CA THR A 83 -9.57 -7.86 -6.85
C THR A 83 -9.30 -8.36 -8.29
N GLU A 84 -8.65 -7.53 -9.11
CA GLU A 84 -8.49 -7.74 -10.55
C GLU A 84 -7.48 -8.84 -10.92
N GLU A 85 -6.20 -8.55 -10.75
CA GLU A 85 -5.08 -9.32 -11.33
C GLU A 85 -3.76 -9.03 -10.64
N ILE A 86 -3.44 -7.75 -10.46
CA ILE A 86 -2.27 -7.26 -9.72
C ILE A 86 -2.71 -6.19 -8.71
N LYS A 87 -1.94 -6.02 -7.62
CA LYS A 87 -2.13 -4.95 -6.63
C LYS A 87 -2.21 -3.58 -7.31
N GLY A 88 -3.42 -3.05 -7.49
CA GLY A 88 -3.61 -1.74 -8.12
C GLY A 88 -3.63 -1.72 -9.65
N SER A 89 -3.71 -2.85 -10.36
CA SER A 89 -3.83 -2.90 -11.83
C SER A 89 -4.95 -2.03 -12.43
N ASP A 90 -5.96 -1.68 -11.64
CA ASP A 90 -7.05 -0.77 -12.01
C ASP A 90 -7.31 0.29 -10.92
N CYS A 91 -6.35 0.52 -10.01
CA CYS A 91 -6.37 1.50 -8.90
C CYS A 91 -5.03 2.26 -8.78
N VAL A 92 -4.21 2.23 -9.83
CA VAL A 92 -2.79 2.66 -9.85
C VAL A 92 -2.60 4.11 -9.40
N ASP A 93 -3.55 5.02 -9.59
CA ASP A 93 -3.40 6.42 -9.18
C ASP A 93 -3.20 6.57 -7.65
N GLN A 94 -3.76 5.66 -6.85
CA GLN A 94 -3.56 5.62 -5.39
C GLN A 94 -2.15 5.13 -5.02
N PHE A 95 -1.63 4.12 -5.72
CA PHE A 95 -0.26 3.62 -5.55
C PHE A 95 0.77 4.66 -6.06
N ARG A 96 0.42 5.38 -7.13
CA ARG A 96 1.17 6.53 -7.61
C ARG A 96 1.17 7.65 -6.60
N ALA A 97 0.04 7.94 -5.94
CA ALA A 97 0.00 8.90 -4.84
C ALA A 97 0.84 8.45 -3.63
N MET A 98 0.90 7.14 -3.37
CA MET A 98 1.80 6.58 -2.36
C MET A 98 3.27 6.85 -2.69
N GLN A 99 3.69 6.65 -3.94
CA GLN A 99 5.05 7.03 -4.38
C GLN A 99 5.28 8.57 -4.29
N GLU A 100 4.37 9.34 -4.87
CA GLU A 100 4.30 10.82 -4.88
C GLU A 100 4.23 11.47 -3.50
N CYS A 101 3.84 10.71 -2.48
CA CYS A 101 3.94 11.09 -1.07
C CYS A 101 5.21 10.54 -0.39
N MET A 102 5.57 9.27 -0.59
CA MET A 102 6.62 8.60 0.21
C MET A 102 8.03 8.99 -0.25
N GLN A 103 8.12 9.58 -1.44
CA GLN A 103 9.26 10.32 -1.94
C GLN A 103 9.74 11.44 -0.98
N LYS A 104 8.87 11.95 -0.10
CA LYS A 104 9.21 12.94 0.94
C LYS A 104 10.13 12.39 2.03
N TYR A 105 9.88 11.16 2.51
CA TYR A 105 10.46 10.67 3.77
C TYR A 105 10.93 9.20 3.71
N PRO A 106 12.24 8.93 3.90
CA PRO A 106 12.84 7.61 3.64
C PRO A 106 12.66 6.59 4.76
N ASP A 107 12.50 7.02 6.02
CA ASP A 107 12.48 6.17 7.23
C ASP A 107 11.76 6.81 8.44
N LEU A 108 11.21 8.02 8.30
CA LEU A 108 11.26 9.05 9.36
C LEU A 108 10.21 8.87 10.46
N TYR A 109 9.28 7.95 10.25
CA TYR A 109 8.01 7.78 10.97
C TYR A 109 8.02 6.61 11.98
N GLU B 47 8.47 -12.84 15.67
CA GLU B 47 7.48 -12.16 14.84
C GLU B 47 6.85 -13.15 13.87
N HIS B 48 5.62 -12.87 13.43
CA HIS B 48 4.85 -13.70 12.49
C HIS B 48 4.43 -12.95 11.21
N CYS B 49 4.38 -11.61 11.22
CA CYS B 49 4.08 -10.83 10.01
C CYS B 49 5.06 -11.17 8.88
N GLY B 50 4.52 -11.29 7.67
CA GLY B 50 5.21 -11.80 6.48
C GLY B 50 4.26 -11.81 5.28
N HIS B 51 4.50 -12.70 4.32
CA HIS B 51 3.70 -13.00 3.13
C HIS B 51 3.04 -11.77 2.46
N LEU B 52 1.85 -11.31 2.89
CA LEU B 52 1.20 -10.11 2.34
C LEU B 52 2.11 -8.86 2.34
N ILE B 53 2.99 -8.70 3.34
CA ILE B 53 3.92 -7.57 3.45
C ILE B 53 5.02 -7.63 2.37
N GLU B 54 5.49 -8.84 2.02
CA GLU B 54 6.46 -9.04 0.93
C GLU B 54 5.82 -8.74 -0.44
N ALA B 55 4.50 -8.99 -0.58
CA ALA B 55 3.72 -8.56 -1.74
C ALA B 55 3.44 -7.04 -1.75
N HIS B 56 3.19 -6.40 -0.60
CA HIS B 56 3.11 -4.93 -0.50
C HIS B 56 4.43 -4.30 -1.03
N LYS B 57 5.57 -4.76 -0.49
CA LYS B 57 6.93 -4.32 -0.81
C LYS B 57 7.24 -4.48 -2.30
N GLU B 58 7.03 -5.68 -2.84
CA GLU B 58 7.36 -6.00 -4.22
C GLU B 58 6.45 -5.31 -5.24
N SER B 59 5.14 -5.20 -4.98
CA SER B 59 4.22 -4.50 -5.89
C SER B 59 4.47 -3.00 -5.89
N MET B 60 4.70 -2.37 -4.72
CA MET B 60 5.00 -0.92 -4.70
C MET B 60 6.39 -0.60 -5.29
N ARG B 61 7.36 -1.52 -5.19
CA ARG B 61 8.63 -1.44 -5.95
C ARG B 61 8.40 -1.52 -7.47
N ALA B 62 7.69 -2.55 -7.94
CA ALA B 62 7.44 -2.78 -9.36
C ALA B 62 6.66 -1.62 -10.02
N LEU B 63 5.69 -1.05 -9.30
CA LEU B 63 4.89 0.09 -9.75
C LEU B 63 5.71 1.39 -9.73
N GLY B 64 6.49 1.65 -8.68
CA GLY B 64 7.43 2.79 -8.64
C GLY B 64 8.46 2.76 -9.78
N PHE B 65 8.95 1.57 -10.12
CA PHE B 65 9.80 1.33 -11.29
C PHE B 65 9.04 1.53 -12.62
N LYS B 66 7.77 1.12 -12.70
CA LYS B 66 6.94 1.26 -13.92
C LYS B 66 6.55 2.70 -14.25
N ILE B 67 6.37 3.59 -13.25
CA ILE B 67 6.06 5.04 -13.44
C ILE B 67 7.11 5.75 -14.31
N ASN A 50 -18.30 -4.00 3.52
CA ASN A 50 -17.10 -3.80 4.35
C ASN A 50 -15.83 -3.99 3.55
N GLY A 51 -15.38 -5.23 3.32
CA GLY A 51 -14.13 -5.54 2.61
C GLY A 51 -12.86 -4.95 3.24
N ASN A 52 -12.86 -4.63 4.54
CA ASN A 52 -11.75 -3.93 5.19
C ASN A 52 -10.49 -4.80 5.38
N ILE A 53 -9.35 -4.12 5.36
CA ILE A 53 -8.01 -4.69 5.52
C ILE A 53 -7.77 -5.23 6.93
N ASN A 54 -8.19 -4.47 7.94
CA ASN A 54 -7.75 -4.46 9.34
C ASN A 54 -6.38 -3.77 9.55
N TRP A 55 -6.42 -2.47 9.89
CA TRP A 55 -5.23 -1.60 10.02
C TRP A 55 -4.44 -1.74 11.34
N ASN A 56 -4.68 -2.82 12.08
CA ASN A 56 -3.86 -3.26 13.22
C ASN A 56 -3.17 -4.63 12.98
N SER A 57 -3.58 -5.37 11.94
CA SER A 57 -3.10 -6.72 11.63
C SER A 57 -1.58 -6.77 11.36
N PRO A 58 -0.92 -7.95 11.52
CA PRO A 58 0.54 -8.05 11.61
C PRO A 58 1.31 -7.39 10.46
N CYS A 59 2.32 -6.60 10.80
CA CYS A 59 3.22 -5.79 9.96
C CYS A 59 2.55 -4.71 9.07
N LEU A 60 1.37 -4.99 8.50
CA LEU A 60 0.51 -4.00 7.83
C LEU A 60 0.12 -2.88 8.81
N GLY A 61 -0.08 -3.20 10.09
CA GLY A 61 -0.38 -2.23 11.15
C GLY A 61 0.61 -1.06 11.23
N GLY A 62 1.91 -1.29 11.01
CA GLY A 62 2.91 -0.22 10.87
C GLY A 62 2.82 0.55 9.54
N MET A 63 2.45 -0.13 8.46
CA MET A 63 2.42 0.42 7.09
C MET A 63 1.39 1.53 6.88
N ALA A 64 0.24 1.45 7.55
CA ALA A 64 -0.89 2.35 7.32
C ALA A 64 -0.89 3.63 8.20
N SER A 65 0.20 3.85 8.94
CA SER A 65 0.56 5.11 9.62
C SER A 65 1.58 5.92 8.77
N GLY A 66 2.05 7.07 9.26
CA GLY A 66 3.08 7.87 8.58
C GLY A 66 2.56 9.12 7.85
N PRO A 67 3.44 9.92 7.25
CA PRO A 67 3.12 10.99 6.27
C PRO A 67 2.18 10.54 5.14
N CYS A 68 2.22 9.26 4.77
CA CYS A 68 1.52 8.71 3.62
C CYS A 68 0.49 7.64 4.00
N GLY A 69 0.11 7.60 5.28
CA GLY A 69 -0.86 6.63 5.82
C GLY A 69 -2.06 6.43 4.89
N GLU A 70 -2.79 7.50 4.62
CA GLU A 70 -3.96 7.46 3.74
C GLU A 70 -3.66 7.06 2.31
N GLN A 71 -2.44 7.24 1.79
CA GLN A 71 -2.13 6.71 0.47
C GLN A 71 -2.11 5.19 0.49
N PHE A 72 -1.64 4.60 1.60
CA PHE A 72 -1.77 3.15 1.79
C PHE A 72 -3.23 2.73 1.98
N LYS A 73 -4.00 3.46 2.80
CA LYS A 73 -5.43 3.17 3.03
C LYS A 73 -6.19 3.16 1.71
N SER A 74 -6.03 4.22 0.95
CA SER A 74 -6.66 4.51 -0.34
C SER A 74 -6.23 3.49 -1.41
N ALA A 75 -4.94 3.18 -1.53
CA ALA A 75 -4.43 2.20 -2.49
C ALA A 75 -4.85 0.75 -2.17
N PHE A 76 -4.62 0.28 -0.94
CA PHE A 76 -4.91 -1.12 -0.59
C PHE A 76 -6.42 -1.39 -0.44
N SER A 77 -7.24 -0.41 -0.01
CA SER A 77 -8.70 -0.51 -0.10
C SER A 77 -9.18 -0.54 -1.55
N CYS A 78 -8.71 0.36 -2.43
CA CYS A 78 -9.09 0.33 -3.84
C CYS A 78 -8.72 -1.01 -4.50
N PHE A 79 -7.57 -1.60 -4.17
CA PHE A 79 -7.22 -2.99 -4.48
C PHE A 79 -8.24 -4.01 -3.94
N HIS A 80 -8.57 -3.98 -2.64
CA HIS A 80 -9.52 -4.88 -1.98
C HIS A 80 -10.93 -4.85 -2.61
N TYR A 81 -11.31 -3.72 -3.21
CA TYR A 81 -12.54 -3.50 -3.96
C TYR A 81 -12.44 -3.77 -5.47
N SER A 82 -11.23 -4.03 -5.99
CA SER A 82 -10.91 -4.22 -7.42
C SER A 82 -10.74 -5.70 -7.80
N THR A 83 -9.76 -6.38 -7.18
CA THR A 83 -9.43 -7.82 -7.35
C THR A 83 -9.30 -8.32 -8.80
N GLU A 84 -8.91 -7.42 -9.72
CA GLU A 84 -8.73 -7.67 -11.15
C GLU A 84 -7.69 -8.77 -11.44
N GLU A 85 -6.42 -8.40 -11.37
CA GLU A 85 -5.28 -9.23 -11.83
C GLU A 85 -4.01 -8.93 -11.02
N ILE A 86 -3.73 -7.65 -10.81
CA ILE A 86 -2.63 -7.14 -9.97
C ILE A 86 -3.26 -6.19 -8.96
N LYS A 87 -2.55 -5.99 -7.84
CA LYS A 87 -2.77 -4.96 -6.82
C LYS A 87 -3.36 -3.66 -7.39
N GLY A 88 -4.69 -3.57 -7.33
CA GLY A 88 -5.44 -2.43 -7.86
C GLY A 88 -5.10 -2.05 -9.30
N SER A 89 -5.01 -3.00 -10.24
CA SER A 89 -4.70 -2.72 -11.64
C SER A 89 -5.74 -1.90 -12.42
N ASP A 90 -6.88 -1.55 -11.80
CA ASP A 90 -7.79 -0.49 -12.25
C ASP A 90 -7.92 0.71 -11.27
N CYS A 91 -6.96 0.85 -10.35
CA CYS A 91 -6.92 1.76 -9.19
C CYS A 91 -5.58 2.52 -9.09
N VAL A 92 -4.79 2.57 -10.17
CA VAL A 92 -3.35 2.85 -10.07
C VAL A 92 -3.04 4.26 -9.56
N ASP A 93 -3.94 5.24 -9.78
CA ASP A 93 -3.81 6.62 -9.27
C ASP A 93 -3.53 6.68 -7.75
N GLN A 94 -4.11 5.76 -6.97
CA GLN A 94 -3.89 5.68 -5.52
C GLN A 94 -2.47 5.18 -5.16
N PHE A 95 -1.96 4.16 -5.86
CA PHE A 95 -0.57 3.71 -5.70
C PHE A 95 0.42 4.75 -6.26
N ARG A 96 0.03 5.48 -7.31
CA ARG A 96 0.76 6.61 -7.87
C ARG A 96 0.93 7.75 -6.85
N ALA A 97 -0.12 8.01 -6.07
CA ALA A 97 -0.12 8.90 -4.92
C ALA A 97 0.73 8.35 -3.75
N MET A 98 0.75 7.04 -3.54
CA MET A 98 1.61 6.39 -2.54
C MET A 98 3.10 6.62 -2.83
N GLN A 99 3.55 6.43 -4.07
CA GLN A 99 4.93 6.74 -4.47
C GLN A 99 5.21 8.26 -4.38
N GLU A 100 4.33 9.12 -4.92
CA GLU A 100 4.40 10.59 -4.84
C GLU A 100 4.48 11.15 -3.41
N CYS A 101 3.89 10.46 -2.45
CA CYS A 101 4.03 10.79 -1.04
C CYS A 101 5.30 10.16 -0.42
N MET A 102 5.65 8.91 -0.75
CA MET A 102 6.70 8.20 -0.01
C MET A 102 8.10 8.62 -0.43
N GLN A 103 8.21 9.20 -1.63
CA GLN A 103 9.36 9.90 -2.16
C GLN A 103 9.76 11.14 -1.34
N LYS A 104 8.89 11.59 -0.42
CA LYS A 104 9.14 12.67 0.55
C LYS A 104 10.02 12.28 1.74
N TYR A 105 9.85 11.08 2.30
CA TYR A 105 10.39 10.72 3.62
C TYR A 105 11.02 9.32 3.63
N PRO A 106 12.33 9.19 3.92
CA PRO A 106 13.04 7.92 3.77
C PRO A 106 13.01 6.96 4.96
N ASP A 107 12.97 7.47 6.20
CA ASP A 107 12.94 6.63 7.41
C ASP A 107 12.45 7.42 8.63
N LEU A 108 11.15 7.61 8.66
CA LEU A 108 10.49 8.63 9.48
C LEU A 108 9.20 8.07 10.15
N TYR A 109 8.79 6.86 9.75
CA TYR A 109 7.47 6.24 9.99
C TYR A 109 7.43 4.70 9.81
N GLU B 47 4.99 -14.31 14.93
CA GLU B 47 6.03 -15.01 14.13
C GLU B 47 5.91 -14.69 12.65
N HIS B 48 4.83 -15.11 11.98
CA HIS B 48 4.60 -14.92 10.53
C HIS B 48 4.01 -13.52 10.23
N CYS B 49 4.73 -12.47 10.67
CA CYS B 49 4.30 -11.09 10.55
C CYS B 49 4.35 -10.58 9.10
N GLY B 50 5.40 -10.94 8.35
CA GLY B 50 5.69 -10.40 7.03
C GLY B 50 4.90 -11.00 5.86
N HIS B 51 3.76 -11.66 6.12
CA HIS B 51 3.03 -12.48 5.15
C HIS B 51 2.46 -11.71 3.93
N LEU B 52 2.05 -10.43 4.11
CA LEU B 52 1.58 -9.55 3.03
C LEU B 52 2.53 -8.38 2.73
N ILE B 53 3.37 -7.96 3.68
CA ILE B 53 4.20 -6.75 3.54
C ILE B 53 5.35 -6.86 2.53
N GLU B 54 5.85 -8.07 2.24
CA GLU B 54 6.82 -8.28 1.15
C GLU B 54 6.12 -8.14 -0.22
N ALA B 55 4.81 -8.41 -0.30
CA ALA B 55 3.95 -8.12 -1.46
C ALA B 55 3.50 -6.63 -1.54
N HIS B 56 3.28 -5.95 -0.41
CA HIS B 56 3.10 -4.48 -0.40
C HIS B 56 4.32 -3.81 -1.06
N LYS B 57 5.51 -4.16 -0.55
CA LYS B 57 6.82 -3.77 -1.05
C LYS B 57 7.00 -4.14 -2.52
N GLU B 58 6.74 -5.40 -2.90
CA GLU B 58 6.87 -5.86 -4.29
C GLU B 58 6.07 -4.98 -5.26
N SER B 59 4.80 -4.73 -4.92
CA SER B 59 3.87 -3.98 -5.77
C SER B 59 4.28 -2.51 -5.90
N MET B 60 4.59 -1.84 -4.77
CA MET B 60 4.98 -0.42 -4.78
C MET B 60 6.38 -0.18 -5.37
N ARG B 61 7.30 -1.15 -5.24
CA ARG B 61 8.66 -1.08 -5.82
C ARG B 61 8.66 -1.38 -7.31
N ALA B 62 7.86 -2.36 -7.75
CA ALA B 62 7.61 -2.63 -9.16
C ALA B 62 7.00 -1.41 -9.86
N LEU B 63 5.99 -0.77 -9.25
CA LEU B 63 5.42 0.47 -9.77
C LEU B 63 6.45 1.63 -9.78
N GLY B 64 7.20 1.83 -8.68
CA GLY B 64 8.25 2.86 -8.60
C GLY B 64 9.39 2.68 -9.63
N PHE B 65 9.66 1.45 -10.05
CA PHE B 65 10.60 1.14 -11.14
C PHE B 65 9.95 1.30 -12.54
N LYS B 66 8.65 1.03 -12.69
CA LYS B 66 7.90 1.15 -13.94
C LYS B 66 7.63 2.61 -14.38
N ILE B 67 7.21 3.50 -13.47
CA ILE B 67 6.78 4.88 -13.79
C ILE B 67 7.94 5.82 -14.10
N ASN A 50 -19.04 -1.74 4.88
CA ASN A 50 -17.60 -1.39 4.98
C ASN A 50 -16.74 -2.38 4.20
N GLY A 51 -16.50 -3.61 4.69
CA GLY A 51 -15.68 -4.62 4.00
C GLY A 51 -14.19 -4.26 3.81
N ASN A 52 -13.68 -3.25 4.53
CA ASN A 52 -12.30 -2.77 4.49
C ASN A 52 -11.30 -3.71 5.20
N ILE A 53 -10.02 -3.44 4.98
CA ILE A 53 -8.89 -3.92 5.80
C ILE A 53 -9.13 -3.57 7.28
N ASN A 54 -8.69 -4.48 8.17
CA ASN A 54 -8.49 -4.19 9.59
C ASN A 54 -7.09 -3.55 9.80
N TRP A 55 -7.03 -2.23 10.02
CA TRP A 55 -5.77 -1.45 10.06
C TRP A 55 -5.09 -1.52 11.45
N ASN A 56 -4.89 -2.72 11.97
CA ASN A 56 -4.39 -2.99 13.32
C ASN A 56 -3.53 -4.28 13.31
N SER A 57 -2.63 -4.44 14.29
CA SER A 57 -1.40 -5.24 14.26
C SER A 57 -0.37 -4.72 13.22
N PRO A 58 0.91 -4.54 13.60
CA PRO A 58 1.86 -3.66 12.88
C PRO A 58 2.29 -4.15 11.49
N CYS A 59 2.07 -5.43 11.13
CA CYS A 59 2.51 -5.99 9.85
C CYS A 59 1.96 -5.21 8.63
N LEU A 60 0.65 -4.98 8.58
CA LEU A 60 -0.03 -4.05 7.68
C LEU A 60 -0.26 -2.68 8.37
N GLY A 61 -0.46 -2.66 9.69
CA GLY A 61 -0.71 -1.44 10.48
C GLY A 61 0.35 -0.34 10.30
N GLY A 62 1.64 -0.69 10.29
CA GLY A 62 2.74 0.25 10.00
C GLY A 62 2.73 0.78 8.57
N MET A 63 2.31 -0.04 7.60
CA MET A 63 2.09 0.37 6.22
C MET A 63 0.97 1.41 6.12
N ALA A 64 -0.13 1.19 6.85
CA ALA A 64 -1.26 2.11 7.03
C ALA A 64 -1.03 3.21 8.11
N SER A 65 0.21 3.46 8.52
CA SER A 65 0.64 4.53 9.44
C SER A 65 1.57 5.54 8.73
N GLY A 66 2.19 6.48 9.44
CA GLY A 66 3.16 7.40 8.83
C GLY A 66 2.56 8.66 8.16
N PRO A 67 3.39 9.45 7.45
CA PRO A 67 3.01 10.60 6.60
C PRO A 67 1.99 10.28 5.50
N CYS A 68 2.02 9.07 4.96
CA CYS A 68 1.26 8.68 3.76
C CYS A 68 0.32 7.50 4.06
N GLY A 69 -0.02 7.30 5.33
CA GLY A 69 -0.78 6.12 5.76
C GLY A 69 -2.11 6.03 5.02
N GLU A 70 -2.79 7.16 4.87
CA GLU A 70 -4.02 7.37 4.13
C GLU A 70 -3.92 7.07 2.62
N GLN A 71 -2.71 7.16 2.05
CA GLN A 71 -2.44 6.67 0.71
C GLN A 71 -2.40 5.14 0.69
N PHE A 72 -1.88 4.49 1.74
CA PHE A 72 -2.00 3.02 1.87
C PHE A 72 -3.46 2.59 2.04
N LYS A 73 -4.21 3.30 2.90
CA LYS A 73 -5.65 3.08 3.07
C LYS A 73 -6.36 3.09 1.73
N SER A 74 -6.16 4.16 0.99
CA SER A 74 -6.76 4.41 -0.33
C SER A 74 -6.31 3.35 -1.35
N ALA A 75 -5.02 2.99 -1.40
CA ALA A 75 -4.48 2.00 -2.33
C ALA A 75 -4.95 0.56 -2.04
N PHE A 76 -4.80 0.06 -0.82
CA PHE A 76 -5.16 -1.32 -0.47
C PHE A 76 -6.68 -1.53 -0.42
N SER A 77 -7.46 -0.54 0.03
CA SER A 77 -8.92 -0.61 -0.10
C SER A 77 -9.37 -0.58 -1.57
N CYS A 78 -8.86 0.34 -2.39
CA CYS A 78 -9.19 0.36 -3.82
C CYS A 78 -8.78 -0.96 -4.51
N PHE A 79 -7.63 -1.56 -4.18
CA PHE A 79 -7.27 -2.92 -4.60
C PHE A 79 -8.29 -3.99 -4.18
N HIS A 80 -8.75 -3.99 -2.92
CA HIS A 80 -9.77 -4.90 -2.39
C HIS A 80 -11.12 -4.78 -3.12
N TYR A 81 -11.49 -3.59 -3.53
CA TYR A 81 -12.70 -3.33 -4.30
C TYR A 81 -12.52 -3.58 -5.82
N SER A 82 -11.30 -3.47 -6.34
CA SER A 82 -10.95 -3.60 -7.76
C SER A 82 -10.82 -5.04 -8.24
N THR A 83 -9.84 -5.77 -7.68
CA THR A 83 -9.54 -7.19 -7.96
C THR A 83 -9.33 -7.59 -9.44
N GLU A 84 -8.89 -6.65 -10.28
CA GLU A 84 -8.76 -6.81 -11.74
C GLU A 84 -7.81 -7.95 -12.16
N GLU A 85 -6.51 -7.74 -11.94
CA GLU A 85 -5.43 -8.65 -12.39
C GLU A 85 -4.11 -8.34 -11.67
N ILE A 86 -3.76 -7.06 -11.64
CA ILE A 86 -2.61 -6.47 -10.93
C ILE A 86 -3.12 -5.87 -9.62
N LYS A 87 -2.28 -5.66 -8.59
CA LYS A 87 -2.71 -5.01 -7.33
C LYS A 87 -3.29 -3.61 -7.61
N GLY A 88 -4.63 -3.55 -7.68
CA GLY A 88 -5.39 -2.36 -8.03
C GLY A 88 -4.99 -1.71 -9.36
N SER A 89 -4.82 -2.47 -10.46
CA SER A 89 -4.53 -1.88 -11.79
C SER A 89 -5.52 -0.79 -12.25
N ASP A 90 -6.82 -0.85 -11.90
CA ASP A 90 -7.79 0.25 -12.12
C ASP A 90 -7.99 1.13 -10.86
N CYS A 91 -6.95 1.20 -10.03
CA CYS A 91 -6.81 2.01 -8.82
C CYS A 91 -5.40 2.61 -8.71
N VAL A 92 -4.64 2.61 -9.82
CA VAL A 92 -3.21 2.91 -9.86
C VAL A 92 -2.88 4.32 -9.35
N ASP A 93 -3.81 5.28 -9.48
CA ASP A 93 -3.58 6.64 -8.96
C ASP A 93 -3.33 6.66 -7.44
N GLN A 94 -3.88 5.71 -6.68
CA GLN A 94 -3.68 5.60 -5.24
C GLN A 94 -2.29 5.04 -4.89
N PHE A 95 -1.81 4.05 -5.64
CA PHE A 95 -0.44 3.51 -5.52
C PHE A 95 0.60 4.55 -5.97
N ARG A 96 0.28 5.27 -7.05
CA ARG A 96 1.03 6.43 -7.53
C ARG A 96 1.15 7.50 -6.46
N ALA A 97 0.05 7.84 -5.78
CA ALA A 97 0.07 8.77 -4.66
C ALA A 97 0.85 8.26 -3.45
N MET A 98 0.84 6.94 -3.17
CA MET A 98 1.69 6.35 -2.13
C MET A 98 3.18 6.60 -2.43
N GLN A 99 3.65 6.29 -3.64
CA GLN A 99 5.02 6.58 -4.06
C GLN A 99 5.34 8.09 -4.02
N GLU A 100 4.49 8.89 -4.66
CA GLU A 100 4.54 10.36 -4.76
C GLU A 100 4.47 11.11 -3.42
N CYS A 101 3.94 10.45 -2.40
CA CYS A 101 3.97 10.91 -1.01
C CYS A 101 5.23 10.39 -0.28
N MET A 102 5.63 9.13 -0.48
CA MET A 102 6.68 8.51 0.35
C MET A 102 8.08 8.95 -0.09
N GLN A 103 8.19 9.46 -1.31
CA GLN A 103 9.36 10.13 -1.85
C GLN A 103 9.76 11.42 -1.08
N LYS A 104 8.87 11.98 -0.24
CA LYS A 104 9.18 13.11 0.66
C LYS A 104 10.22 12.77 1.73
N TYR A 105 10.19 11.56 2.30
CA TYR A 105 10.80 11.25 3.59
C TYR A 105 11.45 9.85 3.66
N PRO A 106 12.69 9.71 4.15
CA PRO A 106 13.35 8.40 4.29
C PRO A 106 13.19 7.72 5.66
N ASP A 107 13.18 8.49 6.75
CA ASP A 107 13.50 7.99 8.10
C ASP A 107 12.83 8.83 9.18
N LEU A 108 11.52 8.74 9.16
CA LEU A 108 10.60 9.74 9.70
C LEU A 108 9.35 9.05 10.31
N TYR A 109 9.20 7.74 10.10
CA TYR A 109 7.99 6.92 10.32
C TYR A 109 8.30 5.41 10.41
N GLU B 47 4.88 -16.24 14.83
CA GLU B 47 4.32 -14.89 14.79
C GLU B 47 2.91 -14.88 14.19
N HIS B 48 2.00 -14.06 14.73
CA HIS B 48 0.62 -13.89 14.26
C HIS B 48 0.51 -13.41 12.80
N CYS B 49 1.48 -12.60 12.34
CA CYS B 49 1.50 -11.98 11.02
C CYS B 49 2.95 -11.60 10.62
N GLY B 50 3.28 -11.63 9.33
CA GLY B 50 4.61 -11.18 8.86
C GLY B 50 4.98 -11.42 7.39
N HIS B 51 4.19 -12.14 6.60
CA HIS B 51 4.54 -12.49 5.21
C HIS B 51 4.10 -11.44 4.18
N LEU B 52 2.88 -10.88 4.29
CA LEU B 52 2.27 -9.97 3.29
C LEU B 52 3.08 -8.69 3.05
N ILE B 53 3.72 -8.13 4.08
CA ILE B 53 4.44 -6.86 4.01
C ILE B 53 5.62 -6.89 3.02
N GLU B 54 6.26 -8.05 2.86
CA GLU B 54 7.32 -8.25 1.86
C GLU B 54 6.81 -8.09 0.43
N ALA B 55 5.57 -8.52 0.17
CA ALA B 55 4.88 -8.38 -1.11
C ALA B 55 4.17 -7.03 -1.27
N HIS B 56 3.78 -6.34 -0.17
CA HIS B 56 3.42 -4.92 -0.21
C HIS B 56 4.60 -4.15 -0.83
N LYS B 57 5.80 -4.33 -0.26
CA LYS B 57 7.06 -3.72 -0.73
C LYS B 57 7.37 -4.10 -2.18
N GLU B 58 7.51 -5.38 -2.51
CA GLU B 58 7.91 -5.75 -3.88
C GLU B 58 6.88 -5.35 -4.94
N SER B 59 5.57 -5.33 -4.65
CA SER B 59 4.56 -4.84 -5.61
C SER B 59 4.55 -3.31 -5.76
N MET B 60 4.75 -2.52 -4.70
CA MET B 60 4.91 -1.05 -4.86
C MET B 60 6.25 -0.65 -5.49
N ARG B 61 7.29 -1.49 -5.34
CA ARG B 61 8.55 -1.38 -6.10
C ARG B 61 8.36 -1.75 -7.57
N ALA B 62 7.54 -2.76 -7.89
CA ALA B 62 7.17 -3.09 -9.26
C ALA B 62 6.42 -1.94 -9.95
N LEU B 63 5.46 -1.30 -9.26
CA LEU B 63 4.88 -0.03 -9.69
C LEU B 63 5.99 1.00 -9.96
N GLY B 64 6.91 1.21 -9.02
CA GLY B 64 8.08 2.08 -9.20
C GLY B 64 8.94 1.75 -10.44
N PHE B 65 9.09 0.48 -10.80
CA PHE B 65 9.84 0.03 -11.99
C PHE B 65 9.04 0.12 -13.31
N LYS B 66 7.70 0.13 -13.27
CA LYS B 66 6.83 0.17 -14.47
C LYS B 66 6.22 1.55 -14.81
N ILE B 67 6.01 2.44 -13.82
CA ILE B 67 5.29 3.72 -13.98
C ILE B 67 6.03 4.78 -14.80
N ASN A 50 -19.06 -0.80 6.23
CA ASN A 50 -17.82 -0.39 5.51
C ASN A 50 -17.12 -1.61 4.93
N GLY A 51 -16.56 -2.49 5.75
CA GLY A 51 -15.78 -3.65 5.29
C GLY A 51 -14.32 -3.35 4.91
N ASN A 52 -13.73 -2.29 5.48
CA ASN A 52 -12.33 -1.93 5.26
C ASN A 52 -11.34 -3.07 5.60
N ILE A 53 -10.07 -2.89 5.23
CA ILE A 53 -8.89 -3.56 5.82
C ILE A 53 -8.91 -3.39 7.35
N ASN A 54 -8.32 -4.33 8.10
CA ASN A 54 -7.79 -4.04 9.44
C ASN A 54 -6.36 -3.47 9.33
N TRP A 55 -6.16 -2.20 9.69
CA TRP A 55 -4.92 -1.47 9.42
C TRP A 55 -3.82 -1.67 10.49
N ASN A 56 -3.96 -2.67 11.37
CA ASN A 56 -3.11 -2.82 12.55
C ASN A 56 -2.64 -4.26 12.84
N SER A 57 -3.54 -5.25 12.85
CA SER A 57 -3.26 -6.65 13.24
C SER A 57 -2.57 -7.53 12.18
N PRO A 58 -2.83 -7.39 10.86
CA PRO A 58 -1.92 -7.90 9.82
C PRO A 58 -0.73 -6.94 9.60
N CYS A 59 0.21 -7.27 8.71
CA CYS A 59 1.42 -6.44 8.51
C CYS A 59 1.14 -5.05 7.88
N LEU A 60 -0.12 -4.70 7.56
CA LEU A 60 -0.50 -3.32 7.27
C LEU A 60 -0.30 -2.39 8.49
N GLY A 61 -0.16 -2.92 9.71
CA GLY A 61 0.23 -2.17 10.91
C GLY A 61 1.44 -1.27 10.70
N GLY A 62 2.55 -1.81 10.16
CA GLY A 62 3.73 -1.06 9.77
C GLY A 62 3.59 -0.17 8.53
N MET A 63 2.57 -0.38 7.69
CA MET A 63 2.39 0.26 6.38
C MET A 63 1.38 1.42 6.35
N ALA A 64 0.28 1.31 7.09
CA ALA A 64 -0.89 2.18 6.96
C ALA A 64 -0.94 3.34 7.98
N SER A 65 0.23 3.84 8.37
CA SER A 65 0.41 4.99 9.25
C SER A 65 1.56 5.88 8.73
N GLY A 66 2.03 6.84 9.53
CA GLY A 66 3.02 7.84 9.12
C GLY A 66 2.43 9.02 8.33
N PRO A 67 3.27 9.93 7.80
CA PRO A 67 2.90 10.90 6.76
C PRO A 67 1.97 10.35 5.68
N CYS A 68 2.35 9.23 5.04
CA CYS A 68 1.72 8.73 3.83
C CYS A 68 0.68 7.62 4.08
N GLY A 69 0.20 7.48 5.32
CA GLY A 69 -0.68 6.37 5.72
C GLY A 69 -1.92 6.30 4.82
N GLU A 70 -2.54 7.45 4.60
CA GLU A 70 -3.71 7.67 3.74
C GLU A 70 -3.48 7.28 2.28
N GLN A 71 -2.23 7.31 1.78
CA GLN A 71 -1.91 6.82 0.45
C GLN A 71 -2.03 5.29 0.42
N PHE A 72 -1.62 4.61 1.50
CA PHE A 72 -1.84 3.16 1.62
C PHE A 72 -3.30 2.80 1.84
N LYS A 73 -4.04 3.59 2.63
CA LYS A 73 -5.48 3.42 2.81
C LYS A 73 -6.18 3.43 1.45
N SER A 74 -5.89 4.48 0.69
CA SER A 74 -6.38 4.71 -0.65
C SER A 74 -6.00 3.60 -1.64
N ALA A 75 -4.73 3.16 -1.64
CA ALA A 75 -4.21 2.11 -2.51
C ALA A 75 -4.78 0.71 -2.21
N PHE A 76 -4.64 0.22 -0.97
CA PHE A 76 -5.09 -1.13 -0.62
C PHE A 76 -6.61 -1.25 -0.57
N SER A 77 -7.35 -0.19 -0.21
CA SER A 77 -8.81 -0.21 -0.40
C SER A 77 -9.20 -0.20 -1.88
N CYS A 78 -8.59 0.64 -2.72
CA CYS A 78 -8.84 0.60 -4.17
C CYS A 78 -8.57 -0.80 -4.77
N PHE A 79 -7.48 -1.47 -4.38
CA PHE A 79 -7.20 -2.88 -4.70
C PHE A 79 -8.30 -3.84 -4.22
N HIS A 80 -8.76 -3.74 -2.96
CA HIS A 80 -9.85 -4.57 -2.44
C HIS A 80 -11.18 -4.38 -3.19
N TYR A 81 -11.44 -3.19 -3.73
CA TYR A 81 -12.59 -2.93 -4.60
C TYR A 81 -12.33 -3.26 -6.09
N SER A 82 -11.08 -3.51 -6.49
CA SER A 82 -10.64 -3.83 -7.86
C SER A 82 -10.69 -5.34 -8.14
N THR A 83 -9.86 -6.13 -7.45
CA THR A 83 -9.76 -7.60 -7.60
C THR A 83 -9.60 -8.09 -9.06
N GLU A 84 -8.84 -7.33 -9.87
CA GLU A 84 -8.63 -7.61 -11.30
C GLU A 84 -7.64 -8.76 -11.58
N GLU A 85 -6.34 -8.53 -11.37
CA GLU A 85 -5.24 -9.44 -11.71
C GLU A 85 -3.93 -9.01 -11.02
N ILE A 86 -3.53 -7.77 -11.27
CA ILE A 86 -2.45 -7.04 -10.56
C ILE A 86 -3.08 -6.45 -9.29
N LYS A 87 -2.30 -6.13 -8.26
CA LYS A 87 -2.78 -5.44 -7.06
C LYS A 87 -3.40 -4.08 -7.41
N GLY A 88 -4.70 -4.08 -7.69
CA GLY A 88 -5.39 -2.92 -8.25
C GLY A 88 -4.90 -2.53 -9.66
N SER A 89 -4.96 -3.42 -10.65
CA SER A 89 -4.69 -3.12 -12.07
C SER A 89 -5.27 -1.78 -12.59
N ASP A 90 -6.46 -1.39 -12.09
CA ASP A 90 -7.18 -0.15 -12.45
C ASP A 90 -7.13 0.94 -11.34
N CYS A 91 -6.15 0.85 -10.44
CA CYS A 91 -5.99 1.63 -9.22
C CYS A 91 -4.55 2.14 -9.02
N VAL A 92 -3.67 1.96 -10.01
CA VAL A 92 -2.23 2.11 -9.82
C VAL A 92 -1.80 3.53 -9.47
N ASP A 93 -2.58 4.57 -9.81
CA ASP A 93 -2.32 5.96 -9.40
C ASP A 93 -2.32 6.16 -7.86
N GLN A 94 -3.00 5.30 -7.10
CA GLN A 94 -2.94 5.32 -5.64
C GLN A 94 -1.61 4.74 -5.10
N PHE A 95 -1.08 3.68 -5.72
CA PHE A 95 0.27 3.15 -5.42
C PHE A 95 1.35 4.14 -5.91
N ARG A 96 1.08 4.80 -7.03
CA ARG A 96 1.85 5.96 -7.53
C ARG A 96 1.97 7.03 -6.46
N ALA A 97 0.84 7.41 -5.85
CA ALA A 97 0.80 8.37 -4.74
C ALA A 97 1.56 7.88 -3.50
N MET A 98 1.48 6.58 -3.19
CA MET A 98 2.26 5.96 -2.12
C MET A 98 3.76 6.20 -2.31
N GLN A 99 4.33 5.85 -3.47
CA GLN A 99 5.76 6.11 -3.68
C GLN A 99 6.10 7.61 -3.81
N GLU A 100 5.27 8.39 -4.52
CA GLU A 100 5.36 9.86 -4.67
C GLU A 100 5.33 10.63 -3.33
N CYS A 101 4.73 10.03 -2.31
CA CYS A 101 4.76 10.53 -0.94
C CYS A 101 5.96 9.94 -0.15
N MET A 102 6.28 8.66 -0.32
CA MET A 102 7.27 7.96 0.51
C MET A 102 8.71 8.29 0.13
N GLN A 103 8.87 8.84 -1.08
CA GLN A 103 10.08 9.48 -1.59
C GLN A 103 10.44 10.79 -0.86
N LYS A 104 9.49 11.40 -0.11
CA LYS A 104 9.77 12.46 0.86
C LYS A 104 10.36 11.90 2.15
N TYR A 105 9.67 10.94 2.78
CA TYR A 105 9.96 10.51 4.14
C TYR A 105 10.41 9.04 4.18
N PRO A 106 11.71 8.78 4.35
CA PRO A 106 12.32 7.47 4.09
C PRO A 106 11.87 6.36 5.04
N ASP A 107 11.75 6.66 6.34
CA ASP A 107 11.60 5.67 7.41
C ASP A 107 10.98 6.27 8.70
N LEU A 108 10.58 7.53 8.64
CA LEU A 108 10.77 8.49 9.72
C LEU A 108 9.70 8.44 10.82
N TYR A 109 8.79 7.46 10.72
CA TYR A 109 7.47 7.45 11.33
C TYR A 109 7.26 6.26 12.27
N GLU B 47 8.03 -2.82 12.77
CA GLU B 47 7.12 -3.88 12.29
C GLU B 47 7.82 -5.24 12.23
N HIS B 48 7.56 -6.08 13.23
CA HIS B 48 8.04 -7.48 13.30
C HIS B 48 7.37 -8.43 12.29
N CYS B 49 6.17 -8.08 11.79
CA CYS B 49 5.39 -8.86 10.83
C CYS B 49 5.96 -8.75 9.42
N GLY B 50 6.25 -9.87 8.75
CA GLY B 50 6.80 -9.90 7.38
C GLY B 50 5.77 -10.25 6.30
N HIS B 51 4.86 -11.18 6.61
CA HIS B 51 3.99 -11.95 5.71
C HIS B 51 3.24 -11.21 4.57
N LEU B 52 3.04 -9.90 4.63
CA LEU B 52 2.52 -9.08 3.51
C LEU B 52 3.27 -7.74 3.29
N ILE B 53 4.01 -7.20 4.27
CA ILE B 53 4.65 -5.87 4.11
C ILE B 53 5.81 -5.84 3.11
N GLU B 54 6.58 -6.93 2.99
CA GLU B 54 7.62 -7.03 1.95
C GLU B 54 6.99 -6.99 0.54
N ALA B 55 5.82 -7.62 0.37
CA ALA B 55 5.02 -7.56 -0.85
C ALA B 55 4.36 -6.19 -1.08
N HIS B 56 4.00 -5.44 -0.02
CA HIS B 56 3.51 -4.06 -0.14
C HIS B 56 4.59 -3.14 -0.71
N LYS B 57 5.82 -3.21 -0.15
CA LYS B 57 6.99 -2.45 -0.61
C LYS B 57 7.36 -2.80 -2.07
N GLU B 58 7.46 -4.10 -2.36
CA GLU B 58 7.70 -4.64 -3.70
C GLU B 58 6.66 -4.10 -4.70
N SER B 59 5.37 -4.19 -4.37
CA SER B 59 4.28 -3.78 -5.26
C SER B 59 4.29 -2.27 -5.53
N MET B 60 4.41 -1.42 -4.50
CA MET B 60 4.37 0.04 -4.73
C MET B 60 5.62 0.56 -5.45
N ARG B 61 6.81 -0.02 -5.18
CA ARG B 61 8.03 0.30 -5.93
C ARG B 61 7.92 -0.16 -7.39
N ALA B 62 7.54 -1.42 -7.63
CA ALA B 62 7.45 -2.00 -8.98
C ALA B 62 6.34 -1.36 -9.84
N LEU B 63 5.12 -1.25 -9.30
CA LEU B 63 3.97 -0.65 -10.00
C LEU B 63 4.14 0.86 -10.16
N GLY B 64 4.68 1.58 -9.17
CA GLY B 64 4.95 3.02 -9.32
C GLY B 64 6.10 3.33 -10.29
N PHE B 65 7.07 2.42 -10.47
CA PHE B 65 8.02 2.48 -11.59
C PHE B 65 7.33 2.20 -12.96
N LYS B 66 6.46 1.18 -13.01
CA LYS B 66 5.86 0.66 -14.24
C LYS B 66 4.75 1.53 -14.85
N ILE B 67 3.72 1.89 -14.05
CA ILE B 67 2.50 2.66 -14.40
C ILE B 67 1.86 2.31 -15.74
N ASN A 50 -16.65 -4.50 6.35
CA ASN A 50 -17.18 -3.85 5.14
C ASN A 50 -16.13 -3.73 4.01
N GLY A 51 -15.72 -4.83 3.37
CA GLY A 51 -14.71 -4.89 2.29
C GLY A 51 -13.26 -4.50 2.68
N ASN A 52 -13.09 -3.89 3.85
CA ASN A 52 -11.95 -3.17 4.38
C ASN A 52 -10.71 -4.02 4.73
N ILE A 53 -9.59 -3.32 4.92
CA ILE A 53 -8.42 -3.82 5.65
C ILE A 53 -8.66 -3.58 7.15
N ASN A 54 -8.10 -4.43 8.02
CA ASN A 54 -7.95 -4.19 9.46
C ASN A 54 -6.56 -3.59 9.76
N TRP A 55 -6.50 -2.30 10.11
CA TRP A 55 -5.26 -1.50 10.17
C TRP A 55 -4.51 -1.64 11.52
N ASN A 56 -4.61 -2.82 12.13
CA ASN A 56 -4.30 -3.10 13.53
C ASN A 56 -2.82 -3.52 13.75
N SER A 57 -2.17 -2.93 14.76
CA SER A 57 -0.78 -3.15 15.18
C SER A 57 0.32 -2.83 14.13
N PRO A 58 1.63 -2.88 14.49
CA PRO A 58 2.77 -2.58 13.60
C PRO A 58 3.00 -3.52 12.41
N CYS A 59 1.98 -4.26 11.97
CA CYS A 59 1.94 -5.10 10.79
C CYS A 59 1.63 -4.26 9.53
N LEU A 60 0.63 -4.61 8.73
CA LEU A 60 0.11 -3.78 7.63
C LEU A 60 -0.31 -2.38 8.15
N GLY A 61 -0.83 -2.28 9.37
CA GLY A 61 -1.08 -1.01 10.08
C GLY A 61 0.15 -0.08 10.24
N GLY A 62 1.38 -0.61 10.16
CA GLY A 62 2.62 0.17 10.05
C GLY A 62 2.82 0.81 8.66
N MET A 63 2.42 0.13 7.58
CA MET A 63 2.33 0.71 6.23
C MET A 63 1.16 1.69 6.11
N ALA A 64 0.07 1.42 6.84
CA ALA A 64 -1.10 2.26 7.02
C ALA A 64 -0.96 3.27 8.19
N SER A 65 0.27 3.72 8.45
CA SER A 65 0.60 4.80 9.38
C SER A 65 1.66 5.72 8.76
N GLY A 66 1.89 6.89 9.37
CA GLY A 66 2.91 7.83 8.94
C GLY A 66 2.40 9.06 8.16
N PRO A 67 3.32 9.92 7.69
CA PRO A 67 3.11 11.02 6.73
C PRO A 67 2.21 10.76 5.51
N CYS A 68 2.10 9.50 5.10
CA CYS A 68 1.40 9.08 3.89
C CYS A 68 0.58 7.81 4.13
N GLY A 69 0.29 7.50 5.39
CA GLY A 69 -0.46 6.30 5.76
C GLY A 69 -1.80 6.24 5.04
N GLU A 70 -2.48 7.37 4.90
CA GLU A 70 -3.73 7.59 4.17
C GLU A 70 -3.65 7.27 2.67
N GLN A 71 -2.47 7.38 2.06
CA GLN A 71 -2.24 6.91 0.70
C GLN A 71 -2.25 5.38 0.65
N PHE A 72 -1.74 4.73 1.71
CA PHE A 72 -1.86 3.28 1.83
C PHE A 72 -3.29 2.83 2.09
N LYS A 73 -4.04 3.58 2.92
CA LYS A 73 -5.48 3.36 3.13
C LYS A 73 -6.21 3.38 1.79
N SER A 74 -5.96 4.44 1.04
CA SER A 74 -6.51 4.70 -0.29
C SER A 74 -6.15 3.61 -1.32
N ALA A 75 -4.87 3.24 -1.39
CA ALA A 75 -4.33 2.26 -2.34
C ALA A 75 -4.79 0.83 -2.06
N PHE A 76 -4.58 0.34 -0.83
CA PHE A 76 -4.96 -1.03 -0.49
C PHE A 76 -6.48 -1.21 -0.41
N SER A 77 -7.24 -0.17 0.01
CA SER A 77 -8.70 -0.17 -0.18
C SER A 77 -9.08 -0.30 -1.66
N CYS A 78 -8.54 0.56 -2.55
CA CYS A 78 -8.89 0.50 -3.97
C CYS A 78 -8.51 -0.87 -4.59
N PHE A 79 -7.37 -1.47 -4.21
CA PHE A 79 -7.03 -2.86 -4.55
C PHE A 79 -8.07 -3.88 -4.05
N HIS A 80 -8.51 -3.79 -2.79
CA HIS A 80 -9.54 -4.67 -2.22
C HIS A 80 -10.86 -4.60 -3.00
N TYR A 81 -11.28 -3.39 -3.37
CA TYR A 81 -12.46 -3.14 -4.21
C TYR A 81 -12.24 -3.45 -5.72
N SER A 82 -11.00 -3.70 -6.14
CA SER A 82 -10.62 -4.07 -7.51
C SER A 82 -10.53 -5.59 -7.71
N THR A 83 -9.52 -6.27 -7.14
CA THR A 83 -9.25 -7.71 -7.35
C THR A 83 -9.26 -8.13 -8.83
N GLU A 84 -8.67 -7.32 -9.71
CA GLU A 84 -8.67 -7.54 -11.16
C GLU A 84 -7.66 -8.62 -11.60
N GLU A 85 -6.37 -8.31 -11.53
CA GLU A 85 -5.28 -9.15 -12.07
C GLU A 85 -3.92 -8.82 -11.43
N ILE A 86 -3.57 -7.54 -11.42
CA ILE A 86 -2.38 -6.98 -10.74
C ILE A 86 -2.87 -6.16 -9.55
N LYS A 87 -2.10 -6.05 -8.46
CA LYS A 87 -2.46 -5.31 -7.24
C LYS A 87 -3.00 -3.91 -7.58
N GLY A 88 -4.32 -3.75 -7.50
CA GLY A 88 -5.00 -2.51 -7.86
C GLY A 88 -4.78 -2.04 -9.31
N SER A 89 -4.80 -2.92 -10.32
CA SER A 89 -4.71 -2.50 -11.73
C SER A 89 -5.86 -1.61 -12.23
N ASP A 90 -6.97 -1.49 -11.48
CA ASP A 90 -8.01 -0.46 -11.69
C ASP A 90 -7.79 0.81 -10.83
N CYS A 91 -6.62 0.98 -10.20
CA CYS A 91 -6.40 1.83 -9.02
C CYS A 91 -4.95 2.34 -8.89
N VAL A 92 -4.14 2.20 -9.94
CA VAL A 92 -2.67 2.35 -9.84
C VAL A 92 -2.25 3.76 -9.42
N ASP A 93 -3.07 4.77 -9.70
CA ASP A 93 -2.88 6.17 -9.30
C ASP A 93 -2.78 6.35 -7.77
N GLN A 94 -3.42 5.46 -6.99
CA GLN A 94 -3.35 5.47 -5.53
C GLN A 94 -2.01 4.90 -5.02
N PHE A 95 -1.47 3.85 -5.66
CA PHE A 95 -0.13 3.30 -5.40
C PHE A 95 0.98 4.24 -5.89
N ARG A 96 0.69 4.94 -7.00
CA ARG A 96 1.49 6.06 -7.47
C ARG A 96 1.62 7.10 -6.38
N ALA A 97 0.49 7.52 -5.80
CA ALA A 97 0.50 8.45 -4.68
C ALA A 97 1.13 7.89 -3.40
N MET A 98 0.99 6.58 -3.12
CA MET A 98 1.72 5.91 -2.03
C MET A 98 3.21 6.18 -2.16
N GLN A 99 3.84 5.83 -3.27
CA GLN A 99 5.29 6.03 -3.41
C GLN A 99 5.70 7.51 -3.55
N GLU A 100 4.97 8.29 -4.36
CA GLU A 100 5.12 9.75 -4.59
C GLU A 100 4.93 10.58 -3.31
N CYS A 101 4.26 10.03 -2.31
CA CYS A 101 4.20 10.60 -0.96
C CYS A 101 5.27 9.99 -0.03
N MET A 102 5.48 8.67 -0.04
CA MET A 102 6.31 7.99 0.96
C MET A 102 7.80 8.28 0.75
N GLN A 103 8.14 8.73 -0.46
CA GLN A 103 9.41 9.35 -0.80
C GLN A 103 9.78 10.54 0.12
N LYS A 104 8.80 11.28 0.68
CA LYS A 104 8.99 12.49 1.52
C LYS A 104 9.80 12.26 2.80
N TYR A 105 9.77 11.04 3.34
CA TYR A 105 10.35 10.71 4.64
C TYR A 105 10.96 9.29 4.63
N PRO A 106 12.24 9.11 4.95
CA PRO A 106 12.89 7.81 4.86
C PRO A 106 12.66 6.89 6.06
N ASP A 107 12.64 7.41 7.30
CA ASP A 107 12.75 6.55 8.49
C ASP A 107 12.21 7.18 9.78
N LEU A 108 10.92 7.49 9.71
CA LEU A 108 10.23 8.50 10.51
C LEU A 108 8.88 7.96 11.06
N TYR A 109 8.46 6.78 10.61
CA TYR A 109 7.15 6.15 10.82
C TYR A 109 7.27 4.63 10.82
N GLU B 47 -1.77 -15.20 5.04
CA GLU B 47 -2.11 -15.39 6.47
C GLU B 47 -0.98 -14.87 7.38
N HIS B 48 -1.28 -14.69 8.67
CA HIS B 48 -0.42 -14.13 9.72
C HIS B 48 -0.12 -12.62 9.59
N CYS B 49 -0.08 -11.92 10.73
CA CYS B 49 0.10 -10.47 10.83
C CYS B 49 1.44 -9.99 10.24
N GLY B 50 1.38 -9.05 9.30
CA GLY B 50 2.57 -8.42 8.71
C GLY B 50 3.26 -9.23 7.60
N HIS B 51 2.64 -10.33 7.14
CA HIS B 51 3.13 -11.17 6.04
C HIS B 51 3.37 -10.38 4.75
N LEU B 52 2.41 -9.54 4.31
CA LEU B 52 2.41 -8.95 2.97
C LEU B 52 3.42 -7.80 2.77
N ILE B 53 4.15 -7.32 3.78
CA ILE B 53 5.02 -6.12 3.67
C ILE B 53 6.06 -6.20 2.53
N GLU B 54 6.77 -7.32 2.37
CA GLU B 54 7.75 -7.46 1.27
C GLU B 54 7.08 -7.56 -0.11
N ALA B 55 5.83 -8.03 -0.18
CA ALA B 55 4.99 -7.99 -1.38
C ALA B 55 4.41 -6.58 -1.66
N HIS B 56 4.10 -5.78 -0.63
CA HIS B 56 3.74 -4.36 -0.77
C HIS B 56 4.91 -3.60 -1.41
N LYS B 57 6.14 -3.79 -0.89
CA LYS B 57 7.39 -3.22 -1.40
C LYS B 57 7.64 -3.62 -2.87
N GLU B 58 7.69 -4.93 -3.16
CA GLU B 58 7.99 -5.41 -4.51
C GLU B 58 6.93 -4.96 -5.54
N SER B 59 5.64 -4.95 -5.16
CA SER B 59 4.54 -4.52 -6.03
C SER B 59 4.53 -3.01 -6.28
N MET B 60 4.71 -2.17 -5.25
CA MET B 60 4.73 -0.72 -5.45
C MET B 60 5.96 -0.29 -6.28
N ARG B 61 7.12 -0.94 -6.08
CA ARG B 61 8.30 -0.74 -6.95
C ARG B 61 8.04 -1.20 -8.39
N ALA B 62 7.37 -2.34 -8.61
CA ALA B 62 7.03 -2.82 -9.95
C ALA B 62 6.10 -1.85 -10.70
N LEU B 63 5.05 -1.34 -10.04
CA LEU B 63 4.20 -0.28 -10.59
C LEU B 63 5.01 1.00 -10.89
N GLY B 64 5.93 1.38 -9.99
CA GLY B 64 6.86 2.49 -10.18
C GLY B 64 7.78 2.35 -11.39
N PHE B 65 8.19 1.13 -11.74
CA PHE B 65 8.95 0.82 -12.96
C PHE B 65 8.07 0.85 -14.23
N LYS B 66 6.82 0.39 -14.13
CA LYS B 66 5.89 0.25 -15.28
C LYS B 66 5.09 1.52 -15.65
N ILE B 67 4.95 2.50 -14.74
CA ILE B 67 4.27 3.79 -15.00
C ILE B 67 5.14 4.86 -15.69
#